data_9NJZ
# 
_entry.id   9NJZ 
# 
_audit_conform.dict_name       mmcif_pdbx.dic 
_audit_conform.dict_version    5.406 
_audit_conform.dict_location   http://mmcif.pdb.org/dictionaries/ascii/mmcif_pdbx.dic 
# 
loop_
_database_2.database_id 
_database_2.database_code 
_database_2.pdbx_database_accession 
_database_2.pdbx_DOI 
PDB   9NJZ         pdb_00009njz 10.2210/pdb9njz/pdb 
WWPDB D_1000293215 ?            ?                   
# 
_pdbx_audit_revision_history.ordinal             1 
_pdbx_audit_revision_history.data_content_type   'Structure model' 
_pdbx_audit_revision_history.major_revision      1 
_pdbx_audit_revision_history.minor_revision      0 
_pdbx_audit_revision_history.revision_date       2025-09-10 
_pdbx_audit_revision_history.part_number         ? 
# 
_pdbx_audit_revision_details.ordinal             1 
_pdbx_audit_revision_details.revision_ordinal    1 
_pdbx_audit_revision_details.data_content_type   'Structure model' 
_pdbx_audit_revision_details.provider            repository 
_pdbx_audit_revision_details.type                'Initial release' 
_pdbx_audit_revision_details.description         ? 
_pdbx_audit_revision_details.details             ? 
# 
_pdbx_database_status.status_code                     REL 
_pdbx_database_status.status_code_sf                  REL 
_pdbx_database_status.status_code_mr                  ? 
_pdbx_database_status.entry_id                        9NJZ 
_pdbx_database_status.recvd_initial_deposition_date   2025-02-28 
_pdbx_database_status.SG_entry                        N 
_pdbx_database_status.deposit_site                    RCSB 
_pdbx_database_status.process_site                    RCSB 
_pdbx_database_status.status_code_cs                  ? 
_pdbx_database_status.status_code_nmr_data            ? 
_pdbx_database_status.methods_development_category    ? 
_pdbx_database_status.pdb_format_compatible           Y 
# 
_pdbx_contact_author.id                 2 
_pdbx_contact_author.email              rs17@nyu.edu 
_pdbx_contact_author.name_first         Ruojie 
_pdbx_contact_author.name_last          Sha 
_pdbx_contact_author.name_mi            ? 
_pdbx_contact_author.role               'principal investigator/group leader' 
_pdbx_contact_author.identifier_ORCID   0000-0002-0807-734X 
# 
loop_
_audit_author.name 
_audit_author.pdbx_ordinal 
_audit_author.identifier_ORCID 
'Horvath, A.'   1 0009-0008-5770-8014 
'Vecchioni, S.' 2 0000-0001-8243-650X 
'Woloszyn, K.'  3 0000-0003-1200-583X 
'Ohayon, Y.P.'  4 0000-0001-7500-4282 
'Sha, R.'       5 0000-0002-0807-734X 
# 
_citation.abstract                  ? 
_citation.abstract_id_CAS           ? 
_citation.book_id_ISBN              ? 
_citation.book_publisher            ? 
_citation.book_publisher_city       ? 
_citation.book_title                ? 
_citation.coordinate_linkage        ? 
_citation.country                   ? 
_citation.database_id_Medline       ? 
_citation.details                   ? 
_citation.id                        primary 
_citation.journal_abbrev            'To Be Published' 
_citation.journal_id_ASTM           ? 
_citation.journal_id_CSD            0353 
_citation.journal_id_ISSN           ? 
_citation.journal_full              ? 
_citation.journal_issue             ? 
_citation.journal_volume            ? 
_citation.language                  ? 
_citation.page_first                ? 
_citation.page_last                 ? 
_citation.title                     'Shifted tensegrity triangles' 
_citation.year                      ? 
_citation.database_id_CSD           ? 
_citation.pdbx_database_id_DOI      ? 
_citation.pdbx_database_id_PubMed   ? 
_citation.pdbx_database_id_patent   ? 
_citation.unpublished_flag          ? 
# 
loop_
_citation_author.citation_id 
_citation_author.name 
_citation_author.ordinal 
_citation_author.identifier_ORCID 
primary 'Horvath, A.'   1 0009-0008-5770-8014 
primary 'Vecchioni, S.' 2 0000-0001-8243-650X 
primary 'Woloszyn, K.'  3 0000-0003-1200-583X 
primary 'Ohayon, Y.P.'  4 0000-0001-7500-4282 
primary 'Sha, R.'       5 0000-0002-0807-734X 
# 
loop_
_entity.id 
_entity.type 
_entity.src_method 
_entity.pdbx_description 
_entity.formula_weight 
_entity.pdbx_number_of_molecules 
_entity.pdbx_ec 
_entity.pdbx_mutation 
_entity.pdbx_fragment 
_entity.details 
1 polymer syn 
;DNA (5'-D(P*CP*AP*CP*AP*CP*CP*GP*T)-3')
;
2371.582 1 ? ? ? ? 
2 polymer syn 
;DNA (5'-D(*CP*TP*GP*TP*G)-3')
;
1511.022 1 ? ? ? ? 
3 polymer syn 
;DNA (5'-D(P*AP*CP*GP*GP*AP*CP*AP*GP*CP*AP*CP*GP*TP*GP*CP*A)-3')
;
4917.207 1 ? ? ? ? 
4 polymer syn 
;DNA (5'-D(*GP*TP*GP*CP*AP*CP*GP*TP*GP*CP*TP*GP*T)-3')
;
3998.595 1 ? ? ? ? 
# 
loop_
_entity_poly.entity_id 
_entity_poly.type 
_entity_poly.nstd_linkage 
_entity_poly.nstd_monomer 
_entity_poly.pdbx_seq_one_letter_code 
_entity_poly.pdbx_seq_one_letter_code_can 
_entity_poly.pdbx_strand_id 
_entity_poly.pdbx_target_identifier 
1 polydeoxyribonucleotide no no '(DC)(DA)(DC)(DA)(DC)(DC)(DG)(DT)'                                 CACACCGT         A ? 
2 polydeoxyribonucleotide no no '(DC)(DT)(DG)(DT)(DG)'                                             CTGTG            B ? 
3 polydeoxyribonucleotide no no '(DA)(DC)(DG)(DG)(DA)(DC)(DA)(DG)(DC)(DA)(DC)(DG)(DT)(DG)(DC)(DA)' ACGGACAGCACGTGCA C ? 
4 polydeoxyribonucleotide no no '(DG)(DT)(DG)(DC)(DA)(DC)(DG)(DT)(DG)(DC)(DT)(DG)(DT)'             GTGCACGTGCTGT    D ? 
# 
loop_
_entity_poly_seq.entity_id 
_entity_poly_seq.num 
_entity_poly_seq.mon_id 
_entity_poly_seq.hetero 
1 1  DC n 
1 2  DA n 
1 3  DC n 
1 4  DA n 
1 5  DC n 
1 6  DC n 
1 7  DG n 
1 8  DT n 
2 1  DC n 
2 2  DT n 
2 3  DG n 
2 4  DT n 
2 5  DG n 
3 1  DA n 
3 2  DC n 
3 3  DG n 
3 4  DG n 
3 5  DA n 
3 6  DC n 
3 7  DA n 
3 8  DG n 
3 9  DC n 
3 10 DA n 
3 11 DC n 
3 12 DG n 
3 13 DT n 
3 14 DG n 
3 15 DC n 
3 16 DA n 
4 1  DG n 
4 2  DT n 
4 3  DG n 
4 4  DC n 
4 5  DA n 
4 6  DC n 
4 7  DG n 
4 8  DT n 
4 9  DG n 
4 10 DC n 
4 11 DT n 
4 12 DG n 
4 13 DT n 
# 
loop_
_pdbx_entity_src_syn.entity_id 
_pdbx_entity_src_syn.pdbx_src_id 
_pdbx_entity_src_syn.pdbx_alt_source_flag 
_pdbx_entity_src_syn.pdbx_beg_seq_num 
_pdbx_entity_src_syn.pdbx_end_seq_num 
_pdbx_entity_src_syn.organism_scientific 
_pdbx_entity_src_syn.organism_common_name 
_pdbx_entity_src_syn.ncbi_taxonomy_id 
_pdbx_entity_src_syn.details 
1 1 sample 1 8  'synthetic construct' ? 32630 ? 
2 1 sample 1 5  'synthetic construct' ? 32630 ? 
3 1 sample 1 16 'synthetic construct' ? 32630 ? 
4 1 sample 1 13 'synthetic construct' ? 32630 ? 
# 
loop_
_chem_comp.id 
_chem_comp.type 
_chem_comp.mon_nstd_flag 
_chem_comp.name 
_chem_comp.pdbx_synonyms 
_chem_comp.formula 
_chem_comp.formula_weight 
DA 'DNA linking' y "2'-DEOXYADENOSINE-5'-MONOPHOSPHATE" ? 'C10 H14 N5 O6 P' 331.222 
DC 'DNA linking' y "2'-DEOXYCYTIDINE-5'-MONOPHOSPHATE"  ? 'C9 H14 N3 O7 P'  307.197 
DG 'DNA linking' y "2'-DEOXYGUANOSINE-5'-MONOPHOSPHATE" ? 'C10 H14 N5 O7 P' 347.221 
DT 'DNA linking' y "THYMIDINE-5'-MONOPHOSPHATE"         ? 'C10 H15 N2 O8 P' 322.208 
# 
loop_
_pdbx_poly_seq_scheme.asym_id 
_pdbx_poly_seq_scheme.entity_id 
_pdbx_poly_seq_scheme.seq_id 
_pdbx_poly_seq_scheme.mon_id 
_pdbx_poly_seq_scheme.ndb_seq_num 
_pdbx_poly_seq_scheme.pdb_seq_num 
_pdbx_poly_seq_scheme.auth_seq_num 
_pdbx_poly_seq_scheme.pdb_mon_id 
_pdbx_poly_seq_scheme.auth_mon_id 
_pdbx_poly_seq_scheme.pdb_strand_id 
_pdbx_poly_seq_scheme.pdb_ins_code 
_pdbx_poly_seq_scheme.hetero 
A 1 1  DC 1  16 16 DC DC A . n 
A 1 2  DA 2  17 17 DA DA A . n 
A 1 3  DC 3  18 18 DC DC A . n 
A 1 4  DA 4  19 19 DA DA A . n 
A 1 5  DC 5  20 20 DC DC A . n 
A 1 6  DC 6  21 21 DC DC A . n 
A 1 7  DG 7  22 22 DG DG A . n 
A 1 8  DT 8  23 23 DT DT A . n 
B 2 1  DC 1  4  4  DC DC B . n 
B 2 2  DT 2  5  5  DT DT B . n 
B 2 3  DG 3  6  6  DG DG B . n 
B 2 4  DT 4  7  7  DT DT B . n 
B 2 5  DG 5  8  8  DG DG B . n 
C 3 1  DA 1  9  9  DA DA C . n 
C 3 2  DC 2  10 10 DC DC C . n 
C 3 3  DG 3  11 11 DG DG C . n 
C 3 4  DG 4  12 12 DG DG C . n 
C 3 5  DA 5  13 13 DA DA C . n 
C 3 6  DC 6  14 14 DC DC C . n 
C 3 7  DA 7  15 15 DA DA C . n 
C 3 8  DG 8  16 16 DG DG C . n 
C 3 9  DC 9  17 17 DC DC C . n 
C 3 10 DA 10 18 18 DA DA C . n 
C 3 11 DC 11 19 19 DC DC C . n 
C 3 12 DG 12 20 20 DG DG C . n 
C 3 13 DT 13 21 21 DT DT C . n 
C 3 14 DG 14 22 22 DG DG C . n 
C 3 15 DC 15 23 23 DC DC C . n 
C 3 16 DA 16 24 24 DA DA C . n 
D 4 1  DG 1  1  1  DG DG D . n 
D 4 2  DT 2  2  2  DT DT D . n 
D 4 3  DG 3  3  3  DG DG D . n 
D 4 4  DC 4  4  4  DC DC D . n 
D 4 5  DA 5  5  5  DA DA D . n 
D 4 6  DC 6  6  6  DC DC D . n 
D 4 7  DG 7  7  7  DG DG D . n 
D 4 8  DT 8  8  8  DT DT D . n 
D 4 9  DG 9  9  9  DG DG D . n 
D 4 10 DC 10 10 10 DC DC D . n 
D 4 11 DT 11 11 11 DT DT D . n 
D 4 12 DG 12 12 12 DG DG D . n 
D 4 13 DT 13 13 13 DT DT D . n 
# 
loop_
_software.citation_id 
_software.classification 
_software.compiler_name 
_software.compiler_version 
_software.contact_author 
_software.contact_author_email 
_software.date 
_software.description 
_software.dependencies 
_software.hardware 
_software.language 
_software.location 
_software.mods 
_software.name 
_software.os 
_software.os_version 
_software.type 
_software.version 
_software.pdbx_ordinal 
? refinement       ? ? ? ? ? ? ? ? ? ? ? PHENIX    ? ? ? 1.20.1_4487 1 
? 'data reduction' ? ? ? ? ? ? ? ? ? ? ? autoPROC  ? ? ? .           2 
? 'data scaling'   ? ? ? ? ? ? ? ? ? ? ? STARANISO ? ? ? .           3 
? phasing          ? ? ? ? ? ? ? ? ? ? ? PHASER    ? ? ? .           4 
# 
_cell.angle_alpha                  90.000 
_cell.angle_alpha_esd              ? 
_cell.angle_beta                   90.000 
_cell.angle_beta_esd               ? 
_cell.angle_gamma                  120.000 
_cell.angle_gamma_esd              ? 
_cell.entry_id                     9NJZ 
_cell.details                      ? 
_cell.formula_units_Z              ? 
_cell.length_a                     100.621 
_cell.length_a_esd                 ? 
_cell.length_b                     100.621 
_cell.length_b_esd                 ? 
_cell.length_c                     110.225 
_cell.length_c_esd                 ? 
_cell.volume                       966469.154 
_cell.volume_esd                   ? 
_cell.Z_PDB                        9 
_cell.reciprocal_angle_alpha       ? 
_cell.reciprocal_angle_beta        ? 
_cell.reciprocal_angle_gamma       ? 
_cell.reciprocal_angle_alpha_esd   ? 
_cell.reciprocal_angle_beta_esd    ? 
_cell.reciprocal_angle_gamma_esd   ? 
_cell.reciprocal_length_a          ? 
_cell.reciprocal_length_b          ? 
_cell.reciprocal_length_c          ? 
_cell.reciprocal_length_a_esd      ? 
_cell.reciprocal_length_b_esd      ? 
_cell.reciprocal_length_c_esd      ? 
_cell.pdbx_unique_axis             ? 
_cell.pdbx_esd_method              ? 
# 
_symmetry.entry_id                         9NJZ 
_symmetry.cell_setting                     ? 
_symmetry.Int_Tables_number                146 
_symmetry.space_group_name_Hall            'R 3' 
_symmetry.space_group_name_H-M             'H 3' 
_symmetry.pdbx_full_space_group_name_H-M   ? 
# 
_exptl.absorpt_coefficient_mu     ? 
_exptl.absorpt_correction_T_max   ? 
_exptl.absorpt_correction_T_min   ? 
_exptl.absorpt_correction_type    ? 
_exptl.absorpt_process_details    ? 
_exptl.entry_id                   9NJZ 
_exptl.crystals_number            1 
_exptl.details                    ? 
_exptl.method                     'X-RAY DIFFRACTION' 
_exptl.method_details             ? 
# 
_exptl_crystal.colour                       ? 
_exptl_crystal.density_diffrn               ? 
_exptl_crystal.density_Matthews             ? 
_exptl_crystal.density_method               ? 
_exptl_crystal.density_percent_sol          ? 
_exptl_crystal.description                  ? 
_exptl_crystal.F_000                        ? 
_exptl_crystal.id                           1 
_exptl_crystal.preparation                  ? 
_exptl_crystal.size_max                     ? 
_exptl_crystal.size_mid                     ? 
_exptl_crystal.size_min                     ? 
_exptl_crystal.size_rad                     ? 
_exptl_crystal.colour_lustre                ? 
_exptl_crystal.colour_modifier              ? 
_exptl_crystal.colour_primary               ? 
_exptl_crystal.density_meas                 ? 
_exptl_crystal.density_meas_esd             ? 
_exptl_crystal.density_meas_gt              ? 
_exptl_crystal.density_meas_lt              ? 
_exptl_crystal.density_meas_temp            ? 
_exptl_crystal.density_meas_temp_esd        ? 
_exptl_crystal.density_meas_temp_gt         ? 
_exptl_crystal.density_meas_temp_lt         ? 
_exptl_crystal.pdbx_crystal_image_url       ? 
_exptl_crystal.pdbx_crystal_image_format    ? 
_exptl_crystal.pdbx_mosaicity               ? 
_exptl_crystal.pdbx_mosaicity_esd           ? 
_exptl_crystal.pdbx_mosaic_method           ? 
_exptl_crystal.pdbx_mosaic_block_size       ? 
_exptl_crystal.pdbx_mosaic_block_size_esd   ? 
# 
_exptl_crystal_grow.apparatus       ? 
_exptl_crystal_grow.atmosphere      ? 
_exptl_crystal_grow.crystal_id      1 
_exptl_crystal_grow.details         ? 
_exptl_crystal_grow.method          'VAPOR DIFFUSION, HANGING DROP' 
_exptl_crystal_grow.method_ref      ? 
_exptl_crystal_grow.pH              ? 
_exptl_crystal_grow.pressure        ? 
_exptl_crystal_grow.pressure_esd    ? 
_exptl_crystal_grow.seeding         ? 
_exptl_crystal_grow.seeding_ref     ? 
_exptl_crystal_grow.temp_details    '338-293 at 0.4/hr' 
_exptl_crystal_grow.temp_esd        ? 
_exptl_crystal_grow.time            ? 
_exptl_crystal_grow.pdbx_details    '100 mM MOPS, 1.25 M magnesium sulfate' 
_exptl_crystal_grow.pdbx_pH_range   ? 
_exptl_crystal_grow.temp            293 
# 
_diffrn.ambient_environment              ? 
_diffrn.ambient_temp                     100 
_diffrn.ambient_temp_details             ? 
_diffrn.ambient_temp_esd                 ? 
_diffrn.crystal_id                       1 
_diffrn.crystal_support                  ? 
_diffrn.crystal_treatment                ? 
_diffrn.details                          ? 
_diffrn.id                               1 
_diffrn.ambient_pressure                 ? 
_diffrn.ambient_pressure_esd             ? 
_diffrn.ambient_pressure_gt              ? 
_diffrn.ambient_pressure_lt              ? 
_diffrn.ambient_temp_gt                  ? 
_diffrn.ambient_temp_lt                  ? 
_diffrn.pdbx_serial_crystal_experiment   N 
# 
_diffrn_detector.details                      ? 
_diffrn_detector.detector                     PIXEL 
_diffrn_detector.diffrn_id                    1 
_diffrn_detector.type                         'DECTRIS EIGER X 9M' 
_diffrn_detector.area_resol_mean              ? 
_diffrn_detector.dtime                        ? 
_diffrn_detector.pdbx_frames_total            ? 
_diffrn_detector.pdbx_collection_time_total   ? 
_diffrn_detector.pdbx_collection_date         2023-03-19 
_diffrn_detector.pdbx_frequency               ? 
_diffrn_detector.id                           ? 
_diffrn_detector.number_of_axes               ? 
# 
_diffrn_radiation.collimation                      ? 
_diffrn_radiation.diffrn_id                        1 
_diffrn_radiation.filter_edge                      ? 
_diffrn_radiation.inhomogeneity                    ? 
_diffrn_radiation.monochromator                    ? 
_diffrn_radiation.polarisn_norm                    ? 
_diffrn_radiation.polarisn_ratio                   ? 
_diffrn_radiation.probe                            ? 
_diffrn_radiation.type                             ? 
_diffrn_radiation.xray_symbol                      ? 
_diffrn_radiation.wavelength_id                    1 
_diffrn_radiation.pdbx_monochromatic_or_laue_m_l   M 
_diffrn_radiation.pdbx_wavelength_list             ? 
_diffrn_radiation.pdbx_wavelength                  ? 
_diffrn_radiation.pdbx_diffrn_protocol             'SINGLE WAVELENGTH' 
_diffrn_radiation.pdbx_analyzer                    ? 
_diffrn_radiation.pdbx_scattering_type             x-ray 
# 
_diffrn_radiation_wavelength.id           1 
_diffrn_radiation_wavelength.wavelength   0.991870 
_diffrn_radiation_wavelength.wt           1.0 
# 
_diffrn_source.current                     ? 
_diffrn_source.details                     ? 
_diffrn_source.diffrn_id                   1 
_diffrn_source.power                       ? 
_diffrn_source.size                        ? 
_diffrn_source.source                      SYNCHROTRON 
_diffrn_source.target                      ? 
_diffrn_source.type                        'APS BEAMLINE 17-ID' 
_diffrn_source.voltage                     ? 
_diffrn_source.take-off_angle              ? 
_diffrn_source.pdbx_wavelength_list        0.991870 
_diffrn_source.pdbx_wavelength             ? 
_diffrn_source.pdbx_synchrotron_beamline   17-ID 
_diffrn_source.pdbx_synchrotron_site       APS 
# 
_reflns.B_iso_Wilson_estimate                          310.00 
_reflns.entry_id                                       9NJZ 
_reflns.data_reduction_details                         ? 
_reflns.data_reduction_method                          ? 
_reflns.d_resolution_high                              4.18 
_reflns.d_resolution_low                               68.359 
_reflns.details                                        ? 
_reflns.limit_h_max                                    ? 
_reflns.limit_h_min                                    ? 
_reflns.limit_k_max                                    ? 
_reflns.limit_k_min                                    ? 
_reflns.limit_l_max                                    ? 
_reflns.limit_l_min                                    ? 
_reflns.number_all                                     ? 
_reflns.number_obs                                     2648 
_reflns.observed_criterion                             ? 
_reflns.observed_criterion_F_max                       ? 
_reflns.observed_criterion_F_min                       ? 
_reflns.observed_criterion_I_max                       ? 
_reflns.observed_criterion_I_min                       ? 
_reflns.observed_criterion_sigma_F                     ? 
_reflns.observed_criterion_sigma_I                     ? 
_reflns.percent_possible_obs                           89.9 
_reflns.R_free_details                                 ? 
_reflns.Rmerge_F_all                                   ? 
_reflns.Rmerge_F_obs                                   ? 
_reflns.Friedel_coverage                               ? 
_reflns.number_gt                                      ? 
_reflns.threshold_expression                           ? 
_reflns.pdbx_redundancy                                8.9 
_reflns.pdbx_netI_over_av_sigmaI                       ? 
_reflns.pdbx_netI_over_sigmaI                          10.3 
_reflns.pdbx_res_netI_over_av_sigmaI_2                 ? 
_reflns.pdbx_res_netI_over_sigmaI_2                    ? 
_reflns.pdbx_chi_squared                               ? 
_reflns.pdbx_scaling_rejects                           ? 
_reflns.pdbx_d_res_high_opt                            ? 
_reflns.pdbx_d_res_low_opt                             ? 
_reflns.pdbx_d_res_opt_method                          ? 
_reflns.phase_calculation_details                      ? 
_reflns.pdbx_Rrim_I_all                                ? 
_reflns.pdbx_Rpim_I_all                                ? 
_reflns.pdbx_d_opt                                     ? 
_reflns.pdbx_number_measured_all                       ? 
_reflns.pdbx_diffrn_id                                 1 
_reflns.pdbx_ordinal                                   1 
_reflns.pdbx_CC_half                                   .999 
_reflns.pdbx_CC_star                                   ? 
_reflns.pdbx_R_split                                   ? 
_reflns.pdbx_Rmerge_I_obs                              ? 
_reflns.pdbx_Rmerge_I_all                              ? 
_reflns.pdbx_Rsym_value                                ? 
_reflns.pdbx_CC_split_method                           ? 
_reflns.pdbx_aniso_diffraction_limit_axis_1_ortho[1]   ? 
_reflns.pdbx_aniso_diffraction_limit_axis_1_ortho[2]   ? 
_reflns.pdbx_aniso_diffraction_limit_axis_1_ortho[3]   ? 
_reflns.pdbx_aniso_diffraction_limit_axis_2_ortho[1]   ? 
_reflns.pdbx_aniso_diffraction_limit_axis_2_ortho[2]   ? 
_reflns.pdbx_aniso_diffraction_limit_axis_2_ortho[3]   ? 
_reflns.pdbx_aniso_diffraction_limit_axis_3_ortho[1]   ? 
_reflns.pdbx_aniso_diffraction_limit_axis_3_ortho[2]   ? 
_reflns.pdbx_aniso_diffraction_limit_axis_3_ortho[3]   ? 
_reflns.pdbx_aniso_diffraction_limit_1                 ? 
_reflns.pdbx_aniso_diffraction_limit_2                 ? 
_reflns.pdbx_aniso_diffraction_limit_3                 ? 
_reflns.pdbx_aniso_B_tensor_eigenvector_1_ortho[1]     ? 
_reflns.pdbx_aniso_B_tensor_eigenvector_1_ortho[2]     ? 
_reflns.pdbx_aniso_B_tensor_eigenvector_1_ortho[3]     ? 
_reflns.pdbx_aniso_B_tensor_eigenvector_2_ortho[1]     ? 
_reflns.pdbx_aniso_B_tensor_eigenvector_2_ortho[2]     ? 
_reflns.pdbx_aniso_B_tensor_eigenvector_2_ortho[3]     ? 
_reflns.pdbx_aniso_B_tensor_eigenvector_3_ortho[1]     ? 
_reflns.pdbx_aniso_B_tensor_eigenvector_3_ortho[2]     ? 
_reflns.pdbx_aniso_B_tensor_eigenvector_3_ortho[3]     ? 
_reflns.pdbx_aniso_B_tensor_eigenvalue_1               ? 
_reflns.pdbx_aniso_B_tensor_eigenvalue_2               ? 
_reflns.pdbx_aniso_B_tensor_eigenvalue_3               ? 
_reflns.pdbx_orthogonalization_convention              ? 
_reflns.pdbx_percent_possible_ellipsoidal              ? 
_reflns.pdbx_percent_possible_spherical                ? 
_reflns.pdbx_percent_possible_ellipsoidal_anomalous    ? 
_reflns.pdbx_percent_possible_spherical_anomalous      ? 
_reflns.pdbx_redundancy_anomalous                      ? 
_reflns.pdbx_CC_half_anomalous                         ? 
_reflns.pdbx_absDiff_over_sigma_anomalous              ? 
_reflns.pdbx_percent_possible_anomalous                ? 
_reflns.pdbx_observed_signal_threshold                 ? 
_reflns.pdbx_signal_type                               ? 
_reflns.pdbx_signal_details                            ? 
_reflns.pdbx_signal_software_id                        ? 
# 
loop_
_reflns_shell.d_res_high 
_reflns_shell.d_res_low 
_reflns_shell.meanI_over_sigI_all 
_reflns_shell.meanI_over_sigI_obs 
_reflns_shell.number_measured_all 
_reflns_shell.number_measured_obs 
_reflns_shell.number_possible 
_reflns_shell.number_unique_all 
_reflns_shell.number_unique_obs 
_reflns_shell.percent_possible_obs 
_reflns_shell.Rmerge_F_all 
_reflns_shell.Rmerge_F_obs 
_reflns_shell.meanI_over_sigI_gt 
_reflns_shell.meanI_over_uI_all 
_reflns_shell.meanI_over_uI_gt 
_reflns_shell.number_measured_gt 
_reflns_shell.number_unique_gt 
_reflns_shell.percent_possible_gt 
_reflns_shell.Rmerge_F_gt 
_reflns_shell.Rmerge_I_gt 
_reflns_shell.pdbx_redundancy 
_reflns_shell.pdbx_chi_squared 
_reflns_shell.pdbx_netI_over_sigmaI_all 
_reflns_shell.pdbx_netI_over_sigmaI_obs 
_reflns_shell.pdbx_Rrim_I_all 
_reflns_shell.pdbx_Rpim_I_all 
_reflns_shell.pdbx_rejects 
_reflns_shell.pdbx_ordinal 
_reflns_shell.pdbx_diffrn_id 
_reflns_shell.pdbx_CC_half 
_reflns_shell.pdbx_CC_star 
_reflns_shell.pdbx_R_split 
_reflns_shell.percent_possible_all 
_reflns_shell.Rmerge_I_all 
_reflns_shell.Rmerge_I_obs 
_reflns_shell.pdbx_Rsym_value 
_reflns_shell.pdbx_percent_possible_ellipsoidal 
_reflns_shell.pdbx_percent_possible_spherical 
_reflns_shell.pdbx_percent_possible_ellipsoidal_anomalous 
_reflns_shell.pdbx_percent_possible_spherical_anomalous 
_reflns_shell.pdbx_redundancy_anomalous 
_reflns_shell.pdbx_CC_half_anomalous 
_reflns_shell.pdbx_absDiff_over_sigma_anomalous 
_reflns_shell.pdbx_percent_possible_anomalous 
4.185  4.484  ? ? ? ? ? ? 204 ? ? ? ? ? ? ? ? ? ? ? ? ? ? ? ? ? ? 1 1 .144 ? ? ? ? ? ? ? ? ? ? ? ? ? ? 
10.278 68.359 ? ? ? ? ? ? 205 ? ? ? ? ? ? ? ? ? ? ? ? ? ? ? ? ? ? 2 1 .999 ? ? ? ? ? ? ? ? ? ? ? ? ? ? 
# 
_refine.aniso_B[1][1]                            ? 
_refine.aniso_B[1][2]                            ? 
_refine.aniso_B[1][3]                            ? 
_refine.aniso_B[2][2]                            ? 
_refine.aniso_B[2][3]                            ? 
_refine.aniso_B[3][3]                            ? 
_refine.B_iso_max                                ? 
_refine.B_iso_mean                               279.02 
_refine.B_iso_min                                ? 
_refine.correlation_coeff_Fo_to_Fc               ? 
_refine.correlation_coeff_Fo_to_Fc_free          ? 
_refine.details                                  ? 
_refine.diff_density_max                         ? 
_refine.diff_density_max_esd                     ? 
_refine.diff_density_min                         ? 
_refine.diff_density_min_esd                     ? 
_refine.diff_density_rms                         ? 
_refine.diff_density_rms_esd                     ? 
_refine.entry_id                                 9NJZ 
_refine.pdbx_refine_id                           'X-RAY DIFFRACTION' 
_refine.ls_abs_structure_details                 ? 
_refine.ls_abs_structure_Flack                   ? 
_refine.ls_abs_structure_Flack_esd               ? 
_refine.ls_abs_structure_Rogers                  ? 
_refine.ls_abs_structure_Rogers_esd              ? 
_refine.ls_d_res_high                            4.18 
_refine.ls_d_res_low                             36.74 
_refine.ls_extinction_coef                       ? 
_refine.ls_extinction_coef_esd                   ? 
_refine.ls_extinction_expression                 ? 
_refine.ls_extinction_method                     ? 
_refine.ls_goodness_of_fit_all                   ? 
_refine.ls_goodness_of_fit_all_esd               ? 
_refine.ls_goodness_of_fit_obs                   ? 
_refine.ls_goodness_of_fit_obs_esd               ? 
_refine.ls_hydrogen_treatment                    ? 
_refine.ls_matrix_type                           ? 
_refine.ls_number_constraints                    ? 
_refine.ls_number_parameters                     ? 
_refine.ls_number_reflns_all                     ? 
_refine.ls_number_reflns_obs                     2634 
_refine.ls_number_reflns_R_free                  137 
_refine.ls_number_reflns_R_work                  2497 
_refine.ls_number_restraints                     ? 
_refine.ls_percent_reflns_obs                    85.60 
_refine.ls_percent_reflns_R_free                 5.20 
_refine.ls_R_factor_all                          ? 
_refine.ls_R_factor_obs                          0.1729 
_refine.ls_R_factor_R_free                       0.1751 
_refine.ls_R_factor_R_free_error                 ? 
_refine.ls_R_factor_R_free_error_details         ? 
_refine.ls_R_factor_R_work                       0.1727 
_refine.ls_R_Fsqd_factor_obs                     ? 
_refine.ls_R_I_factor_obs                        ? 
_refine.ls_redundancy_reflns_all                 ? 
_refine.ls_redundancy_reflns_obs                 ? 
_refine.ls_restrained_S_all                      ? 
_refine.ls_restrained_S_obs                      ? 
_refine.ls_shift_over_esd_max                    ? 
_refine.ls_shift_over_esd_mean                   ? 
_refine.ls_structure_factor_coef                 ? 
_refine.ls_weighting_details                     ? 
_refine.ls_weighting_scheme                      ? 
_refine.ls_wR_factor_all                         ? 
_refine.ls_wR_factor_obs                         ? 
_refine.ls_wR_factor_R_free                      ? 
_refine.ls_wR_factor_R_work                      ? 
_refine.occupancy_max                            ? 
_refine.occupancy_min                            ? 
_refine.solvent_model_details                    'FLAT BULK SOLVENT MODEL' 
_refine.solvent_model_param_bsol                 ? 
_refine.solvent_model_param_ksol                 ? 
_refine.correlation_coeff_I_to_Fcsqd_work        ? 
_refine.correlation_coeff_I_to_Fcsqd_free        ? 
_refine.pdbx_R_complete                          ? 
_refine.ls_R_factor_gt                           ? 
_refine.ls_goodness_of_fit_gt                    ? 
_refine.ls_goodness_of_fit_ref                   ? 
_refine.ls_shift_over_su_max                     ? 
_refine.ls_shift_over_su_max_lt                  ? 
_refine.ls_shift_over_su_mean                    ? 
_refine.ls_shift_over_su_mean_lt                 ? 
_refine.pdbx_ls_sigma_I                          ? 
_refine.pdbx_ls_sigma_F                          1.96 
_refine.pdbx_ls_sigma_Fsqd                       ? 
_refine.pdbx_data_cutoff_high_absF               ? 
_refine.pdbx_data_cutoff_high_rms_absF           ? 
_refine.pdbx_data_cutoff_low_absF                ? 
_refine.pdbx_isotropic_thermal_model             ? 
_refine.pdbx_ls_cross_valid_method               'FREE R-VALUE' 
_refine.pdbx_method_to_determine_struct          'MOLECULAR REPLACEMENT' 
_refine.pdbx_starting_model                      ? 
_refine.pdbx_stereochemistry_target_values       'GeoStd + Monomer Library + CDL v1.2' 
_refine.pdbx_R_Free_selection_details            ? 
_refine.pdbx_stereochem_target_val_spec_case     ? 
_refine.pdbx_overall_ESU_R                       ? 
_refine.pdbx_overall_ESU_R_Free                  ? 
_refine.pdbx_solvent_vdw_probe_radii             1.1000 
_refine.pdbx_solvent_ion_probe_radii             ? 
_refine.pdbx_solvent_shrinkage_radii             0.9000 
_refine.pdbx_real_space_R                        ? 
_refine.pdbx_density_correlation                 ? 
_refine.pdbx_pd_number_of_powder_patterns        ? 
_refine.pdbx_pd_number_of_points                 ? 
_refine.pdbx_pd_meas_number_of_points            ? 
_refine.pdbx_pd_proc_ls_prof_R_factor            ? 
_refine.pdbx_pd_proc_ls_prof_wR_factor           ? 
_refine.pdbx_pd_Marquardt_correlation_coeff      ? 
_refine.pdbx_pd_Fsqrd_R_factor                   ? 
_refine.pdbx_pd_ls_matrix_band_width             ? 
_refine.pdbx_overall_phase_error                 33.8867 
_refine.pdbx_overall_SU_R_free_Cruickshank_DPI   ? 
_refine.pdbx_overall_SU_R_free_Blow_DPI          ? 
_refine.pdbx_overall_SU_R_Blow_DPI               ? 
_refine.pdbx_TLS_residual_ADP_flag               ? 
_refine.pdbx_diffrn_id                           1 
_refine.overall_SU_B                             ? 
_refine.overall_SU_ML                            0.0000 
_refine.overall_SU_R_Cruickshank_DPI             ? 
_refine.overall_SU_R_free                        ? 
_refine.overall_FOM_free_R_set                   ? 
_refine.overall_FOM_work_R_set                   ? 
_refine.pdbx_average_fsc_overall                 ? 
_refine.pdbx_average_fsc_work                    ? 
_refine.pdbx_average_fsc_free                    ? 
# 
_refine_hist.pdbx_refine_id                   'X-RAY DIFFRACTION' 
_refine_hist.cycle_id                         LAST 
_refine_hist.details                          ? 
_refine_hist.d_res_high                       4.18 
_refine_hist.d_res_low                        36.74 
_refine_hist.number_atoms_solvent             0 
_refine_hist.number_atoms_total               855 
_refine_hist.number_reflns_all                ? 
_refine_hist.number_reflns_obs                ? 
_refine_hist.number_reflns_R_free             ? 
_refine_hist.number_reflns_R_work             ? 
_refine_hist.R_factor_all                     ? 
_refine_hist.R_factor_obs                     ? 
_refine_hist.R_factor_R_free                  ? 
_refine_hist.R_factor_R_work                  ? 
_refine_hist.pdbx_number_residues_total       ? 
_refine_hist.pdbx_B_iso_mean_ligand           ? 
_refine_hist.pdbx_B_iso_mean_solvent          ? 
_refine_hist.pdbx_number_atoms_protein        0 
_refine_hist.pdbx_number_atoms_nucleic_acid   855 
_refine_hist.pdbx_number_atoms_ligand         0 
_refine_hist.pdbx_number_atoms_lipid          ? 
_refine_hist.pdbx_number_atoms_carb           ? 
_refine_hist.pdbx_pseudo_atom_details         ? 
# 
loop_
_refine_ls_restr.pdbx_refine_id 
_refine_ls_restr.criterion 
_refine_ls_restr.dev_ideal 
_refine_ls_restr.dev_ideal_target 
_refine_ls_restr.number 
_refine_ls_restr.rejects 
_refine_ls_restr.type 
_refine_ls_restr.weight 
_refine_ls_restr.pdbx_restraint_function 
'X-RAY DIFFRACTION' ? 0.0070  ? 956  ? f_bond_d           ? ? 
'X-RAY DIFFRACTION' ? 0.8643  ? 1467 ? f_angle_d          ? ? 
'X-RAY DIFFRACTION' ? 0.0453  ? 166  ? f_chiral_restr     ? ? 
'X-RAY DIFFRACTION' ? 0.0049  ? 42   ? f_plane_restr      ? ? 
'X-RAY DIFFRACTION' ? 37.0161 ? 406  ? f_dihedral_angle_d ? ? 
# 
_refine_ls_shell.pdbx_refine_id                      'X-RAY DIFFRACTION' 
_refine_ls_shell.d_res_high                          4.18 
_refine_ls_shell.d_res_low                           36.74 
_refine_ls_shell.number_reflns_all                   ? 
_refine_ls_shell.number_reflns_obs                   ? 
_refine_ls_shell.number_reflns_R_free                137 
_refine_ls_shell.number_reflns_R_work                2497 
_refine_ls_shell.percent_reflns_obs                  85.60 
_refine_ls_shell.percent_reflns_R_free               ? 
_refine_ls_shell.R_factor_all                        ? 
_refine_ls_shell.R_factor_obs                        ? 
_refine_ls_shell.R_factor_R_free_error               ? 
_refine_ls_shell.R_factor_R_work                     0.1727 
_refine_ls_shell.redundancy_reflns_all               ? 
_refine_ls_shell.redundancy_reflns_obs               ? 
_refine_ls_shell.wR_factor_all                       ? 
_refine_ls_shell.wR_factor_obs                       ? 
_refine_ls_shell.wR_factor_R_free                    ? 
_refine_ls_shell.wR_factor_R_work                    ? 
_refine_ls_shell.pdbx_R_complete                     ? 
_refine_ls_shell.correlation_coeff_Fo_to_Fc          ? 
_refine_ls_shell.correlation_coeff_Fo_to_Fc_free     ? 
_refine_ls_shell.correlation_coeff_I_to_Fcsqd_work   ? 
_refine_ls_shell.correlation_coeff_I_to_Fcsqd_free   ? 
_refine_ls_shell.pdbx_total_number_of_bins_used      ? 
_refine_ls_shell.pdbx_phase_error                    ? 
_refine_ls_shell.pdbx_fsc_work                       ? 
_refine_ls_shell.pdbx_fsc_free                       ? 
_refine_ls_shell.R_factor_R_free                     0.1751 
# 
_struct.entry_id                     9NJZ 
_struct.title                        
'[0,8,12-1] Shifted tensegrity triangle with an (arm,center,arm) distribution of (0,8,12) base pairs and 1 nt sticky ends' 
_struct.pdbx_model_details           ? 
_struct.pdbx_formula_weight          ? 
_struct.pdbx_formula_weight_method   ? 
_struct.pdbx_model_type_details      ? 
_struct.pdbx_CASP_flag               N 
# 
_struct_keywords.entry_id        9NJZ 
_struct_keywords.text            'tensegrity triangle, DNA' 
_struct_keywords.pdbx_keywords   DNA 
# 
loop_
_struct_asym.id 
_struct_asym.pdbx_blank_PDB_chainid_flag 
_struct_asym.pdbx_modified 
_struct_asym.entity_id 
_struct_asym.details 
A N N 1 ? 
B N N 2 ? 
C N N 3 ? 
D N N 4 ? 
# 
loop_
_struct_ref.id 
_struct_ref.db_name 
_struct_ref.db_code 
_struct_ref.pdbx_db_accession 
_struct_ref.pdbx_db_isoform 
_struct_ref.entity_id 
_struct_ref.pdbx_seq_one_letter_code 
_struct_ref.pdbx_align_begin 
1 PDB 9NJZ 9NJZ ? 1 ? 1 
2 PDB 9NJZ 9NJZ ? 2 ? 1 
3 PDB 9NJZ 9NJZ ? 3 ? 1 
4 PDB 9NJZ 9NJZ ? 4 ? 1 
# 
loop_
_struct_ref_seq.align_id 
_struct_ref_seq.ref_id 
_struct_ref_seq.pdbx_PDB_id_code 
_struct_ref_seq.pdbx_strand_id 
_struct_ref_seq.seq_align_beg 
_struct_ref_seq.pdbx_seq_align_beg_ins_code 
_struct_ref_seq.seq_align_end 
_struct_ref_seq.pdbx_seq_align_end_ins_code 
_struct_ref_seq.pdbx_db_accession 
_struct_ref_seq.db_align_beg 
_struct_ref_seq.pdbx_db_align_beg_ins_code 
_struct_ref_seq.db_align_end 
_struct_ref_seq.pdbx_db_align_end_ins_code 
_struct_ref_seq.pdbx_auth_seq_align_beg 
_struct_ref_seq.pdbx_auth_seq_align_end 
1 1 9NJZ A 1 ? 8  ? 9NJZ 16 ? 23 ? 16 23 
2 2 9NJZ B 1 ? 5  ? 9NJZ 4  ? 8  ? 4  8  
3 3 9NJZ C 1 ? 16 ? 9NJZ 9  ? 24 ? 9  24 
4 4 9NJZ D 1 ? 13 ? 9NJZ 1  ? 13 ? 1  13 
# 
_pdbx_struct_assembly.id                   1 
_pdbx_struct_assembly.details              author_defined_assembly 
_pdbx_struct_assembly.method_details       ? 
_pdbx_struct_assembly.oligomeric_details   dodecameric 
_pdbx_struct_assembly.oligomeric_count     12 
# 
loop_
_pdbx_struct_assembly_gen.assembly_id 
_pdbx_struct_assembly_gen.oper_expression 
_pdbx_struct_assembly_gen.asym_id_list 
1 1 A,B,C,D 
1 2 A,B,C,D 
1 3 A,B,C,D 
# 
_pdbx_struct_assembly_auth_evidence.id                     1 
_pdbx_struct_assembly_auth_evidence.assembly_id            1 
_pdbx_struct_assembly_auth_evidence.experimental_support   'native gel electrophoresis' 
_pdbx_struct_assembly_auth_evidence.details                ? 
# 
loop_
_pdbx_struct_oper_list.id 
_pdbx_struct_oper_list.type 
_pdbx_struct_oper_list.name 
_pdbx_struct_oper_list.symmetry_operation 
_pdbx_struct_oper_list.matrix[1][1] 
_pdbx_struct_oper_list.matrix[1][2] 
_pdbx_struct_oper_list.matrix[1][3] 
_pdbx_struct_oper_list.vector[1] 
_pdbx_struct_oper_list.matrix[2][1] 
_pdbx_struct_oper_list.matrix[2][2] 
_pdbx_struct_oper_list.matrix[2][3] 
_pdbx_struct_oper_list.vector[2] 
_pdbx_struct_oper_list.matrix[3][1] 
_pdbx_struct_oper_list.matrix[3][2] 
_pdbx_struct_oper_list.matrix[3][3] 
_pdbx_struct_oper_list.vector[3] 
1 'identity operation'         1_555 x,y,z     1.0000000000  0.0000000000  0.0000000000  0.0000000000   0.0000000000  1.0000000000 0.0000000000  0.0000000000  0.0000000000  0.0000000000  1.0000000000  0.0000000000  
2 'crystal symmetry operation' 2_555 -y,x-y,z  -0.3467387941 -0.2073770587 0.9147496730  -13.1871774319 -0.6651866028 0.7419440047 -0.0839397240 7.6776503810  -0.6612858626 -0.6375843861 -0.3952052107 42.3784529446 
3 'crystal symmetry operation' 3_555 -x+y,-x,z -0.3467387941 -0.6651866028 -0.6612858626 28.5588359872  -0.2073770587 0.7419440047 -0.6375843861 18.5887351644 0.9147496730  -0.0839397240 -0.3952052107 29.4556115199 
# 
loop_
_struct_conn.id 
_struct_conn.conn_type_id 
_struct_conn.pdbx_leaving_atom_flag 
_struct_conn.pdbx_PDB_id 
_struct_conn.ptnr1_label_asym_id 
_struct_conn.ptnr1_label_comp_id 
_struct_conn.ptnr1_label_seq_id 
_struct_conn.ptnr1_label_atom_id 
_struct_conn.pdbx_ptnr1_label_alt_id 
_struct_conn.pdbx_ptnr1_PDB_ins_code 
_struct_conn.pdbx_ptnr1_standard_comp_id 
_struct_conn.ptnr1_symmetry 
_struct_conn.ptnr2_label_asym_id 
_struct_conn.ptnr2_label_comp_id 
_struct_conn.ptnr2_label_seq_id 
_struct_conn.ptnr2_label_atom_id 
_struct_conn.pdbx_ptnr2_label_alt_id 
_struct_conn.pdbx_ptnr2_PDB_ins_code 
_struct_conn.ptnr1_auth_asym_id 
_struct_conn.ptnr1_auth_comp_id 
_struct_conn.ptnr1_auth_seq_id 
_struct_conn.ptnr2_auth_asym_id 
_struct_conn.ptnr2_auth_comp_id 
_struct_conn.ptnr2_auth_seq_id 
_struct_conn.ptnr2_symmetry 
_struct_conn.pdbx_ptnr3_label_atom_id 
_struct_conn.pdbx_ptnr3_label_seq_id 
_struct_conn.pdbx_ptnr3_label_comp_id 
_struct_conn.pdbx_ptnr3_label_asym_id 
_struct_conn.pdbx_ptnr3_label_alt_id 
_struct_conn.pdbx_ptnr3_PDB_ins_code 
_struct_conn.details 
_struct_conn.pdbx_dist_value 
_struct_conn.pdbx_value_order 
_struct_conn.pdbx_role 
hydrog1  hydrog ? ? A DC 1  N3 ? ? ? 1_555 B DG 5  N1 ? ? A DC 16 B DG 8  1_555 ? ? ? ? ? ? WATSON-CRICK    ? ? ? 
hydrog2  hydrog ? ? A DC 1  N4 ? ? ? 1_555 B DG 5  O6 ? ? A DC 16 B DG 8  1_555 ? ? ? ? ? ? WATSON-CRICK    ? ? ? 
hydrog3  hydrog ? ? A DC 1  O2 ? ? ? 1_555 B DG 5  N2 ? ? A DC 16 B DG 8  1_555 ? ? ? ? ? ? WATSON-CRICK    ? ? ? 
hydrog4  hydrog ? ? A DA 2  N1 ? ? ? 1_555 B DG 3  N1 ? ? A DA 17 B DG 6  1_555 ? ? ? ? ? ? TYPE_8_PAIR     ? ? ? 
hydrog5  hydrog ? ? A DA 2  N6 ? ? ? 1_555 B DG 3  O6 ? ? A DA 17 B DG 6  1_555 ? ? ? ? ? ? TYPE_8_PAIR     ? ? ? 
hydrog6  hydrog ? ? A DA 2  N1 ? ? ? 1_555 B DT 4  N3 ? ? A DA 17 B DT 7  1_555 ? ? ? ? ? ? WATSON-CRICK    ? ? ? 
hydrog7  hydrog ? ? A DA 2  N6 ? ? ? 1_555 B DT 4  O4 ? ? A DA 17 B DT 7  1_555 ? ? ? ? ? ? WATSON-CRICK    ? ? ? 
hydrog8  hydrog ? ? A DC 3  N3 ? ? ? 1_555 B DG 3  N1 ? ? A DC 18 B DG 6  1_555 ? ? ? ? ? ? WATSON-CRICK    ? ? ? 
hydrog9  hydrog ? ? A DC 3  N4 ? ? ? 1_555 B DG 3  O6 ? ? A DC 18 B DG 6  1_555 ? ? ? ? ? ? WATSON-CRICK    ? ? ? 
hydrog10 hydrog ? ? A DC 3  O2 ? ? ? 1_555 B DG 3  N2 ? ? A DC 18 B DG 6  1_555 ? ? ? ? ? ? WATSON-CRICK    ? ? ? 
hydrog11 hydrog ? ? A DA 4  N1 ? ? ? 1_555 B DT 2  N3 ? ? A DA 19 B DT 5  1_555 ? ? ? ? ? ? WATSON-CRICK    ? ? ? 
hydrog12 hydrog ? ? A DA 4  N6 ? ? ? 1_555 B DT 2  O4 ? ? A DA 19 B DT 5  1_555 ? ? ? ? ? ? WATSON-CRICK    ? ? ? 
hydrog13 hydrog ? ? A DC 5  N3 ? ? ? 1_555 C DG 4  N1 ? ? A DC 20 C DG 12 1_555 ? ? ? ? ? ? WATSON-CRICK    ? ? ? 
hydrog14 hydrog ? ? A DC 5  N4 ? ? ? 1_555 C DG 4  O6 ? ? A DC 20 C DG 12 1_555 ? ? ? ? ? ? WATSON-CRICK    ? ? ? 
hydrog15 hydrog ? ? A DC 5  O2 ? ? ? 1_555 C DG 4  N2 ? ? A DC 20 C DG 12 1_555 ? ? ? ? ? ? WATSON-CRICK    ? ? ? 
hydrog16 hydrog ? ? A DC 6  N3 ? ? ? 1_555 C DG 3  N1 ? ? A DC 21 C DG 11 1_555 ? ? ? ? ? ? WATSON-CRICK    ? ? ? 
hydrog17 hydrog ? ? A DC 6  N4 ? ? ? 1_555 C DG 3  O6 ? ? A DC 21 C DG 11 1_555 ? ? ? ? ? ? WATSON-CRICK    ? ? ? 
hydrog18 hydrog ? ? A DC 6  O2 ? ? ? 1_555 C DG 3  N2 ? ? A DC 21 C DG 11 1_555 ? ? ? ? ? ? WATSON-CRICK    ? ? ? 
hydrog19 hydrog ? ? A DG 7  N1 ? ? ? 1_555 C DC 2  N3 ? ? A DG 22 C DC 10 1_555 ? ? ? ? ? ? WATSON-CRICK    ? ? ? 
hydrog20 hydrog ? ? A DG 7  N2 ? ? ? 1_555 C DC 2  O2 ? ? A DG 22 C DC 10 1_555 ? ? ? ? ? ? WATSON-CRICK    ? ? ? 
hydrog21 hydrog ? ? A DG 7  O6 ? ? ? 1_555 C DC 2  N4 ? ? A DG 22 C DC 10 1_555 ? ? ? ? ? ? WATSON-CRICK    ? ? ? 
hydrog22 hydrog ? ? A DT 8  N3 ? ? ? 1_555 C DA 1  N1 ? ? A DT 23 C DA 9  1_555 ? ? ? ? ? ? WATSON-CRICK    ? ? ? 
hydrog23 hydrog ? ? A DT 8  O4 ? ? ? 1_555 C DA 1  N6 ? ? A DT 23 C DA 9  1_555 ? ? ? ? ? ? WATSON-CRICK    ? ? ? 
hydrog24 hydrog ? ? C DG 4  N1 ? ? ? 1_555 D DT 13 O4 ? ? C DG 12 D DT 13 1_555 ? ? ? ? ? ? 'DG-DT MISPAIR' ? ? ? 
hydrog25 hydrog ? ? C DA 5  N1 ? ? ? 1_555 D DT 13 N3 ? ? C DA 13 D DT 13 1_555 ? ? ? ? ? ? WATSON-CRICK    ? ? ? 
hydrog26 hydrog ? ? C DA 5  N6 ? ? ? 1_555 D DT 13 O4 ? ? C DA 13 D DT 13 1_555 ? ? ? ? ? ? WATSON-CRICK    ? ? ? 
hydrog27 hydrog ? ? C DC 6  N3 ? ? ? 1_555 D DG 12 N1 ? ? C DC 14 D DG 12 1_555 ? ? ? ? ? ? WATSON-CRICK    ? ? ? 
hydrog28 hydrog ? ? C DC 6  N4 ? ? ? 1_555 D DG 12 O6 ? ? C DC 14 D DG 12 1_555 ? ? ? ? ? ? WATSON-CRICK    ? ? ? 
hydrog29 hydrog ? ? C DC 6  O2 ? ? ? 1_555 D DG 12 N2 ? ? C DC 14 D DG 12 1_555 ? ? ? ? ? ? WATSON-CRICK    ? ? ? 
hydrog30 hydrog ? ? C DA 7  N1 ? ? ? 1_555 D DT 11 N3 ? ? C DA 15 D DT 11 1_555 ? ? ? ? ? ? WATSON-CRICK    ? ? ? 
hydrog31 hydrog ? ? C DA 7  N6 ? ? ? 1_555 D DT 11 O4 ? ? C DA 15 D DT 11 1_555 ? ? ? ? ? ? WATSON-CRICK    ? ? ? 
hydrog32 hydrog ? ? C DG 8  N1 ? ? ? 1_555 D DC 10 N3 ? ? C DG 16 D DC 10 1_555 ? ? ? ? ? ? WATSON-CRICK    ? ? ? 
hydrog33 hydrog ? ? C DG 8  N2 ? ? ? 1_555 D DC 10 O2 ? ? C DG 16 D DC 10 1_555 ? ? ? ? ? ? WATSON-CRICK    ? ? ? 
hydrog34 hydrog ? ? C DG 8  O6 ? ? ? 1_555 D DC 10 N4 ? ? C DG 16 D DC 10 1_555 ? ? ? ? ? ? WATSON-CRICK    ? ? ? 
hydrog35 hydrog ? ? C DC 9  N3 ? ? ? 1_555 D DG 9  N1 ? ? C DC 17 D DG 9  1_555 ? ? ? ? ? ? WATSON-CRICK    ? ? ? 
hydrog36 hydrog ? ? C DC 9  N4 ? ? ? 1_555 D DG 9  O6 ? ? C DC 17 D DG 9  1_555 ? ? ? ? ? ? WATSON-CRICK    ? ? ? 
hydrog37 hydrog ? ? C DC 9  O2 ? ? ? 1_555 D DG 9  N2 ? ? C DC 17 D DG 9  1_555 ? ? ? ? ? ? WATSON-CRICK    ? ? ? 
hydrog38 hydrog ? ? C DA 10 N1 ? ? ? 1_555 D DT 8  N3 ? ? C DA 18 D DT 8  1_555 ? ? ? ? ? ? WATSON-CRICK    ? ? ? 
hydrog39 hydrog ? ? C DA 10 N6 ? ? ? 1_555 D DT 8  O4 ? ? C DA 18 D DT 8  1_555 ? ? ? ? ? ? WATSON-CRICK    ? ? ? 
hydrog40 hydrog ? ? C DC 11 N3 ? ? ? 1_555 D DG 7  N1 ? ? C DC 19 D DG 7  1_555 ? ? ? ? ? ? WATSON-CRICK    ? ? ? 
hydrog41 hydrog ? ? C DC 11 N4 ? ? ? 1_555 D DG 7  O6 ? ? C DC 19 D DG 7  1_555 ? ? ? ? ? ? WATSON-CRICK    ? ? ? 
hydrog42 hydrog ? ? C DC 11 O2 ? ? ? 1_555 D DG 7  N2 ? ? C DC 19 D DG 7  1_555 ? ? ? ? ? ? WATSON-CRICK    ? ? ? 
hydrog43 hydrog ? ? C DG 12 N1 ? ? ? 1_555 D DC 6  N3 ? ? C DG 20 D DC 6  1_555 ? ? ? ? ? ? WATSON-CRICK    ? ? ? 
hydrog44 hydrog ? ? C DG 12 N2 ? ? ? 1_555 D DC 6  O2 ? ? C DG 20 D DC 6  1_555 ? ? ? ? ? ? WATSON-CRICK    ? ? ? 
hydrog45 hydrog ? ? C DG 12 O6 ? ? ? 1_555 D DC 6  N4 ? ? C DG 20 D DC 6  1_555 ? ? ? ? ? ? WATSON-CRICK    ? ? ? 
hydrog46 hydrog ? ? C DT 13 N3 ? ? ? 1_555 D DA 5  N1 ? ? C DT 21 D DA 5  1_555 ? ? ? ? ? ? WATSON-CRICK    ? ? ? 
hydrog47 hydrog ? ? C DT 13 O4 ? ? ? 1_555 D DA 5  N6 ? ? C DT 21 D DA 5  1_555 ? ? ? ? ? ? WATSON-CRICK    ? ? ? 
hydrog48 hydrog ? ? C DG 14 N1 ? ? ? 1_555 D DC 4  N3 ? ? C DG 22 D DC 4  1_555 ? ? ? ? ? ? WATSON-CRICK    ? ? ? 
hydrog49 hydrog ? ? C DG 14 N2 ? ? ? 1_555 D DC 4  O2 ? ? C DG 22 D DC 4  1_555 ? ? ? ? ? ? WATSON-CRICK    ? ? ? 
hydrog50 hydrog ? ? C DG 14 O6 ? ? ? 1_555 D DC 4  N4 ? ? C DG 22 D DC 4  1_555 ? ? ? ? ? ? WATSON-CRICK    ? ? ? 
hydrog51 hydrog ? ? C DC 15 N3 ? ? ? 1_555 D DG 3  N1 ? ? C DC 23 D DG 3  1_555 ? ? ? ? ? ? WATSON-CRICK    ? ? ? 
hydrog52 hydrog ? ? C DC 15 N4 ? ? ? 1_555 D DG 3  O6 ? ? C DC 23 D DG 3  1_555 ? ? ? ? ? ? WATSON-CRICK    ? ? ? 
hydrog53 hydrog ? ? C DC 15 O2 ? ? ? 1_555 D DG 3  N2 ? ? C DC 23 D DG 3  1_555 ? ? ? ? ? ? WATSON-CRICK    ? ? ? 
hydrog54 hydrog ? ? C DA 16 N1 ? ? ? 1_555 D DT 2  N3 ? ? C DA 24 D DT 2  1_555 ? ? ? ? ? ? WATSON-CRICK    ? ? ? 
hydrog55 hydrog ? ? C DA 16 N6 ? ? ? 1_555 D DT 2  O4 ? ? C DA 24 D DT 2  1_555 ? ? ? ? ? ? WATSON-CRICK    ? ? ? 
# 
_struct_conn_type.id          hydrog 
_struct_conn_type.criteria    ? 
_struct_conn_type.reference   ? 
# 
_pdbx_entry_details.entry_id                   9NJZ 
_pdbx_entry_details.compound_details           ? 
_pdbx_entry_details.source_details             ? 
_pdbx_entry_details.nonpolymer_details         ? 
_pdbx_entry_details.sequence_details           ? 
_pdbx_entry_details.has_ligand_of_interest     ? 
_pdbx_entry_details.has_protein_modification   N 
# 
_pdbx_validate_rmsd_angle.id                         1 
_pdbx_validate_rmsd_angle.PDB_model_num              1 
_pdbx_validate_rmsd_angle.auth_atom_id_1             "O4'" 
_pdbx_validate_rmsd_angle.auth_asym_id_1             D 
_pdbx_validate_rmsd_angle.auth_comp_id_1             DG 
_pdbx_validate_rmsd_angle.auth_seq_id_1              3 
_pdbx_validate_rmsd_angle.PDB_ins_code_1             ? 
_pdbx_validate_rmsd_angle.label_alt_id_1             ? 
_pdbx_validate_rmsd_angle.auth_atom_id_2             "C1'" 
_pdbx_validate_rmsd_angle.auth_asym_id_2             D 
_pdbx_validate_rmsd_angle.auth_comp_id_2             DG 
_pdbx_validate_rmsd_angle.auth_seq_id_2              3 
_pdbx_validate_rmsd_angle.PDB_ins_code_2             ? 
_pdbx_validate_rmsd_angle.label_alt_id_2             ? 
_pdbx_validate_rmsd_angle.auth_atom_id_3             N9 
_pdbx_validate_rmsd_angle.auth_asym_id_3             D 
_pdbx_validate_rmsd_angle.auth_comp_id_3             DG 
_pdbx_validate_rmsd_angle.auth_seq_id_3              3 
_pdbx_validate_rmsd_angle.PDB_ins_code_3             ? 
_pdbx_validate_rmsd_angle.label_alt_id_3             ? 
_pdbx_validate_rmsd_angle.angle_value                110.23 
_pdbx_validate_rmsd_angle.angle_target_value         108.30 
_pdbx_validate_rmsd_angle.angle_deviation            1.93 
_pdbx_validate_rmsd_angle.angle_standard_deviation   0.30 
_pdbx_validate_rmsd_angle.linker_flag                N 
# 
loop_
_space_group_symop.id 
_space_group_symop.operation_xyz 
1 x,y,z                 
2 -y,x-y,z              
3 -x+y,-x,z             
4 x+1/3,y+2/3,z+2/3     
5 -y+1/3,x-y+2/3,z+2/3  
6 -x+y+1/3,-x+2/3,z+2/3 
7 x+2/3,y+1/3,z+1/3     
8 -y+2/3,x-y+1/3,z+1/3  
9 -x+y+2/3,-x+1/3,z+1/3 
# 
loop_
_pdbx_refine_tls.id 
_pdbx_refine_tls.pdbx_refine_id 
_pdbx_refine_tls.details 
_pdbx_refine_tls.method 
_pdbx_refine_tls.origin_x 
_pdbx_refine_tls.origin_y 
_pdbx_refine_tls.origin_z 
_pdbx_refine_tls.T[1][1] 
_pdbx_refine_tls.T[1][1]_esd 
_pdbx_refine_tls.T[1][2] 
_pdbx_refine_tls.T[1][2]_esd 
_pdbx_refine_tls.T[1][3] 
_pdbx_refine_tls.T[1][3]_esd 
_pdbx_refine_tls.T[2][2] 
_pdbx_refine_tls.T[2][2]_esd 
_pdbx_refine_tls.T[2][3] 
_pdbx_refine_tls.T[2][3]_esd 
_pdbx_refine_tls.T[3][3] 
_pdbx_refine_tls.T[3][3]_esd 
_pdbx_refine_tls.L[1][1] 
_pdbx_refine_tls.L[1][1]_esd 
_pdbx_refine_tls.L[1][2] 
_pdbx_refine_tls.L[1][2]_esd 
_pdbx_refine_tls.L[1][3] 
_pdbx_refine_tls.L[1][3]_esd 
_pdbx_refine_tls.L[2][2] 
_pdbx_refine_tls.L[2][2]_esd 
_pdbx_refine_tls.L[2][3] 
_pdbx_refine_tls.L[2][3]_esd 
_pdbx_refine_tls.L[3][3] 
_pdbx_refine_tls.L[3][3]_esd 
_pdbx_refine_tls.S[1][1] 
_pdbx_refine_tls.S[1][1]_esd 
_pdbx_refine_tls.S[1][2] 
_pdbx_refine_tls.S[1][2]_esd 
_pdbx_refine_tls.S[1][3] 
_pdbx_refine_tls.S[1][3]_esd 
_pdbx_refine_tls.S[2][1] 
_pdbx_refine_tls.S[2][1]_esd 
_pdbx_refine_tls.S[2][2] 
_pdbx_refine_tls.S[2][2]_esd 
_pdbx_refine_tls.S[2][3] 
_pdbx_refine_tls.S[2][3]_esd 
_pdbx_refine_tls.S[3][1] 
_pdbx_refine_tls.S[3][1]_esd 
_pdbx_refine_tls.S[3][2] 
_pdbx_refine_tls.S[3][2]_esd 
_pdbx_refine_tls.S[3][3] 
_pdbx_refine_tls.S[3][3]_esd 
1 'X-RAY DIFFRACTION' ? refined -0.2431202043  13.75628330521  6.72939483949  1.47935640150 ? 0.667685881027  ? -0.577361325908 ? 2.45088095555 ? -0.301083039658 ? 1.97530589066 ? 3.24046927801  ? -3.04959821225 ? -6.0108012755   ? 6.6318833200   ? 4.33499450941   ? 10.3075008824 ? 0.323046078444 ? 5.42420172187  ? -2.82957170548 ? 0.697790360418 ? -1.20256583767  ? -0.13012749672 ? 0.830855694116 ? 0.431123163536  ? 0.75757491115   ? 
2 'X-RAY DIFFRACTION' ? refined 5.5693232628   21.5569447561   10.88976356120 2.17171293643 ? -0.446664702866 ? -0.692873829652 ? 2.76805957290 ? -0.924761991901 ? 2.09347495313 ? -1.8076544605  ? -1.41063179029 ? -4.57995430416  ? 3.71604566766  ? 0.62394805368   ? 7.1738341342  ? 4.10429604514  ? -1.29379019856 ? 1.57147613680  ? 4.33761585278  ? -0.84017703709  ? 0.00321220069  ? 2.914031108863 ? -5.03204093405  ? -1.713824690015 ? 
3 'X-RAY DIFFRACTION' ? refined -10.3678981769 3.7796158798    12.5354929230  2.10976174830 ? 0.208071162875  ? 0.66358795184   ? 2.13655226822 ? -0.66634835340  ? 3.85702811359 ? 6.74431642551  ? 8.07354752566  ? 2.13236872101   ? 10.27000718443 ? 1.44688448266   ? 2.22344477193 ? 1.14316434830  ? 0.162674557299 ? 0.75152654266  ? 2.60008178882  ? -1.759334543708 ? 4.030702636986 ? 0.72398945380  ? -0.943061945255 ? 0.53572766656   ? 
4 'X-RAY DIFFRACTION' ? refined -0.3925717386  -0.11772920567  -2.1927648125  3.03128410239 ? 0.322464976001  ? -0.202000087768 ? 3.89102495030 ? -1.452225108481 ? 2.99902685108 ? 3.445366977730 ? -0.30119974242 ? -2.740280013614 ? 2.83075186751  ? -0.114789084924 ? 2.11176650149 ? 3.886806519556 ? -4.64314486652 ? 3.305945576000 ? -1.53679445726 ? -0.911373480133 ? 1.13265516359  ? 2.580473927306 ? 3.78443357431   ? -2.152315356219 ? 
5 'X-RAY DIFFRACTION' ? refined 1.2149783960   -17.93009819241 -11.8485814469 3.42776487631 ? 2.40727564478   ? 0.902035403341  ? 3.93431403825 ? -0.41032074637  ? 4.27687246190 ? -1.48227111138 ? 9.9491934975   ? 1.73579615774   ? 8.31495949953  ? -1.41007987617  ? 0.23451504068 ? 1.86567097758  ? -3.01499221972 ? -0.15440546254 ? -4.92913105958 ? -4.354277311318 ? 8.49960083594  ? -2.37049037039 ? -4.73700946720  ? -2.76326989887  ? 
6 'X-RAY DIFFRACTION' ? refined 1.6852854638   -9.50716290792  -6.6246391365  2.35061839476 ? 0.497581288418  ? 0.044642341921  ? 2.15107644923 ? -0.66587419882  ? 2.24475195097 ? 1.97071121063  ? -5.53696630486 ? -3.98760207845  ? 10.80742071596 ? 7.9124268754    ? 5.44467337216 ? -1.1431097247  ? 0.52959313352  ? -1.78324359050 ? -1.8380532186  ? -2.42217527651  ? 4.524536283604 ? -0.31550663366 ? 0.33953890972   ? 3.52594763396   ? 
# 
loop_
_pdbx_refine_tls_group.id 
_pdbx_refine_tls_group.pdbx_refine_id 
_pdbx_refine_tls_group.refine_tls_id 
_pdbx_refine_tls_group.beg_label_asym_id 
_pdbx_refine_tls_group.beg_label_seq_id 
_pdbx_refine_tls_group.beg_auth_asym_id 
_pdbx_refine_tls_group.beg_auth_seq_id 
_pdbx_refine_tls_group.beg_PDB_ins_code 
_pdbx_refine_tls_group.end_label_asym_id 
_pdbx_refine_tls_group.end_label_seq_id 
_pdbx_refine_tls_group.end_auth_asym_id 
_pdbx_refine_tls_group.end_auth_seq_id 
_pdbx_refine_tls_group.end_PDB_ins_code 
_pdbx_refine_tls_group.selection 
_pdbx_refine_tls_group.selection_details 
1 'X-RAY DIFFRACTION' 1 A ? A 16 ? A ? A 23 ? ? 
;chain 'A' and (resid 16 through 23 )
;
2 'X-RAY DIFFRACTION' 2 B ? B 4  ? B ? B 8  ? ? 
;chain 'B' and (resid 4 through 8 )
;
3 'X-RAY DIFFRACTION' 3 C ? C 9  ? C ? C 13 ? ? 
;chain 'C' and (resid 9 through 13 )
;
4 'X-RAY DIFFRACTION' 4 C ? C 14 ? C ? C 18 ? ? 
;chain 'C' and (resid 14 through 18 )
;
5 'X-RAY DIFFRACTION' 5 C ? C 19 ? C ? C 24 ? ? 
;chain 'C' and (resid 19 through 24 )
;
6 'X-RAY DIFFRACTION' 6 D ? D 1  ? D ? D 13 ? ? 
;chain 'D' and (resid 1 through 13 )
;
# 
loop_
_chem_comp_atom.comp_id 
_chem_comp_atom.atom_id 
_chem_comp_atom.type_symbol 
_chem_comp_atom.pdbx_aromatic_flag 
_chem_comp_atom.pdbx_stereo_config 
_chem_comp_atom.pdbx_ordinal 
DA OP3    O N N 1   
DA P      P N N 2   
DA OP1    O N N 3   
DA OP2    O N N 4   
DA "O5'"  O N N 5   
DA "C5'"  C N N 6   
DA "C4'"  C N R 7   
DA "O4'"  O N N 8   
DA "C3'"  C N S 9   
DA "O3'"  O N N 10  
DA "C2'"  C N N 11  
DA "C1'"  C N R 12  
DA N9     N Y N 13  
DA C8     C Y N 14  
DA N7     N Y N 15  
DA C5     C Y N 16  
DA C6     C Y N 17  
DA N6     N N N 18  
DA N1     N Y N 19  
DA C2     C Y N 20  
DA N3     N Y N 21  
DA C4     C Y N 22  
DA HOP3   H N N 23  
DA HOP2   H N N 24  
DA "H5'"  H N N 25  
DA "H5''" H N N 26  
DA "H4'"  H N N 27  
DA "H3'"  H N N 28  
DA "HO3'" H N N 29  
DA "H2'"  H N N 30  
DA "H2''" H N N 31  
DA "H1'"  H N N 32  
DA H8     H N N 33  
DA H61    H N N 34  
DA H62    H N N 35  
DA H2     H N N 36  
DC OP3    O N N 37  
DC P      P N N 38  
DC OP1    O N N 39  
DC OP2    O N N 40  
DC "O5'"  O N N 41  
DC "C5'"  C N N 42  
DC "C4'"  C N R 43  
DC "O4'"  O N N 44  
DC "C3'"  C N S 45  
DC "O3'"  O N N 46  
DC "C2'"  C N N 47  
DC "C1'"  C N R 48  
DC N1     N N N 49  
DC C2     C N N 50  
DC O2     O N N 51  
DC N3     N N N 52  
DC C4     C N N 53  
DC N4     N N N 54  
DC C5     C N N 55  
DC C6     C N N 56  
DC HOP3   H N N 57  
DC HOP2   H N N 58  
DC "H5'"  H N N 59  
DC "H5''" H N N 60  
DC "H4'"  H N N 61  
DC "H3'"  H N N 62  
DC "HO3'" H N N 63  
DC "H2'"  H N N 64  
DC "H2''" H N N 65  
DC "H1'"  H N N 66  
DC H41    H N N 67  
DC H42    H N N 68  
DC H5     H N N 69  
DC H6     H N N 70  
DG OP3    O N N 71  
DG P      P N N 72  
DG OP1    O N N 73  
DG OP2    O N N 74  
DG "O5'"  O N N 75  
DG "C5'"  C N N 76  
DG "C4'"  C N R 77  
DG "O4'"  O N N 78  
DG "C3'"  C N S 79  
DG "O3'"  O N N 80  
DG "C2'"  C N N 81  
DG "C1'"  C N R 82  
DG N9     N Y N 83  
DG C8     C Y N 84  
DG N7     N Y N 85  
DG C5     C Y N 86  
DG C6     C N N 87  
DG O6     O N N 88  
DG N1     N N N 89  
DG C2     C N N 90  
DG N2     N N N 91  
DG N3     N N N 92  
DG C4     C Y N 93  
DG HOP3   H N N 94  
DG HOP2   H N N 95  
DG "H5'"  H N N 96  
DG "H5''" H N N 97  
DG "H4'"  H N N 98  
DG "H3'"  H N N 99  
DG "HO3'" H N N 100 
DG "H2'"  H N N 101 
DG "H2''" H N N 102 
DG "H1'"  H N N 103 
DG H8     H N N 104 
DG H1     H N N 105 
DG H21    H N N 106 
DG H22    H N N 107 
DT OP3    O N N 108 
DT P      P N N 109 
DT OP1    O N N 110 
DT OP2    O N N 111 
DT "O5'"  O N N 112 
DT "C5'"  C N N 113 
DT "C4'"  C N R 114 
DT "O4'"  O N N 115 
DT "C3'"  C N S 116 
DT "O3'"  O N N 117 
DT "C2'"  C N N 118 
DT "C1'"  C N R 119 
DT N1     N N N 120 
DT C2     C N N 121 
DT O2     O N N 122 
DT N3     N N N 123 
DT C4     C N N 124 
DT O4     O N N 125 
DT C5     C N N 126 
DT C7     C N N 127 
DT C6     C N N 128 
DT HOP3   H N N 129 
DT HOP2   H N N 130 
DT "H5'"  H N N 131 
DT "H5''" H N N 132 
DT "H4'"  H N N 133 
DT "H3'"  H N N 134 
DT "HO3'" H N N 135 
DT "H2'"  H N N 136 
DT "H2''" H N N 137 
DT "H1'"  H N N 138 
DT H3     H N N 139 
DT H71    H N N 140 
DT H72    H N N 141 
DT H73    H N N 142 
DT H6     H N N 143 
# 
loop_
_chem_comp_bond.comp_id 
_chem_comp_bond.atom_id_1 
_chem_comp_bond.atom_id_2 
_chem_comp_bond.value_order 
_chem_comp_bond.pdbx_aromatic_flag 
_chem_comp_bond.pdbx_stereo_config 
_chem_comp_bond.pdbx_ordinal 
DA OP3   P      sing N N 1   
DA OP3   HOP3   sing N N 2   
DA P     OP1    doub N N 3   
DA P     OP2    sing N N 4   
DA P     "O5'"  sing N N 5   
DA OP2   HOP2   sing N N 6   
DA "O5'" "C5'"  sing N N 7   
DA "C5'" "C4'"  sing N N 8   
DA "C5'" "H5'"  sing N N 9   
DA "C5'" "H5''" sing N N 10  
DA "C4'" "O4'"  sing N N 11  
DA "C4'" "C3'"  sing N N 12  
DA "C4'" "H4'"  sing N N 13  
DA "O4'" "C1'"  sing N N 14  
DA "C3'" "O3'"  sing N N 15  
DA "C3'" "C2'"  sing N N 16  
DA "C3'" "H3'"  sing N N 17  
DA "O3'" "HO3'" sing N N 18  
DA "C2'" "C1'"  sing N N 19  
DA "C2'" "H2'"  sing N N 20  
DA "C2'" "H2''" sing N N 21  
DA "C1'" N9     sing N N 22  
DA "C1'" "H1'"  sing N N 23  
DA N9    C8     sing Y N 24  
DA N9    C4     sing Y N 25  
DA C8    N7     doub Y N 26  
DA C8    H8     sing N N 27  
DA N7    C5     sing Y N 28  
DA C5    C6     sing Y N 29  
DA C5    C4     doub Y N 30  
DA C6    N6     sing N N 31  
DA C6    N1     doub Y N 32  
DA N6    H61    sing N N 33  
DA N6    H62    sing N N 34  
DA N1    C2     sing Y N 35  
DA C2    N3     doub Y N 36  
DA C2    H2     sing N N 37  
DA N3    C4     sing Y N 38  
DC OP3   P      sing N N 39  
DC OP3   HOP3   sing N N 40  
DC P     OP1    doub N N 41  
DC P     OP2    sing N N 42  
DC P     "O5'"  sing N N 43  
DC OP2   HOP2   sing N N 44  
DC "O5'" "C5'"  sing N N 45  
DC "C5'" "C4'"  sing N N 46  
DC "C5'" "H5'"  sing N N 47  
DC "C5'" "H5''" sing N N 48  
DC "C4'" "O4'"  sing N N 49  
DC "C4'" "C3'"  sing N N 50  
DC "C4'" "H4'"  sing N N 51  
DC "O4'" "C1'"  sing N N 52  
DC "C3'" "O3'"  sing N N 53  
DC "C3'" "C2'"  sing N N 54  
DC "C3'" "H3'"  sing N N 55  
DC "O3'" "HO3'" sing N N 56  
DC "C2'" "C1'"  sing N N 57  
DC "C2'" "H2'"  sing N N 58  
DC "C2'" "H2''" sing N N 59  
DC "C1'" N1     sing N N 60  
DC "C1'" "H1'"  sing N N 61  
DC N1    C2     sing N N 62  
DC N1    C6     sing N N 63  
DC C2    O2     doub N N 64  
DC C2    N3     sing N N 65  
DC N3    C4     doub N N 66  
DC C4    N4     sing N N 67  
DC C4    C5     sing N N 68  
DC N4    H41    sing N N 69  
DC N4    H42    sing N N 70  
DC C5    C6     doub N N 71  
DC C5    H5     sing N N 72  
DC C6    H6     sing N N 73  
DG OP3   P      sing N N 74  
DG OP3   HOP3   sing N N 75  
DG P     OP1    doub N N 76  
DG P     OP2    sing N N 77  
DG P     "O5'"  sing N N 78  
DG OP2   HOP2   sing N N 79  
DG "O5'" "C5'"  sing N N 80  
DG "C5'" "C4'"  sing N N 81  
DG "C5'" "H5'"  sing N N 82  
DG "C5'" "H5''" sing N N 83  
DG "C4'" "O4'"  sing N N 84  
DG "C4'" "C3'"  sing N N 85  
DG "C4'" "H4'"  sing N N 86  
DG "O4'" "C1'"  sing N N 87  
DG "C3'" "O3'"  sing N N 88  
DG "C3'" "C2'"  sing N N 89  
DG "C3'" "H3'"  sing N N 90  
DG "O3'" "HO3'" sing N N 91  
DG "C2'" "C1'"  sing N N 92  
DG "C2'" "H2'"  sing N N 93  
DG "C2'" "H2''" sing N N 94  
DG "C1'" N9     sing N N 95  
DG "C1'" "H1'"  sing N N 96  
DG N9    C8     sing Y N 97  
DG N9    C4     sing Y N 98  
DG C8    N7     doub Y N 99  
DG C8    H8     sing N N 100 
DG N7    C5     sing Y N 101 
DG C5    C6     sing N N 102 
DG C5    C4     doub Y N 103 
DG C6    O6     doub N N 104 
DG C6    N1     sing N N 105 
DG N1    C2     sing N N 106 
DG N1    H1     sing N N 107 
DG C2    N2     sing N N 108 
DG C2    N3     doub N N 109 
DG N2    H21    sing N N 110 
DG N2    H22    sing N N 111 
DG N3    C4     sing N N 112 
DT OP3   P      sing N N 113 
DT OP3   HOP3   sing N N 114 
DT P     OP1    doub N N 115 
DT P     OP2    sing N N 116 
DT P     "O5'"  sing N N 117 
DT OP2   HOP2   sing N N 118 
DT "O5'" "C5'"  sing N N 119 
DT "C5'" "C4'"  sing N N 120 
DT "C5'" "H5'"  sing N N 121 
DT "C5'" "H5''" sing N N 122 
DT "C4'" "O4'"  sing N N 123 
DT "C4'" "C3'"  sing N N 124 
DT "C4'" "H4'"  sing N N 125 
DT "O4'" "C1'"  sing N N 126 
DT "C3'" "O3'"  sing N N 127 
DT "C3'" "C2'"  sing N N 128 
DT "C3'" "H3'"  sing N N 129 
DT "O3'" "HO3'" sing N N 130 
DT "C2'" "C1'"  sing N N 131 
DT "C2'" "H2'"  sing N N 132 
DT "C2'" "H2''" sing N N 133 
DT "C1'" N1     sing N N 134 
DT "C1'" "H1'"  sing N N 135 
DT N1    C2     sing N N 136 
DT N1    C6     sing N N 137 
DT C2    O2     doub N N 138 
DT C2    N3     sing N N 139 
DT N3    C4     sing N N 140 
DT N3    H3     sing N N 141 
DT C4    O4     doub N N 142 
DT C4    C5     sing N N 143 
DT C5    C7     sing N N 144 
DT C5    C6     doub N N 145 
DT C7    H71    sing N N 146 
DT C7    H72    sing N N 147 
DT C7    H73    sing N N 148 
DT C6    H6     sing N N 149 
# 
loop_
_ndb_struct_conf_na.entry_id 
_ndb_struct_conf_na.feature 
9NJZ 'double helix'        
9NJZ 'b-form double helix' 
# 
loop_
_ndb_struct_na_base_pair.model_number 
_ndb_struct_na_base_pair.i_label_asym_id 
_ndb_struct_na_base_pair.i_label_comp_id 
_ndb_struct_na_base_pair.i_label_seq_id 
_ndb_struct_na_base_pair.i_symmetry 
_ndb_struct_na_base_pair.j_label_asym_id 
_ndb_struct_na_base_pair.j_label_comp_id 
_ndb_struct_na_base_pair.j_label_seq_id 
_ndb_struct_na_base_pair.j_symmetry 
_ndb_struct_na_base_pair.shear 
_ndb_struct_na_base_pair.stretch 
_ndb_struct_na_base_pair.stagger 
_ndb_struct_na_base_pair.buckle 
_ndb_struct_na_base_pair.propeller 
_ndb_struct_na_base_pair.opening 
_ndb_struct_na_base_pair.pair_number 
_ndb_struct_na_base_pair.pair_name 
_ndb_struct_na_base_pair.i_auth_asym_id 
_ndb_struct_na_base_pair.i_auth_seq_id 
_ndb_struct_na_base_pair.i_PDB_ins_code 
_ndb_struct_na_base_pair.j_auth_asym_id 
_ndb_struct_na_base_pair.j_auth_seq_id 
_ndb_struct_na_base_pair.j_PDB_ins_code 
_ndb_struct_na_base_pair.hbond_type_28 
_ndb_struct_na_base_pair.hbond_type_12 
1 A DC 1  1_555 B DG 5  1_555 0.054  -0.528 1.365  6.746   -6.361  0.445  1  A_DC16:DG8_B  A 16 ? B 8  ? 19 1 
1 A DA 2  1_555 B DT 4  1_555 0.262  -0.013 0.708  -4.101  -20.529 -6.727 2  A_DA17:DT7_B  A 17 ? B 7  ? 20 1 
1 A DC 3  1_555 B DG 3  1_555 0.167  -0.119 0.710  -6.184  -10.090 -1.650 3  A_DC18:DG6_B  A 18 ? B 6  ? 19 1 
1 A DA 4  1_555 B DT 2  1_555 0.065  -0.171 -0.568 -3.895  -12.208 12.445 4  A_DA19:DT5_B  A 19 ? B 5  ? 20 1 
1 C DA 1  1_555 A DT 8  1_555 0.262  -0.113 0.975  1.072   -10.455 -9.948 5  C_DA9:DT23_A  C 9  ? A 23 ? 20 1 
1 C DC 2  1_555 A DG 7  1_555 0.218  -0.150 0.415  -8.049  -4.672  -0.804 6  C_DC10:DG22_A C 10 ? A 22 ? 19 1 
1 C DG 3  1_555 A DC 6  1_555 -0.022 -0.208 0.373  -4.274  3.768   -0.589 7  C_DG11:DC21_A C 11 ? A 21 ? 19 1 
1 C DG 4  1_555 A DC 5  1_555 -0.169 -0.158 -0.157 -5.375  -6.256  0.806  8  C_DG12:DC20_A C 12 ? A 20 ? 19 1 
1 C DA 5  1_555 D DT 13 1_555 0.092  -0.179 0.849  6.550   -7.671  -6.081 9  C_DA13:DT13_D C 13 ? D 13 ? 20 1 
1 C DC 6  1_555 D DG 12 1_555 0.155  -0.230 0.652  -1.148  -5.876  -2.120 10 C_DC14:DG12_D C 14 ? D 12 ? 19 1 
1 C DA 7  1_555 D DT 11 1_555 0.147  -0.092 0.294  -3.628  -4.510  -4.393 11 C_DA15:DT11_D C 15 ? D 11 ? 20 1 
1 C DG 8  1_555 D DC 10 1_555 -0.126 -0.252 -0.710 -3.210  -0.545  0.780  12 C_DG16:DC10_D C 16 ? D 10 ? 19 1 
1 C DC 9  1_555 D DG 9  1_555 0.150  -0.209 -0.674 3.377   0.672   -1.564 13 C_DC17:DG9_D  C 17 ? D 9  ? 19 1 
1 C DA 10 1_555 D DT 8  1_555 0.102  -0.062 0.162  -2.114  4.362   -1.508 14 C_DA18:DT8_D  C 18 ? D 8  ? 20 1 
1 C DC 11 1_555 D DG 7  1_555 0.179  -0.203 -0.501 3.279   3.670   -1.102 15 C_DC19:DG7_D  C 19 ? D 7  ? 19 1 
1 C DG 12 1_555 D DC 6  1_555 -0.177 -0.180 -0.614 -2.304  -4.120  -0.982 16 C_DG20:DC6_D  C 20 ? D 6  ? 19 1 
1 C DT 13 1_555 D DA 5  1_555 -0.114 -0.116 -0.195 0.853   -0.194  0.590  17 C_DT21:DA5_D  C 21 ? D 5  ? 20 1 
1 C DG 14 1_555 D DC 4  1_555 -0.198 -0.128 -0.284 -2.012  -4.573  -1.071 18 C_DG22:DC4_D  C 22 ? D 4  ? 19 1 
1 C DC 15 1_555 D DG 3  1_555 0.131  -0.139 0.308  -0.592  -3.897  1.740  19 C_DC23:DG3_D  C 23 ? D 3  ? 19 1 
1 C DA 16 1_555 D DT 2  1_555 0.574  -0.176 -0.289 -11.935 -17.381 -4.663 20 C_DA24:DT2_D  C 24 ? D 2  ? 20 1 
# 
loop_
_ndb_struct_na_base_pair_step.model_number 
_ndb_struct_na_base_pair_step.i_label_asym_id_1 
_ndb_struct_na_base_pair_step.i_label_comp_id_1 
_ndb_struct_na_base_pair_step.i_label_seq_id_1 
_ndb_struct_na_base_pair_step.i_symmetry_1 
_ndb_struct_na_base_pair_step.j_label_asym_id_1 
_ndb_struct_na_base_pair_step.j_label_comp_id_1 
_ndb_struct_na_base_pair_step.j_label_seq_id_1 
_ndb_struct_na_base_pair_step.j_symmetry_1 
_ndb_struct_na_base_pair_step.i_label_asym_id_2 
_ndb_struct_na_base_pair_step.i_label_comp_id_2 
_ndb_struct_na_base_pair_step.i_label_seq_id_2 
_ndb_struct_na_base_pair_step.i_symmetry_2 
_ndb_struct_na_base_pair_step.j_label_asym_id_2 
_ndb_struct_na_base_pair_step.j_label_comp_id_2 
_ndb_struct_na_base_pair_step.j_label_seq_id_2 
_ndb_struct_na_base_pair_step.j_symmetry_2 
_ndb_struct_na_base_pair_step.shift 
_ndb_struct_na_base_pair_step.slide 
_ndb_struct_na_base_pair_step.rise 
_ndb_struct_na_base_pair_step.tilt 
_ndb_struct_na_base_pair_step.roll 
_ndb_struct_na_base_pair_step.twist 
_ndb_struct_na_base_pair_step.x_displacement 
_ndb_struct_na_base_pair_step.y_displacement 
_ndb_struct_na_base_pair_step.helical_rise 
_ndb_struct_na_base_pair_step.inclination 
_ndb_struct_na_base_pair_step.tip 
_ndb_struct_na_base_pair_step.helical_twist 
_ndb_struct_na_base_pair_step.step_number 
_ndb_struct_na_base_pair_step.step_name 
_ndb_struct_na_base_pair_step.i_auth_asym_id_1 
_ndb_struct_na_base_pair_step.i_auth_seq_id_1 
_ndb_struct_na_base_pair_step.i_PDB_ins_code_1 
_ndb_struct_na_base_pair_step.j_auth_asym_id_1 
_ndb_struct_na_base_pair_step.j_auth_seq_id_1 
_ndb_struct_na_base_pair_step.j_PDB_ins_code_1 
_ndb_struct_na_base_pair_step.i_auth_asym_id_2 
_ndb_struct_na_base_pair_step.i_auth_seq_id_2 
_ndb_struct_na_base_pair_step.i_PDB_ins_code_2 
_ndb_struct_na_base_pair_step.j_auth_asym_id_2 
_ndb_struct_na_base_pair_step.j_auth_seq_id_2 
_ndb_struct_na_base_pair_step.j_PDB_ins_code_2 
1 A DC 1  1_555 B DG 5  1_555 A DA 2  1_555 B DT 4  1_555 -1.079 -0.491 3.200 1.847   3.364  39.957 -1.086 1.775  3.099 4.909   
-2.695  40.134 1  AA_DC16DA17:DT7DG8_BB   A 16 ? B 8  ? A 17 ? B 7  ? 
1 A DA 2  1_555 B DT 4  1_555 A DC 3  1_555 B DG 3  1_555 -0.555 -0.426 3.115 -4.197  -5.244 29.215 0.232  0.228  3.188 -10.227 
8.184   29.961 2  AA_DA17DC18:DG6DT7_BB   A 17 ? B 7  ? A 18 ? B 6  ? 
1 A DC 3  1_555 B DG 3  1_555 A DA 4  1_555 B DT 2  1_555 -0.043 0.602  3.231 7.627   0.865  33.551 0.885  1.250  3.160 1.475   
-13.001 34.393 3  AA_DC18DA19:DT5DG6_BB   A 18 ? B 6  ? A 19 ? B 5  ? 
1 C DA 1  1_555 A DT 8  1_555 C DC 2  1_555 A DG 7  1_555 -0.181 -1.503 3.358 4.635   -1.415 27.334 -2.782 1.531  3.354 -2.964  
-9.712  27.753 4  CC_DA9DC10:DG22DT23_AA  C 9  ? A 23 ? C 10 ? A 22 ? 
1 C DC 2  1_555 A DG 7  1_555 C DG 3  1_555 A DC 6  1_555 0.044  -0.346 3.231 3.761   3.624  29.231 -1.424 0.691  3.147 7.109   
-7.377  29.684 5  CC_DC10DG11:DC21DG22_AA C 10 ? A 22 ? C 11 ? A 21 ? 
1 C DG 3  1_555 A DC 6  1_555 C DG 4  1_555 A DC 5  1_555 0.536  -0.640 3.203 3.724   6.744  38.365 -1.743 -0.366 3.088 10.137  
-5.598  39.102 6  CC_DG11DG12:DC20DC21_AA C 11 ? A 21 ? C 12 ? A 20 ? 
1 C DG 4  1_555 A DC 5  1_555 C DA 5  1_555 D DT 13 1_555 -1.442 0.298  2.704 -12.694 2.818  40.001 0.153  0.827  3.019 3.994   
17.990  41.979 7  CC_DG12DA13:DT13DC20_DA C 12 ? A 20 ? C 13 ? D 13 ? 
1 C DA 5  1_555 D DT 13 1_555 C DC 6  1_555 D DG 12 1_555 0.153  -1.234 3.395 1.811   -1.058 32.096 -2.029 0.062  3.436 -1.911  
-3.271  32.163 8  CC_DA13DC14:DG12DT13_DD C 13 ? D 13 ? C 14 ? D 12 ? 
1 C DC 6  1_555 D DG 12 1_555 C DA 7  1_555 D DT 11 1_555 -0.972 0.787  3.216 -1.074  0.819  33.509 1.231  1.510  3.263 1.420   
1.861   33.536 9  CC_DC14DA15:DT11DG12_DD C 14 ? D 12 ? C 15 ? D 11 ? 
1 C DA 7  1_555 D DT 11 1_555 C DG 8  1_555 D DC 10 1_555 -0.115 -0.592 3.577 -1.050  4.205  35.571 -1.618 0.023  3.488 6.852   
1.710   35.825 10 CC_DA15DG16:DC10DT11_DD C 15 ? D 11 ? C 16 ? D 10 ? 
1 C DG 8  1_555 D DC 10 1_555 C DC 9  1_555 D DG 9  1_555 0.219  -0.676 3.178 -0.948  0.011  32.261 -1.217 -0.558 3.170 0.019   
1.705   32.274 11 CC_DG16DC17:DG9DC10_DD  C 16 ? D 10 ? C 17 ? D 9  ? 
1 C DC 9  1_555 D DG 9  1_555 C DA 10 1_555 D DT 8  1_555 -0.887 -0.469 3.872 -2.411  2.712  40.056 -1.048 0.966  3.879 3.949   
3.511   40.213 12 CC_DC17DA18:DT8DG9_DD   C 17 ? D 9  ? C 18 ? D 8  ? 
1 C DA 10 1_555 D DT 8  1_555 C DC 11 1_555 D DG 7  1_555 0.085  -0.832 3.188 3.440   3.304  32.822 -1.993 0.408  3.085 5.809   
-6.048  33.158 13 CC_DA18DC19:DG7DT8_DD   C 18 ? D 8  ? C 19 ? D 7  ? 
1 C DC 11 1_555 D DG 7  1_555 C DG 12 1_555 D DC 6  1_555 -0.110 -0.125 3.620 1.386   6.079  41.476 -0.874 0.313  3.562 8.525   
-1.944  41.922 14 CC_DC19DG20:DC6DG7_DD   C 19 ? D 7  ? C 20 ? D 6  ? 
1 C DG 12 1_555 D DC 6  1_555 C DT 13 1_555 D DA 5  1_555 -0.080 -0.339 3.246 -2.886  2.880  28.142 -1.344 -0.492 3.188 5.884   
5.897   28.430 15 CC_DG20DT21:DA5DC6_DD   C 20 ? D 6  ? C 21 ? D 5  ? 
1 C DT 13 1_555 D DA 5  1_555 C DG 14 1_555 D DC 4  1_555 0.289  -0.303 3.730 -3.393  1.931  31.196 -0.969 -1.253 3.654 3.574   
6.278   31.433 16 CC_DT21DG22:DC4DA5_DD   C 21 ? D 5  ? C 22 ? D 4  ? 
1 C DG 14 1_555 D DC 4  1_555 C DC 15 1_555 D DG 3  1_555 0.114  -0.374 3.250 -0.613  -0.420 38.723 -0.514 -0.246 3.252 -0.633  
0.924   38.730 17 CC_DG22DC23:DG3DC4_DD   C 22 ? D 4  ? C 23 ? D 3  ? 
1 C DC 15 1_555 D DG 3  1_555 C DA 16 1_555 D DT 2  1_555 -0.781 -0.206 3.633 -0.064  16.097 36.601 -2.356 1.138  3.267 24.243  
0.096   39.873 18 CC_DC23DA24:DT2DG3_DD   C 23 ? D 3  ? C 24 ? D 2  ? 
# 
loop_
_pdbx_audit_support.funding_organization 
_pdbx_audit_support.country 
_pdbx_audit_support.grant_number 
_pdbx_audit_support.ordinal 
'Office of Naval Research (ONR)'                   'United States' N000141912596 1 
'Department of Energy (DOE, United States)'        'United States' DE-SC0007991  2 
'National Science Foundation (NSF, United States)' 'United States' CCF-2106790   3 
'National Science Foundation (NSF, United States)' 'United States' GCR-2317843   4 
# 
_pdbx_initial_refinement_model.id               1 
_pdbx_initial_refinement_model.entity_id_list   ? 
_pdbx_initial_refinement_model.type             'experimental model' 
_pdbx_initial_refinement_model.source_name      PDB 
_pdbx_initial_refinement_model.accession_code   8D93 
_pdbx_initial_refinement_model.details          tensegrity 
# 
_space_group.name_H-M_alt     'H 3' 
_space_group.name_Hall        'H 3' 
_space_group.IT_number        146 
_space_group.crystal_system   trigonal 
_space_group.id               1 
# 
_atom_sites.entry_id                    9NJZ 
_atom_sites.Cartn_transf_matrix[1][1]   ? 
_atom_sites.Cartn_transf_matrix[1][2]   ? 
_atom_sites.Cartn_transf_matrix[1][3]   ? 
_atom_sites.Cartn_transf_matrix[2][1]   ? 
_atom_sites.Cartn_transf_matrix[2][2]   ? 
_atom_sites.Cartn_transf_matrix[2][3]   ? 
_atom_sites.Cartn_transf_matrix[3][1]   ? 
_atom_sites.Cartn_transf_matrix[3][2]   ? 
_atom_sites.Cartn_transf_matrix[3][3]   ? 
_atom_sites.Cartn_transf_vector[1]      ? 
_atom_sites.Cartn_transf_vector[2]      ? 
_atom_sites.Cartn_transf_vector[3]      ? 
_atom_sites.Cartn_transform_axes        ? 
_atom_sites.fract_transf_matrix[1][1]   -0.00794164 
_atom_sites.fract_transf_matrix[1][2]   -0.00475928 
_atom_sites.fract_transf_matrix[1][3]   -0.00677999 
_atom_sites.fract_transf_matrix[2][1]   -0.01040346 
_atom_sites.fract_transf_matrix[2][2]   -0.00243879 
_atom_sites.fract_transf_matrix[2][3]   0.00418556 
_atom_sites.fract_transf_matrix[3][1]   -0.00289984 
_atom_sites.fract_transf_matrix[3][2]   0.00825484 
_atom_sites.fract_transf_matrix[3][3]   -0.00239788 
_atom_sites.fract_transf_vector[1]      0.244706 
_atom_sites.fract_transf_vector[2]      -0.025563 
_atom_sites.fract_transf_vector[3]      -0.178880 
_atom_sites.solution_primary            ? 
_atom_sites.solution_secondary          ? 
_atom_sites.solution_hydrogens          ? 
_atom_sites.special_details             ? 
# 
loop_
_atom_type.symbol 
_atom_type.scat_dispersion_real 
_atom_type.scat_dispersion_imag 
_atom_type.scat_Cromer_Mann_a1 
_atom_type.scat_Cromer_Mann_a2 
_atom_type.scat_Cromer_Mann_a3 
_atom_type.scat_Cromer_Mann_a4 
_atom_type.scat_Cromer_Mann_b1 
_atom_type.scat_Cromer_Mann_b2 
_atom_type.scat_Cromer_Mann_b3 
_atom_type.scat_Cromer_Mann_b4 
_atom_type.scat_Cromer_Mann_c 
_atom_type.scat_source 
_atom_type.scat_dispersion_source 
C ? ? 5.96793  ? ? ? 14.89577 ? ? ? 0.0 
;1-Gaussian fit: Grosse-Kunstleve RW, Sauter NK, Adams PD: Newsletter of the IUCr Commission on Crystallographic Computing 2004, 3, 22-31.
;
? 
N ? ? 6.96715  ? ? ? 11.43723 ? ? ? 0.0 
;1-Gaussian fit: Grosse-Kunstleve RW, Sauter NK, Adams PD: Newsletter of the IUCr Commission on Crystallographic Computing 2004, 3, 22-31.
;
? 
O ? ? 7.96527  ? ? ? 9.05267  ? ? ? 0.0 
;1-Gaussian fit: Grosse-Kunstleve RW, Sauter NK, Adams PD: Newsletter of the IUCr Commission on Crystallographic Computing 2004, 3, 22-31.
;
? 
P ? ? 14.90797 ? ? ? 11.91318 ? ? ? 0.0 
;1-Gaussian fit: Grosse-Kunstleve RW, Sauter NK, Adams PD: Newsletter of the IUCr Commission on Crystallographic Computing 2004, 3, 22-31.
;
? 
# 
loop_
_atom_site.group_PDB 
_atom_site.id 
_atom_site.type_symbol 
_atom_site.label_atom_id 
_atom_site.label_alt_id 
_atom_site.label_comp_id 
_atom_site.label_asym_id 
_atom_site.label_entity_id 
_atom_site.label_seq_id 
_atom_site.pdbx_PDB_ins_code 
_atom_site.Cartn_x 
_atom_site.Cartn_y 
_atom_site.Cartn_z 
_atom_site.occupancy 
_atom_site.B_iso_or_equiv 
_atom_site.pdbx_formal_charge 
_atom_site.auth_seq_id 
_atom_site.auth_comp_id 
_atom_site.auth_asym_id 
_atom_site.auth_atom_id 
_atom_site.pdbx_PDB_model_num 
ATOM 1   P P     . DC A 1 1  ? 18.92861  21.97451  3.72595   1.000 285.97517 ? 16 DC A P     1 
ATOM 2   O OP1   . DC A 1 1  ? 20.35420  21.78032  4.09908   1.000 290.05624 ? 16 DC A OP1   1 
ATOM 3   O OP2   . DC A 1 1  ? 18.51805  22.05244  2.30396   1.000 289.14457 ? 16 DC A OP2   1 
ATOM 4   O "O5'" . DC A 1 1  ? 18.04387  20.83438  4.41594   1.000 272.71257 ? 16 DC A "O5'" 1 
ATOM 5   C "C5'" . DC A 1 1  ? 18.55064  19.51305  4.52452   1.000 268.21050 ? 16 DC A "C5'" 1 
ATOM 6   C "C4'" . DC A 1 1  ? 17.43883  18.53079  4.84082   1.000 259.17566 ? 16 DC A "C4'" 1 
ATOM 7   O "O4'" . DC A 1 1  ? 16.87806  18.80467  6.15918   1.000 256.12889 ? 16 DC A "O4'" 1 
ATOM 8   C "C3'" . DC A 1 1  ? 16.24805  18.54837  3.87089   1.000 256.12677 ? 16 DC A "C3'" 1 
ATOM 9   O "O3'" . DC A 1 1  ? 15.87832  17.20931  3.56725   1.000 251.41423 ? 16 DC A "O3'" 1 
ATOM 10  C "C2'" . DC A 1 1  ? 15.16084  19.24074  4.69764   1.000 252.99738 ? 16 DC A "C2'" 1 
ATOM 11  C "C1'" . DC A 1 1  ? 15.48580  18.66646  6.06182   1.000 250.88760 ? 16 DC A "C1'" 1 
ATOM 12  N N1    . DC A 1 1  ? 14.81855  19.34340  7.22426   1.000 248.79482 ? 16 DC A N1    1 
ATOM 13  C C2    . DC A 1 1  ? 13.88154  18.63132  7.96795   1.000 243.91091 ? 16 DC A C2    1 
ATOM 14  O O2    . DC A 1 1  ? 13.61914  17.47133  7.65157   1.000 242.51309 ? 16 DC A O2    1 
ATOM 15  N N3    . DC A 1 1  ? 13.28380  19.23131  9.01978   1.000 241.88043 ? 16 DC A N3    1 
ATOM 16  C C4    . DC A 1 1  ? 13.58520  20.48626  9.33215   1.000 243.67676 ? 16 DC A C4    1 
ATOM 17  N N4    . DC A 1 1  ? 12.96349  21.03099  10.38542  1.000 239.85098 ? 16 DC A N4    1 
ATOM 18  C C5    . DC A 1 1  ? 14.54243  21.23394  8.58818   1.000 250.12665 ? 16 DC A C5    1 
ATOM 19  C C6    . DC A 1 1  ? 15.12834  20.62701  7.54950   1.000 252.80091 ? 16 DC A C6    1 
ATOM 20  P P     . DA A 1 2  ? 15.63069  16.74863  2.04998   1.000 245.52128 ? 17 DA A P     1 
ATOM 21  O OP1   . DA A 1 2  ? 16.83494  15.99165  1.62729   1.000 252.33049 ? 17 DA A OP1   1 
ATOM 22  O OP2   . DA A 1 2  ? 15.18953  17.94312  1.29300   1.000 248.32654 ? 17 DA A OP2   1 
ATOM 23  O "O5'" . DA A 1 2  ? 14.36932  15.75971  2.14968   1.000 240.25265 ? 17 DA A "O5'" 1 
ATOM 24  C "C5'" . DA A 1 2  ? 14.45244  14.58423  2.94356   1.000 239.63383 ? 17 DA A "C5'" 1 
ATOM 25  C "C4'" . DA A 1 2  ? 13.13031  14.28582  3.64001   1.000 235.92178 ? 17 DA A "C4'" 1 
ATOM 26  O "O4'" . DA A 1 2  ? 12.86982  15.25670  4.69062   1.000 234.82139 ? 17 DA A "O4'" 1 
ATOM 27  C "C3'" . DA A 1 2  ? 11.88442  14.31553  2.75954   1.000 233.90111 ? 17 DA A "C3'" 1 
ATOM 28  O "O3'" . DA A 1 2  ? 10.98669  13.33573  3.25294   1.000 233.96472 ? 17 DA A "O3'" 1 
ATOM 29  C "C2'" . DA A 1 2  ? 11.34289  15.71938  3.03760   1.000 232.29273 ? 17 DA A "C2'" 1 
ATOM 30  C "C1'" . DA A 1 2  ? 11.55251  15.73236  4.53129   1.000 232.23759 ? 17 DA A "C1'" 1 
ATOM 31  N N9    . DA A 1 2  ? 11.43994  17.02455  5.19634   1.000 231.67353 ? 17 DA A N9    1 
ATOM 32  C C8    . DA A 1 2  ? 12.11336  18.17638  4.91191   1.000 234.26721 ? 17 DA A C8    1 
ATOM 33  N N7    . DA A 1 2  ? 11.83175  19.17001  5.72587   1.000 234.08336 ? 17 DA A N7    1 
ATOM 34  C C5    . DA A 1 2  ? 10.91775  18.62104  6.61355   1.000 230.44772 ? 17 DA A C5    1 
ATOM 35  C C6    . DA A 1 2  ? 10.22278  19.15271  7.72938   1.000 228.22430 ? 17 DA A C6    1 
ATOM 36  N N6    . DA A 1 2  ? 10.35616  20.41867  8.15421   1.000 228.04128 ? 17 DA A N6    1 
ATOM 37  N N1    . DA A 1 2  ? 9.38044   18.31945  8.39922   1.000 226.97435 ? 17 DA A N1    1 
ATOM 38  C C2    . DA A 1 2  ? 9.25586   17.05191  7.97341   1.000 228.31294 ? 17 DA A C2    1 
ATOM 39  N N3    . DA A 1 2  ? 9.85174   16.44984  6.94315   1.000 229.35639 ? 17 DA A N3    1 
ATOM 40  C C4    . DA A 1 2  ? 10.68232  17.29332  6.30760   1.000 229.98377 ? 17 DA A C4    1 
ATOM 41  P P     . DC A 1 3  ? 10.69855  11.97968  2.44029   1.000 230.18096 ? 18 DC A P     1 
ATOM 42  O OP1   . DC A 1 3  ? 10.31278  10.94223  3.42134   1.000 233.80460 ? 18 DC A OP1   1 
ATOM 43  O OP2   . DC A 1 3  ? 11.81874  11.73698  1.50237   1.000 234.38926 ? 18 DC A OP2   1 
ATOM 44  O "O5'" . DC A 1 3  ? 9.38525   12.32994  1.61740   1.000 228.11771 ? 18 DC A "O5'" 1 
ATOM 45  C "C5'" . DC A 1 3  ? 8.52026   13.33972  2.10664   1.000 225.28808 ? 18 DC A "C5'" 1 
ATOM 46  C "C4'" . DC A 1 3  ? 7.88531   12.91538  3.41509   1.000 226.88871 ? 18 DC A "C4'" 1 
ATOM 47  O "O4'" . DC A 1 3  ? 8.18576   13.89440  4.44717   1.000 224.91559 ? 18 DC A "O4'" 1 
ATOM 48  C "C3'" . DC A 1 3  ? 6.37919   12.85037  3.37073   1.000 227.07962 ? 18 DC A "C3'" 1 
ATOM 49  O "O3'" . DC A 1 3  ? 5.91401   11.99593  4.38170   1.000 231.83847 ? 18 DC A "O3'" 1 
ATOM 50  C "C2'" . DC A 1 3  ? 6.01448   14.29274  3.65835   1.000 222.75757 ? 18 DC A "C2'" 1 
ATOM 51  C "C1'" . DC A 1 3  ? 7.00586   14.61650  4.76200   1.000 222.84002 ? 18 DC A "C1'" 1 
ATOM 52  N N1    . DC A 1 3  ? 7.35531   16.06479  4.87600   1.000 220.06065 ? 18 DC A N1    1 
ATOM 53  C C2    . DC A 1 3  ? 6.78422   16.84126  5.89399   1.000 218.86904 ? 18 DC A C2    1 
ATOM 54  O O2    . DC A 1 3  ? 5.97868   16.31575  6.67834   1.000 220.38036 ? 18 DC A O2    1 
ATOM 55  N N3    . DC A 1 3  ? 7.13300   18.14861  5.99274   1.000 217.38861 ? 18 DC A N3    1 
ATOM 56  C C4    . DC A 1 3  ? 8.00651   18.67372  5.12485   1.000 218.57253 ? 18 DC A C4    1 
ATOM 57  N N4    . DC A 1 3  ? 8.32217   19.96181  5.26167   1.000 219.20259 ? 18 DC A N4    1 
ATOM 58  C C5    . DC A 1 3  ? 8.59304   17.90044  4.08401   1.000 220.19473 ? 18 DC A C5    1 
ATOM 59  C C6    . DC A 1 3  ? 8.24612   16.61402  4.00210   1.000 220.18695 ? 18 DC A C6    1 
ATOM 60  P P     . DA A 1 4  ? 4.56044   11.16605  4.15296   1.000 228.21054 ? 19 DA A P     1 
ATOM 61  O OP1   . DA A 1 4  ? 4.93391   9.75604   3.91693   1.000 235.57239 ? 19 DA A OP1   1 
ATOM 62  O OP2   . DA A 1 4  ? 3.76844   11.88718  3.13649   1.000 223.66107 ? 19 DA A OP2   1 
ATOM 63  O "O5'" . DA A 1 4  ? 3.80424   11.27923  5.55546   1.000 232.71349 ? 19 DA A "O5'" 1 
ATOM 64  C "C5'" . DA A 1 4  ? 3.94342   12.46357  6.33924   1.000 228.15904 ? 19 DA A "C5'" 1 
ATOM 65  C "C4'" . DA A 1 4  ? 2.60845   13.14470  6.51894   1.000 228.88291 ? 19 DA A "C4'" 1 
ATOM 66  O "O4'" . DA A 1 4  ? 2.81992   14.56449  6.62979   1.000 222.33358 ? 19 DA A "O4'" 1 
ATOM 67  C "C3'" . DA A 1 4  ? 1.66510   12.91718  5.36318   1.000 228.73480 ? 19 DA A "C3'" 1 
ATOM 68  O "O3'" . DA A 1 4  ? 0.52977   12.12660  5.77380   1.000 238.33750 ? 19 DA A "O3'" 1 
ATOM 69  C "C2'" . DA A 1 4  ? 1.29314   14.30449  4.81927   1.000 220.49244 ? 19 DA A "C2'" 1 
ATOM 70  C "C1'" . DA A 1 4  ? 2.00771   15.28815  5.73729   1.000 217.62878 ? 19 DA A "C1'" 1 
ATOM 71  N N9    . DA A 1 4  ? 2.86909   16.24058  5.04987   1.000 210.87246 ? 19 DA A N9    1 
ATOM 72  C C8    . DA A 1 4  ? 3.50728   16.08059  3.85594   1.000 209.52819 ? 19 DA A C8    1 
ATOM 73  N N7    . DA A 1 4  ? 4.25257   17.10973  3.50866   1.000 207.05082 ? 19 DA A N7    1 
ATOM 74  C C5    . DA A 1 4  ? 4.08070   18.00687  4.55012   1.000 205.86439 ? 19 DA A C5    1 
ATOM 75  C C6    . DA A 1 4  ? 4.58879   19.30735  4.79955   1.000 204.13897 ? 19 DA A C6    1 
ATOM 76  N N6    . DA A 1 4  ? 5.42301   19.96156  3.96956   1.000 205.01608 ? 19 DA A N6    1 
ATOM 77  N N1    . DA A 1 4  ? 4.20439   19.91413  5.94967   1.000 202.63413 ? 19 DA A N1    1 
ATOM 78  C C2    . DA A 1 4  ? 3.37436   19.26525  6.77400   1.000 203.93916 ? 19 DA A C2    1 
ATOM 79  N N3    . DA A 1 4  ? 2.84436   18.05561  6.65190   1.000 208.00635 ? 19 DA A N3    1 
ATOM 80  C C4    . DA A 1 4  ? 3.23817   17.47558  5.51060   1.000 207.80457 ? 19 DA A C4    1 
ATOM 81  P P     . DC A 1 5  ? -0.38383  12.48570  7.05175   1.000 191.42583 ? 20 DC A P     1 
ATOM 82  O OP1   . DC A 1 5  ? -0.33598  13.92681  7.34688   1.000 183.00699 ? 20 DC A OP1   1 
ATOM 83  O OP2   . DC A 1 5  ? -0.10212  11.48870  8.09504   1.000 201.23880 ? 20 DC A OP2   1 
ATOM 84  O "O5'" . DC A 1 5  ? -1.84406  12.17569  6.52086   1.000 196.06315 ? 20 DC A "O5'" 1 
ATOM 85  C "C5'" . DC A 1 5  ? -1.99675  11.96978  5.13025   1.000 195.93391 ? 20 DC A "C5'" 1 
ATOM 86  C "C4'" . DC A 1 5  ? -3.32903  11.35441  4.79703   1.000 200.40159 ? 20 DC A "C4'" 1 
ATOM 87  O "O4'" . DC A 1 5  ? -3.41178  10.01982  5.38751   1.000 211.09274 ? 20 DC A "O4'" 1 
ATOM 88  C "C3'" . DC A 1 5  ? -4.50951  12.13951  5.34452   1.000 199.59393 ? 20 DC A "C3'" 1 
ATOM 89  O "O3'" . DC A 1 5  ? -5.55041  12.28880  4.34408   1.000 201.11797 ? 20 DC A "O3'" 1 
ATOM 90  C "C2'" . DC A 1 5  ? -4.94953  11.27185  6.52548   1.000 212.06093 ? 20 DC A "C2'" 1 
ATOM 91  C "C1'" . DC A 1 5  ? -4.67203  9.88986   5.96853   1.000 216.27951 ? 20 DC A "C1'" 1 
ATOM 92  N N1    . DC A 1 5  ? -4.64845  8.81505   6.99937   1.000 223.54021 ? 20 DC A N1    1 
ATOM 93  C C2    . DC A 1 5  ? -5.64368  7.81878   6.99405   1.000 222.06746 ? 20 DC A C2    1 
ATOM 94  O O2    . DC A 1 5  ? -6.51723  7.83963   6.12086   1.000 223.08605 ? 20 DC A O2    1 
ATOM 95  N N3    . DC A 1 5  ? -5.61064  6.85610   7.94923   1.000 217.99206 ? 20 DC A N3    1 
ATOM 96  C C4    . DC A 1 5  ? -4.65140  6.86476   8.87714   1.000 216.29892 ? 20 DC A C4    1 
ATOM 97  N N4    . DC A 1 5  ? -4.65895  5.89330   9.80579   1.000 210.44702 ? 20 DC A N4    1 
ATOM 98  C C5    . DC A 1 5  ? -3.63618  7.87114   8.89689   1.000 221.34939 ? 20 DC A C5    1 
ATOM 99  C C6    . DC A 1 5  ? -3.67780  8.81861   7.95267   1.000 224.36181 ? 20 DC A C6    1 
ATOM 100 P P     . DC A 1 6  ? -7.08412  12.17910  4.81106   1.000 221.46578 ? 21 DC A P     1 
ATOM 101 O OP1   . DC A 1 6  ? -7.27989  13.15496  5.91026   1.000 222.96066 ? 21 DC A OP1   1 
ATOM 102 O OP2   . DC A 1 6  ? -7.35907  10.72900  4.92231   1.000 229.96236 ? 21 DC A OP2   1 
ATOM 103 O "O5'" . DC A 1 6  ? -7.98860  12.67791  3.59657   1.000 213.55542 ? 21 DC A "O5'" 1 
ATOM 104 C "C5'" . DC A 1 6  ? -9.24570  11.97931  3.27559   1.000 218.67396 ? 21 DC A "C5'" 1 
ATOM 105 C "C4'" . DC A 1 6  ? -10.21565 11.83499  4.47385   1.000 227.06659 ? 21 DC A "C4'" 1 
ATOM 106 O "O4'" . DC A 1 6  ? -9.86729  10.67877  5.28566   1.000 236.03380 ? 21 DC A "O4'" 1 
ATOM 107 C "C3'" . DC A 1 6  ? -10.28682 13.02113  5.43499   1.000 226.58420 ? 21 DC A "C3'" 1 
ATOM 108 O "O3'" . DC A 1 6  ? -11.41801 13.87730  5.13471   1.000 222.03422 ? 21 DC A "O3'" 1 
ATOM 109 C "C2'" . DC A 1 6  ? -10.37231 12.38484  6.82858   1.000 236.92049 ? 21 DC A "C2'" 1 
ATOM 110 C "C1'" . DC A 1 6  ? -10.35896 10.86870  6.58706   1.000 237.42701 ? 21 DC A "C1'" 1 
ATOM 111 N N1    . DC A 1 6  ? -9.47330  10.16647  7.57042   1.000 236.09519 ? 21 DC A N1    1 
ATOM 112 C C2    . DC A 1 6  ? -9.92526  9.04813   8.28496   1.000 226.31924 ? 21 DC A C2    1 
ATOM 113 O O2    . DC A 1 6  ? -11.04552 8.59812   8.06784   1.000 221.71131 ? 21 DC A O2    1 
ATOM 114 N N3    . DC A 1 6  ? -9.09299  8.47356   9.19355   1.000 220.90775 ? 21 DC A N3    1 
ATOM 115 C C4    . DC A 1 6  ? -7.88404  8.97751   9.40209   1.000 226.79365 ? 21 DC A C4    1 
ATOM 116 N N4    . DC A 1 6  ? -7.08843  8.38951   10.30496  1.000 220.75273 ? 21 DC A N4    1 
ATOM 117 C C5    . DC A 1 6  ? -7.42473  10.11847  8.69978   1.000 238.07695 ? 21 DC A C5    1 
ATOM 118 C C6    . DC A 1 6  ? -8.24528  10.67740  7.81397   1.000 240.91203 ? 21 DC A C6    1 
ATOM 119 P P     . DG A 1 7  ? -12.85343 13.68335  5.84351   1.000 249.79528 ? 22 DG A P     1 
ATOM 120 O OP1   . DG A 1 7  ? -13.82441 14.40711  5.00336   1.000 242.82617 ? 22 DG A OP1   1 
ATOM 121 O OP2   . DG A 1 7  ? -12.77631 14.05760  7.27319   1.000 254.94270 ? 22 DG A OP2   1 
ATOM 122 O "O5'" . DG A 1 7  ? -13.14930 12.12198  5.69536   1.000 254.28615 ? 22 DG A "O5'" 1 
ATOM 123 C "C5'" . DG A 1 7  ? -14.47510 11.66554  5.57227   1.000 253.72031 ? 22 DG A "C5'" 1 
ATOM 124 C "C4'" . DG A 1 7  ? -14.99279 11.15762  6.90139   1.000 251.01774 ? 22 DG A "C4'" 1 
ATOM 125 O "O4'" . DG A 1 7  ? -13.89885 10.60811  7.67437   1.000 247.69109 ? 22 DG A "O4'" 1 
ATOM 126 C "C3'" . DG A 1 7  ? -15.66586 12.20718  7.79487   1.000 251.17797 ? 22 DG A "C3'" 1 
ATOM 127 O "O3'" . DG A 1 7  ? -16.94182 11.72780  8.19085   1.000 245.59919 ? 22 DG A "O3'" 1 
ATOM 128 C "C2'" . DG A 1 7  ? -14.72013 12.32112  8.99185   1.000 247.15681 ? 22 DG A "C2'" 1 
ATOM 129 C "C1'" . DG A 1 7  ? -14.10302 10.93324  9.01786   1.000 240.89244 ? 22 DG A "C1'" 1 
ATOM 130 N N9    . DG A 1 7  ? -12.82668 10.87981  9.70797   1.000 238.80055 ? 22 DG A N9    1 
ATOM 131 C C8    . DG A 1 7  ? -11.76095 11.71181  9.52409   1.000 247.70997 ? 22 DG A C8    1 
ATOM 132 N N7    . DG A 1 7  ? -10.74200 11.43305  10.27942  1.000 243.80785 ? 22 DG A N7    1 
ATOM 133 C C5    . DG A 1 7  ? -11.16848 10.35456  11.02844  1.000 229.67560 ? 22 DG A C5    1 
ATOM 134 C C6    . DG A 1 7  ? -10.49512 9.62858   12.02411  1.000 218.36654 ? 22 DG A C6    1 
ATOM 135 O O6    . DG A 1 7  ? -9.34905  9.80524   12.45320  1.000 218.81368 ? 22 DG A O6    1 
ATOM 136 N N1    . DG A 1 7  ? -11.28409 8.60522   12.53489  1.000 206.34457 ? 22 DG A N1    1 
ATOM 137 C C2    . DG A 1 7  ? -12.56843 8.32141   12.12740  1.000 205.74272 ? 22 DG A C2    1 
ATOM 138 N N2    . DG A 1 7  ? -13.17865 7.29177   12.73334  1.000 194.38546 ? 22 DG A N2    1 
ATOM 139 N N3    . DG A 1 7  ? -13.21182 8.99998   11.18955  1.000 215.78529 ? 22 DG A N3    1 
ATOM 140 C C4    . DG A 1 7  ? -12.44970 9.99553   10.68359  1.000 226.74278 ? 22 DG A C4    1 
ATOM 141 P P     . DT A 1 8  ? -18.10086 12.74831  8.62996   1.000 274.95346 ? 23 DT A P     1 
ATOM 142 O OP1   . DT A 1 8  ? -19.36093 11.97470  8.72400   1.000 271.56056 ? 23 DT A OP1   1 
ATOM 143 O OP2   . DT A 1 8  ? -18.01648 13.93049  7.74361   1.000 282.04903 ? 23 DT A OP2   1 
ATOM 144 O "O5'" . DT A 1 8  ? -17.66117 13.21389  10.09829  1.000 267.57773 ? 23 DT A "O5'" 1 
ATOM 145 C "C5'" . DT A 1 8  ? -18.19746 12.56907  11.25479  1.000 255.20428 ? 23 DT A "C5'" 1 
ATOM 146 C "C4'" . DT A 1 8  ? -17.54187 11.22021  11.48968  1.000 245.40661 ? 23 DT A "C4'" 1 
ATOM 147 O "O4'" . DT A 1 8  ? -16.10955 11.39330  11.65484  1.000 245.26430 ? 23 DT A "O4'" 1 
ATOM 148 C "C3'" . DT A 1 8  ? -18.02298 10.49044  12.74480  1.000 229.07227 ? 23 DT A "C3'" 1 
ATOM 149 O "O3'" . DT A 1 8  ? -18.40934 9.15139   12.42724  1.000 225.54123 ? 23 DT A "O3'" 1 
ATOM 150 C "C2'" . DT A 1 8  ? -16.81583 10.53863  13.68679  1.000 219.99882 ? 23 DT A "C2'" 1 
ATOM 151 C "C1'" . DT A 1 8  ? -15.67195 10.55596  12.69606  1.000 231.25922 ? 23 DT A "C1'" 1 
ATOM 152 N N1    . DT A 1 8  ? -14.35239 11.08047  13.21617  1.000 230.28822 ? 23 DT A N1    1 
ATOM 153 C C2    . DT A 1 8  ? -13.73167 10.48077  14.30541  1.000 215.96494 ? 23 DT A C2    1 
ATOM 154 O O2    . DT A 1 8  ? -14.21257 9.55780   14.93302  1.000 203.67824 ? 23 DT A O2    1 
ATOM 155 N N3    . DT A 1 8  ? -12.52626 11.03496  14.64956  1.000 216.32203 ? 23 DT A N3    1 
ATOM 156 C C4    . DT A 1 8  ? -11.88311 12.08348  14.01584  1.000 230.23730 ? 23 DT A C4    1 
ATOM 157 O O4    . DT A 1 8  ? -10.80264 12.51578  14.39793  1.000 229.84732 ? 23 DT A O4    1 
ATOM 158 C C5    . DT A 1 8  ? -12.57599 12.64557  12.88437  1.000 245.98241 ? 23 DT A C5    1 
ATOM 159 C C7    . DT A 1 8  ? -11.97518 13.79077  12.12771  1.000 262.92172 ? 23 DT A C7    1 
ATOM 160 C C6    . DT A 1 8  ? -13.75480 12.12176  12.54452  1.000 243.89308 ? 23 DT A C6    1 
ATOM 161 O "O5'" . DC B 2 1  ? 6.29858   30.05860  3.52947   1.000 195.98559 ? 4  DC B "O5'" 1 
ATOM 162 C "C5'" . DC B 2 1  ? 5.41550   31.00511  4.11786   1.000 203.22305 ? 4  DC B "C5'" 1 
ATOM 163 C "C4'" . DC B 2 1  ? 4.28618   30.31204  4.86070   1.000 210.54759 ? 4  DC B "C4'" 1 
ATOM 164 O "O4'" . DC B 2 1  ? 3.68521   29.30006  4.00291   1.000 213.87988 ? 4  DC B "O4'" 1 
ATOM 165 C "C3'" . DC B 2 1  ? 4.70893   29.57903  6.13146   1.000 233.81282 ? 4  DC B "C3'" 1 
ATOM 166 O "O3'" . DC B 2 1  ? 3.68906   29.68088  7.12148   1.000 253.20305 ? 4  DC B "O3'" 1 
ATOM 167 C "C2'" . DC B 2 1  ? 4.85593   28.15094  5.64552   1.000 246.26078 ? 4  DC B "C2'" 1 
ATOM 168 C "C1'" . DC B 2 1  ? 3.69647   28.06302  4.67553   1.000 234.74923 ? 4  DC B "C1'" 1 
ATOM 169 N N1    . DC B 2 1  ? 3.86496   26.98077  3.69329   1.000 232.34373 ? 4  DC B N1    1 
ATOM 170 C C2    . DC B 2 1  ? 3.04206   25.86161  3.76779   1.000 249.09970 ? 4  DC B C2    1 
ATOM 171 O O2    . DC B 2 1  ? 2.16445   25.81931  4.63810   1.000 269.03825 ? 4  DC B O2    1 
ATOM 172 N N3    . DC B 2 1  ? 3.22107   24.85654  2.87583   1.000 244.20342 ? 4  DC B N3    1 
ATOM 173 C C4    . DC B 2 1  ? 4.17843   24.94642  1.95183   1.000 225.99556 ? 4  DC B C4    1 
ATOM 174 N N4    . DC B 2 1  ? 4.31758   23.92949  1.09371   1.000 221.15980 ? 4  DC B N4    1 
ATOM 175 C C5    . DC B 2 1  ? 5.03826   26.07854  1.86972   1.000 209.54774 ? 4  DC B C5    1 
ATOM 176 C C6    . DC B 2 1  ? 4.85239   27.06089  2.75606   1.000 213.18831 ? 4  DC B C6    1 
ATOM 177 P P     . DT B 2 2  ? 3.79962   28.82250  8.47816   1.000 225.73292 ? 5  DT B P     1 
ATOM 178 O OP1   . DT B 2 2  ? 2.91746   29.42266  9.51135   1.000 229.87498 ? 5  DT B OP1   1 
ATOM 179 O OP2   . DT B 2 2  ? 5.24299   28.62634  8.74354   1.000 231.28088 ? 5  DT B OP2   1 
ATOM 180 O "O5'" . DT B 2 2  ? 3.19334   27.39735  8.08478   1.000 247.20225 ? 5  DT B "O5'" 1 
ATOM 181 C "C5'" . DT B 2 2  ? 1.82558   27.12679  8.31939   1.000 255.06226 ? 5  DT B "C5'" 1 
ATOM 182 C "C4'" . DT B 2 2  ? 1.64116   26.20104  9.50956   1.000 286.37575 ? 5  DT B "C4'" 1 
ATOM 183 O "O4'" . DT B 2 2  ? 1.90059   24.83659  9.11809   1.000 286.81050 ? 5  DT B "O4'" 1 
ATOM 184 C "C3'" . DT B 2 2  ? 2.54673   26.44008  10.70151  1.000 297.59844 ? 5  DT B "C3'" 1 
ATOM 185 O "O3'" . DT B 2 2  ? 1.89203   25.93898  11.83388  1.000 305.16943 ? 5  DT B "O3'" 1 
ATOM 186 C "C2'" . DT B 2 2  ? 3.77733   25.60345  10.34727  1.000 289.10903 ? 5  DT B "C2'" 1 
ATOM 187 C "C1'" . DT B 2 2  ? 3.16158   24.41944  9.60747   1.000 282.11039 ? 5  DT B "C1'" 1 
ATOM 188 N N1    . DT B 2 2  ? 3.94464   23.98788  8.45362   1.000 265.00762 ? 5  DT B N1    1 
ATOM 189 C C2    . DT B 2 2  ? 3.60179   22.82392  7.81981   1.000 253.90432 ? 5  DT B C2    1 
ATOM 190 O O2    . DT B 2 2  ? 2.68321   22.11007  8.18329   1.000 258.59545 ? 5  DT B O2    1 
ATOM 191 N N3    . DT B 2 2  ? 4.37378   22.51297  6.73887   1.000 233.28180 ? 5  DT B N3    1 
ATOM 192 C C4    . DT B 2 2  ? 5.43300   23.23500  6.23348   1.000 221.07830 ? 5  DT B C4    1 
ATOM 193 O O4    . DT B 2 2  ? 6.06851   22.86005  5.24486   1.000 198.64418 ? 5  DT B O4    1 
ATOM 194 C C5    . DT B 2 2  ? 5.73726   24.45716  6.94784   1.000 234.52740 ? 5  DT B C5    1 
ATOM 195 C C7    . DT B 2 2  ? 6.86444   25.33290  6.50352   1.000 219.91871 ? 5  DT B C7    1 
ATOM 196 C C6    . DT B 2 2  ? 4.98280   24.77040  8.00789   1.000 256.26391 ? 5  DT B C6    1 
ATOM 197 P P     . DG B 2 3  ? 2.54596   25.98744  13.29830  1.000 303.86475 ? 6  DG B P     1 
ATOM 198 O OP1   . DG B 2 3  ? 1.92366   27.13844  13.98778  1.000 306.13845 ? 6  DG B OP1   1 
ATOM 199 O OP2   . DG B 2 3  ? 4.01700   25.89252  13.25825  1.000 294.27537 ? 6  DG B OP2   1 
ATOM 200 O "O5'" . DG B 2 3  ? 2.02023   24.62293  13.93558  1.000 297.81441 ? 6  DG B "O5'" 1 
ATOM 201 C "C5'" . DG B 2 3  ? 1.38581   23.64953  13.08840  1.000 296.34127 ? 6  DG B "C5'" 1 
ATOM 202 C "C4'" . DG B 2 3  ? 1.98834   22.28343  13.31296  1.000 280.17085 ? 6  DG B "C4'" 1 
ATOM 203 O "O4'" . DG B 2 3  ? 2.77727   21.90078  12.15010  1.000 272.89860 ? 6  DG B "O4'" 1 
ATOM 204 C "C3'" . DG B 2 3  ? 2.94009   22.23357  14.50622  1.000 269.62482 ? 6  DG B "C3'" 1 
ATOM 205 O "O3'" . DG B 2 3  ? 2.73050   21.06475  15.26463  1.000 260.61913 ? 6  DG B "O3'" 1 
ATOM 206 C "C2'" . DG B 2 3  ? 4.31096   22.23161  13.85183  1.000 261.67530 ? 6  DG B "C2'" 1 
ATOM 207 C "C1'" . DG B 2 3  ? 4.02726   21.43923  12.59452  1.000 258.73377 ? 6  DG B "C1'" 1 
ATOM 208 N N9    . DG B 2 3  ? 5.03350   21.64819  11.55976  1.000 254.53606 ? 6  DG B N9    1 
ATOM 209 C C8    . DG B 2 3  ? 5.86564   22.73341  11.42538  1.000 259.71282 ? 6  DG B C8    1 
ATOM 210 N N7    . DG B 2 3  ? 6.69344   22.63503  10.42608  1.000 250.68575 ? 6  DG B N7    1 
ATOM 211 C C5    . DG B 2 3  ? 6.39767   21.40260  9.86665   1.000 238.86853 ? 6  DG B C5    1 
ATOM 212 C C6    . DG B 2 3  ? 6.96797   20.75315  8.75343   1.000 219.55383 ? 6  DG B C6    1 
ATOM 213 O O6    . DG B 2 3  ? 7.87978   21.15613  8.01651   1.000 207.38843 ? 6  DG B O6    1 
ATOM 214 N N1    . DG B 2 3  ? 6.37160   19.51084  8.51589   1.000 210.47186 ? 6  DG B N1    1 
ATOM 215 C C2    . DG B 2 3  ? 5.35289   18.96931  9.26829   1.000 218.06236 ? 6  DG B C2    1 
ATOM 216 N N2    . DG B 2 3  ? 4.91341   17.75536  8.89707   1.000 213.00684 ? 6  DG B N2    1 
ATOM 217 N N3    . DG B 2 3  ? 4.81091   19.57128  10.32003  1.000 232.30689 ? 6  DG B N3    1 
ATOM 218 C C4    . DG B 2 3  ? 5.38096   20.78022  10.55772  1.000 241.97826 ? 6  DG B C4    1 
ATOM 219 P P     . DT B 2 4  ? 3.23503   21.02242  16.79012  1.000 296.55406 ? 7  DT B P     1 
ATOM 220 O OP1   . DT B 2 4  ? 2.13740   21.54215  17.63295  1.000 310.05714 ? 7  DT B OP1   1 
ATOM 221 O OP2   . DT B 2 4  ? 4.56173   21.67876  16.87014  1.000 291.02821 ? 7  DT B OP2   1 
ATOM 222 O "O5'" . DT B 2 4  ? 3.44270   19.46307  17.08042  1.000 282.33629 ? 7  DT B "O5'" 1 
ATOM 223 C "C5'" . DT B 2 4  ? 4.71278   18.86325  16.85808  1.000 265.79340 ? 7  DT B "C5'" 1 
ATOM 224 C "C4'" . DT B 2 4  ? 4.69218   17.99599  15.61884  1.000 260.22682 ? 7  DT B "C4'" 1 
ATOM 225 O "O4'" . DT B 2 4  ? 5.00798   18.79351  14.46391  1.000 265.58174 ? 7  DT B "O4'" 1 
ATOM 226 C "C3'" . DT B 2 4  ? 5.73083   16.90415  15.60938  1.000 257.28114 ? 7  DT B "C3'" 1 
ATOM 227 O "O3'" . DT B 2 4  ? 5.23604   15.79387  16.31265  1.000 265.15670 ? 7  DT B "O3'" 1 
ATOM 228 C "C2'" . DT B 2 4  ? 5.87193   16.60505  14.12154  1.000 249.18751 ? 7  DT B "C2'" 1 
ATOM 229 C "C1'" . DT B 2 4  ? 5.56504   17.95912  13.46776  1.000 254.62587 ? 7  DT B "C1'" 1 
ATOM 230 N N1    . DT B 2 4  ? 6.76519   18.64282  12.86806  1.000 253.62616 ? 7  DT B N1    1 
ATOM 231 C C2    . DT B 2 4  ? 7.28292   18.17276  11.67934  1.000 242.14443 ? 7  DT B C2    1 
ATOM 232 O O2    . DT B 2 4  ? 6.82441   17.20801  11.08801  1.000 232.88841 ? 7  DT B O2    1 
ATOM 233 N N3    . DT B 2 4  ? 8.37094   18.87612  11.20724  1.000 239.60441 ? 7  DT B N3    1 
ATOM 234 C C4    . DT B 2 4  ? 8.96889   19.97371  11.79211  1.000 249.99379 ? 7  DT B C4    1 
ATOM 235 O O4    . DT B 2 4  ? 9.93690   20.53227  11.28827  1.000 246.12605 ? 7  DT B O4    1 
ATOM 236 C C5    . DT B 2 4  ? 8.36974   20.41832  13.02957  1.000 262.31265 ? 7  DT B C5    1 
ATOM 237 C C7    . DT B 2 4  ? 8.92939   21.60211  13.75318  1.000 271.58837 ? 7  DT B C7    1 
ATOM 238 C C6    . DT B 2 4  ? 7.30761   19.74216  13.49963  1.000 262.25403 ? 7  DT B C6    1 
ATOM 239 P P     . DG B 2 5  ? 6.23997   14.65518  16.81199  1.000 288.50922 ? 8  DG B P     1 
ATOM 240 O OP1   . DG B 2 5  ? 5.60942   13.99662  17.97844  1.000 298.93794 ? 8  DG B OP1   1 
ATOM 241 O OP2   . DG B 2 5  ? 7.57004   15.29277  16.91413  1.000 282.41646 ? 8  DG B OP2   1 
ATOM 242 O "O5'" . DG B 2 5  ? 6.25050   13.62051  15.60193  1.000 283.72629 ? 8  DG B "O5'" 1 
ATOM 243 C "C5'" . DG B 2 5  ? 7.34940   12.75440  15.40764  1.000 280.96368 ? 8  DG B "C5'" 1 
ATOM 244 C "C4'" . DG B 2 5  ? 7.76012   12.77040  13.94828  1.000 271.29178 ? 8  DG B "C4'" 1 
ATOM 245 O "O4'" . DG B 2 5  ? 7.79177   14.13507  13.53071  1.000 264.63734 ? 8  DG B "O4'" 1 
ATOM 246 C "C3'" . DG B 2 5  ? 9.14960   12.21543  13.63758  1.000 268.04056 ? 8  DG B "C3'" 1 
ATOM 247 O "O3'" . DG B 2 5  ? 9.06234   10.84940  13.23618  1.000 271.31797 ? 8  DG B "O3'" 1 
ATOM 248 C "C2'" . DG B 2 5  ? 9.65638   13.08173  12.48471  1.000 256.62632 ? 8  DG B "C2'" 1 
ATOM 249 C "C1'" . DG B 2 5  ? 8.76610   14.32031  12.53990  1.000 254.67701 ? 8  DG B "C1'" 1 
ATOM 250 N N9    . DG B 2 5  ? 9.46910   15.56225  12.81746  1.000 252.66903 ? 8  DG B N9    1 
ATOM 251 C C8    . DG B 2 5  ? 9.18453   16.48082  13.80789  1.000 259.26327 ? 8  DG B C8    1 
ATOM 252 N N7    . DG B 2 5  ? 9.96188   17.52535  13.78507  1.000 256.21865 ? 8  DG B N7    1 
ATOM 253 C C5    . DG B 2 5  ? 10.81092  17.28103  12.70415  1.000 246.46242 ? 8  DG B C5    1 
ATOM 254 C C6    . DG B 2 5  ? 11.86487  18.05618  12.18369  1.000 239.26471 ? 8  DG B C6    1 
ATOM 255 O O6    . DG B 2 5  ? 12.28024  19.14498  12.56188  1.000 243.15527 ? 8  DG B O6    1 
ATOM 256 N N1    . DG B 2 5  ? 12.46532  17.43713  11.07814  1.000 229.36879 ? 8  DG B N1    1 
ATOM 257 C C2    . DG B 2 5  ? 12.09198  16.22654  10.55523  1.000 227.87191 ? 8  DG B C2    1 
ATOM 258 N N2    . DG B 2 5  ? 12.78234  15.79305  9.48790   1.000 221.56888 ? 8  DG B N2    1 
ATOM 259 N N3    . DG B 2 5  ? 11.09775  15.49851  11.02949  1.000 235.50579 ? 8  DG B N3    1 
ATOM 260 C C4    . DG B 2 5  ? 10.50765  16.08673  12.10718  1.000 243.95822 ? 8  DG B C4    1 
ATOM 261 P P     . DA C 3 1  ? -3.64787  7.54115   22.57924  1.000 240.97476 ? 9  DA C P     1 
ATOM 262 O OP1   . DA C 3 1  ? -3.01805  8.55538   21.69226  1.000 234.78678 ? 9  DA C OP1   1 
ATOM 263 O OP2   . DA C 3 1  ? -3.89570  7.85738   24.00920  1.000 239.32686 ? 9  DA C OP2   1 
ATOM 264 O "O5'" . DA C 3 1  ? -5.00612  7.02037   21.89933  1.000 251.90405 ? 9  DA C "O5'" 1 
ATOM 265 C "C5'" . DA C 3 1  ? -5.77353  6.00050   22.50959  1.000 256.03369 ? 9  DA C "C5'" 1 
ATOM 266 C "C4'" . DA C 3 1  ? -7.17285  5.97975   21.92848  1.000 264.66119 ? 9  DA C "C4'" 1 
ATOM 267 O "O4'" . DA C 3 1  ? -7.52347  7.27849   21.44357  1.000 264.16670 ? 9  DA C "O4'" 1 
ATOM 268 C "C3'" . DA C 3 1  ? -7.36887  5.09670   20.71836  1.000 271.92854 ? 9  DA C "C3'" 1 
ATOM 269 O "O3'" . DA C 3 1  ? -7.55865  3.73448   21.11994  1.000 275.04217 ? 9  DA C "O3'" 1 
ATOM 270 C "C2'" . DA C 3 1  ? -8.63074  5.69027   20.08829  1.000 276.74077 ? 9  DA C "C2'" 1 
ATOM 271 C "C1'" . DA C 3 1  ? -8.59750  7.15065   20.53929  1.000 269.38932 ? 9  DA C "C1'" 1 
ATOM 272 N N9    . DA C 3 1  ? -8.38939  8.07523   19.43748  1.000 265.52495 ? 9  DA C N9    1 
ATOM 273 C C8    . DA C 3 1  ? -7.24596  8.76938   19.15803  1.000 265.01023 ? 9  DA C C8    1 
ATOM 274 N N7    . DA C 3 1  ? -7.33899  9.52629   18.09290  1.000 255.48122 ? 9  DA C N7    1 
ATOM 275 C C5    . DA C 3 1  ? -8.62920  9.30786   17.63761  1.000 246.85437 ? 9  DA C C5    1 
ATOM 276 C C6    . DA C 3 1  ? -9.34170  9.81622   16.53028  1.000 229.13676 ? 9  DA C C6    1 
ATOM 277 N N6    . DA C 3 1  ? -8.81879  10.69777  15.66765  1.000 222.16555 ? 9  DA C N6    1 
ATOM 278 N N1    . DA C 3 1  ? -10.62267 9.40903   16.36362  1.000 232.97344 ? 9  DA C N1    1 
ATOM 279 C C2    . DA C 3 1  ? -11.13975 8.53538   17.24258  1.000 238.06757 ? 9  DA C C2    1 
ATOM 280 N N3    . DA C 3 1  ? -10.56082 7.97950   18.31379  1.000 250.74796 ? 9  DA C N3    1 
ATOM 281 C C4    . DA C 3 1  ? -9.29436  8.41762   18.45692  1.000 255.56582 ? 9  DA C C4    1 
ATOM 282 P P     . DC C 3 2  ? -8.84577  3.26654   21.97739  1.000 285.37395 ? 10 DC C P     1 
ATOM 283 O OP1   . DC C 3 2  ? -9.22708  4.25525   23.01226  1.000 273.96674 ? 10 DC C OP1   1 
ATOM 284 O OP2   . DC C 3 2  ? -8.55110  1.87793   22.38327  1.000 286.01905 ? 10 DC C OP2   1 
ATOM 285 O "O5'" . DC C 3 2  ? -10.03452 3.18902   20.91596  1.000 292.79218 ? 10 DC C "O5'" 1 
ATOM 286 C "C5'" . DC C 3 2  ? -9.86794  2.44418   19.72801  1.000 298.13431 ? 10 DC C "C5'" 1 
ATOM 287 C "C4'" . DC C 3 2  ? -10.89383 2.85005   18.69226  1.000 293.28843 ? 10 DC C "C4'" 1 
ATOM 288 O "O4'" . DC C 3 2  ? -10.70119 4.22880   18.34032  1.000 286.03815 ? 10 DC C "O4'" 1 
ATOM 289 C "C3'" . DC C 3 2  ? -10.77960 2.10997   17.37969  1.000 293.44371 ? 10 DC C "C3'" 1 
ATOM 290 O "O3'" . DC C 3 2  ? -11.51418 0.91129   17.45192  1.000 297.67495 ? 10 DC C "O3'" 1 
ATOM 291 C "C2'" . DC C 3 2  ? -11.40242 3.08320   16.37954  1.000 278.29357 ? 10 DC C "C2'" 1 
ATOM 292 C "C1'" . DC C 3 2  ? -11.23430 4.44766   17.05229  1.000 275.15527 ? 10 DC C "C1'" 1 
ATOM 293 N N1    . DC C 3 2  ? -10.34558 5.39177   16.31830  1.000 266.10038 ? 10 DC C N1    1 
ATOM 294 C C2    . DC C 3 2  ? -10.83698 6.07511   15.20169  1.000 246.99086 ? 10 DC C C2    1 
ATOM 295 O O2    . DC C 3 2  ? -12.00343 5.86918   14.83649  1.000 239.39598 ? 10 DC C O2    1 
ATOM 296 N N3    . DC C 3 2  ? -10.02375 6.94221   14.55871  1.000 237.11759 ? 10 DC C N3    1 
ATOM 297 C C4    . DC C 3 2  ? -8.77724  7.12870   14.99095  1.000 245.72571 ? 10 DC C C4    1 
ATOM 298 N N4    . DC C 3 2  ? -8.00941  7.99187   14.32882  1.000 234.04192 ? 10 DC C N4    1 
ATOM 299 C C5    . DC C 3 2  ? -8.26193  6.44202   16.12391  1.000 266.24367 ? 10 DC C C5    1 
ATOM 300 C C6    . DC C 3 2  ? -9.07233  5.59354   16.75187  1.000 275.09517 ? 10 DC C C6    1 
ATOM 301 P P     . DG C 3 3  ? -11.08977 -0.33462  16.53883  1.000 331.59324 ? 11 DG C P     1 
ATOM 302 O OP1   . DG C 3 3  ? -11.60305 -1.56339  17.18196  1.000 335.53129 ? 11 DG C OP1   1 
ATOM 303 O OP2   . DG C 3 3  ? -9.64465  -0.18423  16.25099  1.000 331.93949 ? 11 DG C OP2   1 
ATOM 304 O "O5'" . DG C 3 3  ? -11.88561 -0.08537  15.17755  1.000 316.05389 ? 11 DG C "O5'" 1 
ATOM 305 C "C5'" . DG C 3 3  ? -13.27144 0.21626   15.22082  1.000 308.81094 ? 11 DG C "C5'" 1 
ATOM 306 C "C4'" . DG C 3 3  ? -13.70205 0.94101   13.96139  1.000 288.10640 ? 11 DG C "C4'" 1 
ATOM 307 O "O4'" . DG C 3 3  ? -12.91951 2.15431   13.80579  1.000 279.96799 ? 11 DG C "O4'" 1 
ATOM 308 C "C3'" . DG C 3 3  ? -13.51263 0.15202   12.66192  1.000 281.10049 ? 11 DG C "C3'" 1 
ATOM 309 O "O3'" . DG C 3 3  ? -14.62646 0.37570   11.79769  1.000 269.63578 ? 11 DG C "O3'" 1 
ATOM 310 C "C2'" . DG C 3 3  ? -12.22834 0.74626   12.08761  1.000 273.66454 ? 11 DG C "C2'" 1 
ATOM 311 C "C1'" . DG C 3 3  ? -12.38839 2.19447   12.50347  1.000 268.09588 ? 11 DG C "C1'" 1 
ATOM 312 N N9    . DG C 3 3  ? -11.14712 2.95898   12.52191  1.000 265.35042 ? 11 DG C N9    1 
ATOM 313 C C8    . DG C 3 3  ? -10.07803 2.80742   13.37454  1.000 279.33503 ? 11 DG C C8    1 
ATOM 314 N N7    . DG C 3 3  ? -9.11305  3.65728   13.15079  1.000 273.21794 ? 11 DG C N7    1 
ATOM 315 C C5    . DG C 3 3  ? -9.57676  4.41556   12.08086  1.000 253.84032 ? 11 DG C C5    1 
ATOM 316 C C6    . DG C 3 3  ? -8.97198  5.49289   11.39597  1.000 240.88335 ? 11 DG C C6    1 
ATOM 317 O O6    . DG C 3 3  ? -7.86765  6.00220   11.59435  1.000 240.45064 ? 11 DG C O6    1 
ATOM 318 N N1    . DG C 3 3  ? -9.78726  5.97397   10.36822  1.000 228.33408 ? 11 DG C N1    1 
ATOM 319 C C2    . DG C 3 3  ? -11.03358 5.48477   10.05893  1.000 229.94347 ? 11 DG C C2    1 
ATOM 320 N N2    . DG C 3 3  ? -11.67752 6.07177   9.03346   1.000 228.35247 ? 11 DG C N2    1 
ATOM 321 N N3    . DG C 3 3  ? -11.60628 4.47508   10.69573  1.000 238.37418 ? 11 DG C N3    1 
ATOM 322 C C4    . DG C 3 3  ? -10.82301 3.99541   11.69136  1.000 251.06846 ? 11 DG C C4    1 
ATOM 323 P P     . DG C 3 4  ? -15.25020 -0.83248  10.93896  1.000 295.75976 ? 12 DG C P     1 
ATOM 324 O OP1   . DG C 3 4  ? -16.69062 -0.94541  11.26305  1.000 298.81893 ? 12 DG C OP1   1 
ATOM 325 O OP2   . DG C 3 4  ? -14.33948 -1.99066  11.08284  1.000 305.42583 ? 12 DG C OP2   1 
ATOM 326 O "O5'" . DG C 3 4  ? -15.12522 -0.32744  9.43545   1.000 284.38984 ? 12 DG C "O5'" 1 
ATOM 327 C "C5'" . DG C 3 4  ? -13.88731 0.13545   8.96820   1.000 277.67012 ? 12 DG C "C5'" 1 
ATOM 328 C "C4'" . DG C 3 4  ? -14.07980 1.27169   7.99749   1.000 267.81496 ? 12 DG C "C4'" 1 
ATOM 329 O "O4'" . DG C 3 4  ? -13.19375 2.35985   8.37172   1.000 262.99208 ? 12 DG C "O4'" 1 
ATOM 330 C "C3'" . DG C 3 4  ? -13.68734 0.93012   6.57778   1.000 262.81675 ? 12 DG C "C3'" 1 
ATOM 331 O "O3'" . DG C 3 4  ? -14.25507 1.86448   5.68365   1.000 258.91866 ? 12 DG C "O3'" 1 
ATOM 332 C "C2'" . DG C 3 4  ? -12.19111 1.10164   6.66783   1.000 259.22805 ? 12 DG C "C2'" 1 
ATOM 333 C "C1'" . DG C 3 4  ? -12.10844 2.39805   7.46691   1.000 256.98566 ? 12 DG C "C1'" 1 
ATOM 334 N N9    . DG C 3 4  ? -10.86612 2.53574   8.21673   1.000 257.71874 ? 12 DG C N9    1 
ATOM 335 C C8    . DG C 3 4  ? -10.41918 1.73605   9.24004   1.000 267.56763 ? 12 DG C C8    1 
ATOM 336 N N7    . DG C 3 4  ? -9.25784  2.09975   9.71189   1.000 269.38906 ? 12 DG C N7    1 
ATOM 337 C C5    . DG C 3 4  ? -8.91381  3.20619   8.94694   1.000 256.12209 ? 12 DG C C5    1 
ATOM 338 C C6    . DG C 3 4  ? -7.76406  4.02500   8.99438   1.000 251.12903 ? 12 DG C C6    1 
ATOM 339 O O6    . DG C 3 4  ? -6.79863  3.93634   9.75760   1.000 257.94567 ? 12 DG C O6    1 
ATOM 340 N N1    . DG C 3 4  ? -7.81407  5.04596   8.04471   1.000 241.75566 ? 12 DG C N1    1 
ATOM 341 C C2    . DG C 3 4  ? -8.84683  5.24200   7.15752   1.000 238.74688 ? 12 DG C C2    1 
ATOM 342 N N2    . DG C 3 4  ? -8.72727  6.27176   6.30543   1.000 232.86025 ? 12 DG C N2    1 
ATOM 343 N N3    . DG C 3 4  ? -9.92482  4.47722   7.10332   1.000 243.38090 ? 12 DG C N3    1 
ATOM 344 C C4    . DG C 3 4  ? -9.88868  3.48117   8.01933   1.000 251.25697 ? 12 DG C C4    1 
ATOM 345 P P     . DA C 3 5  ? -14.79772 1.38756   4.25164   1.000 275.83826 ? 13 DA C P     1 
ATOM 346 O OP1   . DA C 3 5  ? -15.91041 2.28765   3.87212   1.000 275.52486 ? 13 DA C OP1   1 
ATOM 347 O OP2   . DA C 3 5  ? -15.01618 -0.07373  4.29391   1.000 281.53632 ? 13 DA C OP2   1 
ATOM 348 O "O5'" . DA C 3 5  ? -13.56856 1.64550   3.27859   1.000 270.67207 ? 13 DA C "O5'" 1 
ATOM 349 C "C5'" . DA C 3 5  ? -13.81115 1.89794   1.92888   1.000 269.90373 ? 13 DA C "C5'" 1 
ATOM 350 C "C4'" . DA C 3 5  ? -13.32915 3.27622   1.55833   1.000 264.58393 ? 13 DA C "C4'" 1 
ATOM 351 O "O4'" . DA C 3 5  ? -12.50379 3.80560   2.63234   1.000 261.03769 ? 13 DA C "O4'" 1 
ATOM 352 C "C3'" . DA C 3 5  ? -12.43658 3.29536   0.34430   1.000 262.67781 ? 13 DA C "C3'" 1 
ATOM 353 O "O3'" . DA C 3 5  ? -12.41817 4.58179   -0.20934  1.000 259.70501 ? 13 DA C "O3'" 1 
ATOM 354 C "C2'" . DA C 3 5  ? -11.09825 2.95361   0.96566   1.000 259.77089 ? 13 DA C "C2'" 1 
ATOM 355 C "C1'" . DA C 3 5  ? -11.14735 3.80741   2.22395   1.000 257.25595 ? 13 DA C "C1'" 1 
ATOM 356 N N9    . DA C 3 5  ? -10.34035 3.26667   3.30606   1.000 256.85669 ? 13 DA C N9    1 
ATOM 357 C C8    . DA C 3 5  ? -10.68886 2.25170   4.13783   1.000 261.56697 ? 13 DA C C8    1 
ATOM 358 N N7    . DA C 3 5  ? -9.77163  1.95046   5.02202   1.000 261.44436 ? 13 DA C N7    1 
ATOM 359 C C5    . DA C 3 5  ? -8.74216  2.82584   4.75138   1.000 255.12144 ? 13 DA C C5    1 
ATOM 360 C C6    . DA C 3 5  ? -7.48373  3.00422   5.34558   1.000 252.88709 ? 13 DA C C6    1 
ATOM 361 N N6    . DA C 3 5  ? -7.05737  2.26992   6.38052   1.000 258.59220 ? 13 DA C N6    1 
ATOM 362 N N1    . DA C 3 5  ? -6.68252  3.96786   4.84140   1.000 246.14208 ? 13 DA C N1    1 
ATOM 363 C C2    . DA C 3 5  ? -7.12330  4.70167   3.80327   1.000 244.18645 ? 13 DA C C2    1 
ATOM 364 N N3    . DA C 3 5  ? -8.29210  4.62097   3.15698   1.000 247.34704 ? 13 DA C N3    1 
ATOM 365 C C4    . DA C 3 5  ? -9.06594  3.65112   3.68991   1.000 252.45829 ? 13 DA C C4    1 
ATOM 366 P P     . DC C 3 6  ? -11.76623 4.80964   -1.65858  1.000 250.89394 ? 14 DC C P     1 
ATOM 367 O OP1   . DC C 3 6  ? -12.85389 5.34850   -2.50990  1.000 247.81554 ? 14 DC C OP1   1 
ATOM 368 O OP2   . DC C 3 6  ? -11.11016 3.54552   -2.08599  1.000 251.75181 ? 14 DC C OP2   1 
ATOM 369 O "O5'" . DC C 3 6  ? -10.63734 5.94054   -1.40439  1.000 254.61359 ? 14 DC C "O5'" 1 
ATOM 370 C "C5'" . DC C 3 6  ? -9.68775  5.80197   -0.32851  1.000 258.87841 ? 14 DC C "C5'" 1 
ATOM 371 C "C4'" . DC C 3 6  ? -8.26464  5.61652   -0.85302  1.000 263.41424 ? 14 DC C "C4'" 1 
ATOM 372 O "O4'" . DC C 3 6  ? -7.44221  4.99607   0.17436   1.000 272.15244 ? 14 DC C "O4'" 1 
ATOM 373 C "C3'" . DC C 3 6  ? -8.11359  4.72029   -2.08555  1.000 276.03840 ? 14 DC C "C3'" 1 
ATOM 374 O "O3'" . DC C 3 6  ? -7.02181  5.17446   -2.85254  1.000 282.38121 ? 14 DC C "O3'" 1 
ATOM 375 C "C2'" . DC C 3 6  ? -7.80693  3.36501   -1.46593  1.000 287.41174 ? 14 DC C "C2'" 1 
ATOM 376 C "C1'" . DC C 3 6  ? -6.89293  3.79053   -0.33082  1.000 288.49014 ? 14 DC C "C1'" 1 
ATOM 377 N N1    . DC C 3 6  ? -6.81068  2.79660   0.77507   1.000 291.95779 ? 14 DC C N1    1 
ATOM 378 C C2    . DC C 3 6  ? -5.65337  2.72671   1.56004   1.000 296.95835 ? 14 DC C C2    1 
ATOM 379 O O2    . DC C 3 6  ? -4.71295  3.49675   1.32196   1.000 298.68946 ? 14 DC C O2    1 
ATOM 380 N N3    . DC C 3 6  ? -5.59839  1.81599   2.56163   1.000 298.25109 ? 14 DC C N3    1 
ATOM 381 C C4    . DC C 3 6  ? -6.63487  1.00415   2.78333   1.000 296.35992 ? 14 DC C C4    1 
ATOM 382 N N4    . DC C 3 6  ? -6.53807  0.12453   3.78088   1.000 297.92732 ? 14 DC C N4    1 
ATOM 383 C C5    . DC C 3 6  ? -7.81758  1.05762   1.99148   1.000 291.93870 ? 14 DC C C5    1 
ATOM 384 C C6    . DC C 3 6  ? -7.85868  1.95598   1.00621   1.000 289.04585 ? 14 DC C C6    1 
ATOM 385 P P     . DA C 3 7  ? -6.87375  4.74231   -4.38689  1.000 267.43477 ? 15 DA C P     1 
ATOM 386 O OP1   . DA C 3 7  ? -7.49049  5.81258   -5.20027  1.000 252.78222 ? 15 DA C OP1   1 
ATOM 387 O OP2   . DA C 3 7  ? -7.35581  3.34844   -4.51637  1.000 274.75226 ? 15 DA C OP2   1 
ATOM 388 O "O5'" . DA C 3 7  ? -5.29440  4.77512   -4.62895  1.000 272.49054 ? 15 DA C "O5'" 1 
ATOM 389 C "C5'" . DA C 3 7  ? -4.61034  6.01670   -4.63997  1.000 262.79105 ? 15 DA C "C5'" 1 
ATOM 390 C "C4'" . DA C 3 7  ? -3.27650  5.91127   -3.92223  1.000 266.25115 ? 15 DA C "C4'" 1 
ATOM 391 O "O4'" . DA C 3 7  ? -3.43452  5.15410   -2.69435  1.000 277.72183 ? 15 DA C "O4'" 1 
ATOM 392 C "C3'" . DA C 3 7  ? -2.17309  5.18300   -4.68029  1.000 268.86979 ? 15 DA C "C3'" 1 
ATOM 393 O "O3'" . DA C 3 7  ? -0.92491  5.65298   -4.20485  1.000 267.49863 ? 15 DA C "O3'" 1 
ATOM 394 C "C2'" . DA C 3 7  ? -2.40328  3.75211   -4.23546  1.000 284.94933 ? 15 DA C "C2'" 1 
ATOM 395 C "C1'" . DA C 3 7  ? -2.61528  4.00159   -2.76082  1.000 286.63043 ? 15 DA C "C1'" 1 
ATOM 396 N N9    . DA C 3 7  ? -3.29246  2.93067   -2.06845  1.000 295.52366 ? 15 DA C N9    1 
ATOM 397 C C8    . DA C 3 7  ? -4.55219  2.46505   -2.30684  1.000 296.60746 ? 15 DA C C8    1 
ATOM 398 N N7    . DA C 3 7  ? -4.91710  1.49818   -1.50152  1.000 300.33152 ? 15 DA C N7    1 
ATOM 399 C C5    . DA C 3 7  ? -3.81649  1.32564   -0.67601  1.000 302.23272 ? 15 DA C C5    1 
ATOM 400 C C6    . DA C 3 7  ? -3.56650  0.45225   0.39608   1.000 303.09329 ? 15 DA C C6    1 
ATOM 401 N N6    . DA C 3 7  ? -4.45403  -0.45118  0.82225   1.000 303.42906 ? 15 DA C N6    1 
ATOM 402 N N1    . DA C 3 7  ? -2.36128  0.53722   1.00926   1.000 301.17352 ? 15 DA C N1    1 
ATOM 403 C C2    . DA C 3 7  ? -1.47707  1.44768   0.57347   1.000 299.01166 ? 15 DA C C2    1 
ATOM 404 N N3    . DA C 3 7  ? -1.60235  2.32205   -0.42664  1.000 297.22497 ? 15 DA C N3    1 
ATOM 405 C C4    . DA C 3 7  ? -2.80857  2.20674   -1.01061  1.000 299.33043 ? 15 DA C C4    1 
ATOM 406 P P     . DG C 3 8  ? 0.45082   5.23125   -4.92176  1.000 269.96354 ? 16 DG C P     1 
ATOM 407 O OP1   . DG C 3 8  ? 0.81527   6.34725   -5.82228  1.000 267.53378 ? 16 DG C OP1   1 
ATOM 408 O OP2   . DG C 3 8  ? 0.33973   3.85762   -5.47182  1.000 284.58723 ? 16 DG C OP2   1 
ATOM 409 O "O5'" . DG C 3 8  ? 1.50432   5.20515   -3.71676  1.000 273.50392 ? 16 DG C "O5'" 1 
ATOM 410 C "C5'" . DG C 3 8  ? 1.27980   4.35882   -2.60190  1.000 282.54241 ? 16 DG C "C5'" 1 
ATOM 411 C "C4'" . DG C 3 8  ? 2.51865   3.53722   -2.28257  1.000 285.30750 ? 16 DG C "C4'" 1 
ATOM 412 O "O4'" . DG C 3 8  ? 2.10995   2.34666   -1.57385  1.000 299.02743 ? 16 DG C "O4'" 1 
ATOM 413 C "C3'" . DG C 3 8  ? 3.27906   3.00320   -3.48935  1.000 285.40776 ? 16 DG C "C3'" 1 
ATOM 414 O "O3'" . DG C 3 8  ? 4.60441   2.59988   -3.08696  1.000 282.09754 ? 16 DG C "O3'" 1 
ATOM 415 C "C2'" . DG C 3 8  ? 2.42017   1.80463   -3.86040  1.000 300.42254 ? 16 DG C "C2'" 1 
ATOM 416 C "C1'" . DG C 3 8  ? 2.08297   1.25192   -2.47619  1.000 306.79781 ? 16 DG C "C1'" 1 
ATOM 417 N N9    . DG C 3 8  ? 0.77301   0.62321   -2.39432  1.000 316.13215 ? 16 DG C N9    1 
ATOM 418 C C8    . DG C 3 8  ? -0.33486  0.88701   -3.16550  1.000 318.74438 ? 16 DG C C8    1 
ATOM 419 N N7    . DG C 3 8  ? -1.36858  0.15662   -2.84835  1.000 324.06905 ? 16 DG C N7    1 
ATOM 420 C C5    . DG C 3 8  ? -0.91075  -0.63717  -1.80275  1.000 324.10094 ? 16 DG C C5    1 
ATOM 421 C C6    . DG C 3 8  ? -1.57616  -1.62660  -1.04461  1.000 324.25415 ? 16 DG C C6    1 
ATOM 422 O O6    . DG C 3 8  ? -2.74360  -2.01394  -1.14784  1.000 325.41708 ? 16 DG C O6    1 
ATOM 423 N N1    . DG C 3 8  ? -0.74099  -2.18171  -0.07635  1.000 319.39096 ? 16 DG C N1    1 
ATOM 424 C C2    . DG C 3 8  ? 0.57204   -1.82786  0.12521   1.000 315.30109 ? 16 DG C C2    1 
ATOM 425 N N2    . DG C 3 8  ? 1.22914   -2.46935  1.10228   1.000 308.35747 ? 16 DG C N2    1 
ATOM 426 N N3    . DG C 3 8  ? 1.20068   -0.90541  -0.57693  1.000 315.38175 ? 16 DG C N3    1 
ATOM 427 C C4    . DG C 3 8  ? 0.40218   -0.35444  -1.51678  1.000 319.60854 ? 16 DG C C4    1 
ATOM 428 P P     . DC C 3 9  ? 5.62026   1.90568   -4.12503  1.000 296.03496 ? 17 DC C P     1 
ATOM 429 O OP1   . DC C 3 9  ? 6.96272   1.92346   -3.50054  1.000 288.23299 ? 17 DC C OP1   1 
ATOM 430 O OP2   . DC C 3 9  ? 5.42249   2.51972   -5.45699  1.000 288.80805 ? 17 DC C OP2   1 
ATOM 431 O "O5'" . DC C 3 9  ? 5.10919   0.39533   -4.20804  1.000 310.80992 ? 17 DC C "O5'" 1 
ATOM 432 C "C5'" . DC C 3 9  ? 6.03600   -0.66732  -4.21253  1.000 310.08371 ? 17 DC C "C5'" 1 
ATOM 433 C "C4'" . DC C 3 9  ? 5.92399   -1.47973  -2.93538  1.000 312.27908 ? 17 DC C "C4'" 1 
ATOM 434 O "O4'" . DC C 3 9  ? 4.53400   -1.54801  -2.51475  1.000 319.71835 ? 17 DC C "O4'" 1 
ATOM 435 C "C3'" . DC C 3 9  ? 6.40581   -2.92482  -3.04862  1.000 307.88934 ? 17 DC C "C3'" 1 
ATOM 436 O "O3'" . DC C 3 9  ? 7.10327   -3.29786  -1.86966  1.000 300.70379 ? 17 DC C "O3'" 1 
ATOM 437 C "C2'" . DC C 3 9  ? 5.10918   -3.71277  -3.20190  1.000 311.02050 ? 17 DC C "C2'" 1 
ATOM 438 C "C1'" . DC C 3 9  ? 4.15103   -2.89819  -2.34505  1.000 318.91138 ? 17 DC C "C1'" 1 
ATOM 439 N N1    . DC C 3 9  ? 2.72722   -3.03851  -2.76336  1.000 325.31265 ? 17 DC C N1    1 
ATOM 440 C C2    . DC C 3 9  ? 1.88278   -3.94079  -2.09782  1.000 322.93761 ? 17 DC C C2    1 
ATOM 441 O O2    . DC C 3 9  ? 2.32923   -4.61019  -1.15882  1.000 315.05836 ? 17 DC C O2    1 
ATOM 442 N N3    . DC C 3 9  ? 0.59126   -4.04964  -2.50345  1.000 326.86670 ? 17 DC C N3    1 
ATOM 443 C C4    . DC C 3 9  ? 0.14634   -3.31028  -3.52124  1.000 332.60939 ? 17 DC C C4    1 
ATOM 444 N N4    . DC C 3 9  ? -1.13196  -3.44766  -3.88598  1.000 333.85709 ? 17 DC C N4    1 
ATOM 445 C C5    . DC C 3 9  ? 0.99168   -2.39188  -4.20805  1.000 333.65134 ? 17 DC C C5    1 
ATOM 446 C C6    . DC C 3 9  ? 2.25987   -2.29112  -3.80206  1.000 329.99542 ? 17 DC C C6    1 
ATOM 447 P P     . DA C 3 10 ? 8.15878   -4.50742  -1.91129  1.000 347.64722 ? 18 DA C P     1 
ATOM 448 O OP1   . DA C 3 10 ? 9.24843   -4.20017  -0.95684  1.000 342.02229 ? 18 DA C OP1   1 
ATOM 449 O OP2   . DA C 3 10 ? 8.46029   -4.76552  -3.33845  1.000 346.51686 ? 18 DA C OP2   1 
ATOM 450 O "O5'" . DA C 3 10 ? 7.33763   -5.76042  -1.35383  1.000 340.13889 ? 18 DA C "O5'" 1 
ATOM 451 C "C5'" . DA C 3 10 ? 7.64746   -7.05512  -1.82342  1.000 324.89502 ? 18 DA C "C5'" 1 
ATOM 452 C "C4'" . DA C 3 10 ? 7.27501   -8.11988  -0.80871  1.000 315.55003 ? 18 DA C "C4'" 1 
ATOM 453 O "O4'" . DA C 3 10 ? 5.84105   -8.13425  -0.62226  1.000 320.19013 ? 18 DA C "O4'" 1 
ATOM 454 C "C3'" . DA C 3 10 ? 7.62537   -9.53096  -1.23989  1.000 314.11734 ? 18 DA C "C3'" 1 
ATOM 455 O "O3'" . DA C 3 10 ? 7.83069   -10.36363 -0.10977  1.000 318.71920 ? 18 DA C "O3'" 1 
ATOM 456 C "C2'" . DA C 3 10 ? 6.39961   -9.95629  -2.05032  1.000 307.98195 ? 18 DA C "C2'" 1 
ATOM 457 C "C1'" . DA C 3 10 ? 5.25878   -9.17266  -1.39688  1.000 309.90616 ? 18 DA C "C1'" 1 
ATOM 458 N N9    . DA C 3 10 ? 4.34054   -8.56767  -2.36162  1.000 319.09852 ? 18 DA C N9    1 
ATOM 459 C C8    . DA C 3 10 ? 4.59509   -7.50538  -3.18549  1.000 332.03147 ? 18 DA C C8    1 
ATOM 460 N N7    . DA C 3 10 ? 3.58043   -7.16690  -3.94470  1.000 340.24362 ? 18 DA C N7    1 
ATOM 461 C C5    . DA C 3 10 ? 2.58847   -8.06921  -3.59649  1.000 330.58722 ? 18 DA C C5    1 
ATOM 462 C C6    . DA C 3 10 ? 1.26255   -8.24101  -4.04479  1.000 331.46861 ? 18 DA C C6    1 
ATOM 463 N N6    . DA C 3 10 ? 0.69868   -7.47249  -4.98484  1.000 343.39029 ? 18 DA C N6    1 
ATOM 464 N N1    . DA C 3 10 ? 0.53948   -9.24040  -3.49336  1.000 319.92684 ? 18 DA C N1    1 
ATOM 465 C C2    . DA C 3 10 ? 1.11045   -10.00550 -2.55014  1.000 309.91150 ? 18 DA C C2    1 
ATOM 466 N N3    . DA C 3 10 ? 2.34734   -9.94157  -2.05148  1.000 307.96697 ? 18 DA C N3    1 
ATOM 467 C C4    . DA C 3 10 ? 3.03897   -8.93922  -2.61903  1.000 318.34143 ? 18 DA C C4    1 
ATOM 468 P P     . DC C 3 11 ? 8.40377   -11.85292 -0.31532  1.000 310.95342 ? 19 DC C P     1 
ATOM 469 O OP1   . DC C 3 11 ? 9.14949   -12.21390 0.91112   1.000 306.88728 ? 19 DC C OP1   1 
ATOM 470 O OP2   . DC C 3 11 ? 9.09399   -11.90587 -1.62740  1.000 301.88520 ? 19 DC C OP2   1 
ATOM 471 O "O5'" . DC C 3 11 ? 7.07952   -12.75182 -0.42366  1.000 316.83374 ? 19 DC C "O5'" 1 
ATOM 472 C "C5'" . DC C 3 11 ? 6.85741   -13.57911 -1.57293  1.000 311.17184 ? 19 DC C "C5'" 1 
ATOM 473 C "C4'" . DC C 3 11 ? 5.49054   -14.25015 -1.50364  1.000 319.13234 ? 19 DC C "C4'" 1 
ATOM 474 O "O4'" . DC C 3 11 ? 4.45324   -13.28345 -1.84340  1.000 331.80373 ? 19 DC C "O4'" 1 
ATOM 475 C "C3'" . DC C 3 11 ? 5.30926   -15.43082 -2.45845  1.000 311.87637 ? 19 DC C "C3'" 1 
ATOM 476 O "O3'" . DC C 3 11 ? 4.59038   -16.49060 -1.82485  1.000 314.43750 ? 19 DC C "O3'" 1 
ATOM 477 C "C2'" . DC C 3 11 ? 4.52067   -14.83400 -3.61566  1.000 318.23485 ? 19 DC C "C2'" 1 
ATOM 478 C "C1'" . DC C 3 11 ? 3.68460   -13.75749 -2.92789  1.000 332.79329 ? 19 DC C "C1'" 1 
ATOM 479 N N1    . DC C 3 11 ? 3.39418   -12.62451 -3.83680  1.000 338.82290 ? 19 DC C N1    1 
ATOM 480 C C2    . DC C 3 11 ? 2.11550   -12.48176 -4.37926  1.000 349.52082 ? 19 DC C C2    1 
ATOM 481 O O2    . DC C 3 11 ? 1.23166   -13.28641 -4.05636  1.000 354.15741 ? 19 DC C O2    1 
ATOM 482 N N3    . DC C 3 11 ? 1.88033   -11.45343 -5.23101  1.000 355.13799 ? 19 DC C N3    1 
ATOM 483 C C4    . DC C 3 11 ? 2.86687   -10.60933 -5.54984  1.000 350.20355 ? 19 DC C C4    1 
ATOM 484 N N4    . DC C 3 11 ? 2.59162   -9.61250  -6.39344  1.000 356.32656 ? 19 DC C N4    1 
ATOM 485 C C5    . DC C 3 11 ? 4.17921   -10.75177 -5.01678  1.000 339.28902 ? 19 DC C C5    1 
ATOM 486 C C6    . DC C 3 11 ? 4.39611   -11.76465 -4.17675  1.000 333.97249 ? 19 DC C C6    1 
ATOM 487 P P     . DG C 3 12 ? 4.47564   -17.92121 -2.55153  1.000 305.74159 ? 20 DG C P     1 
ATOM 488 O OP1   . DG C 3 12 ? 4.41340   -18.97944 -1.51873  1.000 304.58123 ? 20 DG C OP1   1 
ATOM 489 O OP2   . DG C 3 12 ? 5.53348   -17.95299 -3.58459  1.000 294.01880 ? 20 DG C OP2   1 
ATOM 490 O "O5'" . DG C 3 12 ? 3.06581   -17.86090 -3.30622  1.000 315.66842 ? 20 DG C "O5'" 1 
ATOM 491 C "C5'" . DG C 3 12 ? 1.84642   -17.97793 -2.57496  1.000 328.40551 ? 20 DG C "C5'" 1 
ATOM 492 C "C4'" . DG C 3 12 ? 0.72841   -18.44703 -3.48856  1.000 336.63123 ? 20 DG C "C4'" 1 
ATOM 493 O "O4'" . DG C 3 12 ? 0.31617   -17.35334 -4.34755  1.000 345.06601 ? 20 DG C "O4'" 1 
ATOM 494 C "C3'" . DG C 3 12 ? 1.10581   -19.60355 -4.41160  1.000 330.14803 ? 20 DG C "C3'" 1 
ATOM 495 O "O3'" . DG C 3 12 ? 0.02622   -20.52039 -4.54465  1.000 341.31466 ? 20 DG C "O3'" 1 
ATOM 496 C "C2'" . DG C 3 12 ? 1.43637   -18.92582 -5.73947  1.000 329.02559 ? 20 DG C "C2'" 1 
ATOM 497 C "C1'" . DG C 3 12 ? 0.61225   -17.63949 -5.70585  1.000 342.06048 ? 20 DG C "C1'" 1 
ATOM 498 N N9    . DG C 3 12 ? 1.33280   -16.49676 -6.26777  1.000 336.13047 ? 20 DG C N9    1 
ATOM 499 C C8    . DG C 3 12 ? 2.63935   -16.14812 -6.01956  1.000 320.99805 ? 20 DG C C8    1 
ATOM 500 N N7    . DG C 3 12 ? 3.02813   -15.08155 -6.65810  1.000 322.02070 ? 20 DG C N7    1 
ATOM 501 C C5    . DG C 3 12 ? 1.90792   -14.69059 -7.37764  1.000 333.81801 ? 20 DG C C5    1 
ATOM 502 C C6    . DG C 3 12 ? 1.73115   -13.59391 -8.25006  1.000 339.35015 ? 20 DG C C6    1 
ATOM 503 O O6    . DG C 3 12 ? 2.55899   -12.72838 -8.56427  1.000 335.65186 ? 20 DG C O6    1 
ATOM 504 N N1    . DG C 3 12 ? 0.44030   -13.55347 -8.77818  1.000 357.00592 ? 20 DG C N1    1 
ATOM 505 C C2    . DG C 3 12 ? -0.55559  -14.46454 -8.49695  1.000 367.69004 ? 20 DG C C2    1 
ATOM 506 N N2    . DG C 3 12 ? -1.73810  -14.25951 -9.10403  1.000 384.57185 ? 20 DG C N2    1 
ATOM 507 N N3    . DG C 3 12 ? -0.40386  -15.50070 -7.67343  1.000 362.25199 ? 20 DG C N3    1 
ATOM 508 C C4    . DG C 3 12 ? 0.85147   -15.55106 -7.15166  1.000 345.31595 ? 20 DG C C4    1 
ATOM 509 P P     . DT C 3 13 ? 0.16289   -21.77878 -5.53864  1.000 333.44274 ? 21 DT C P     1 
ATOM 510 O OP1   . DT C 3 13 ? -0.70958  -22.84805 -5.00167  1.000 340.60066 ? 21 DT C OP1   1 
ATOM 511 O OP2   . DT C 3 13 ? 1.60915   -22.04436 -5.76168  1.000 315.96306 ? 21 DT C OP2   1 
ATOM 512 O "O5'" . DT C 3 13 ? -0.48206  -21.24983 -6.91025  1.000 344.11506 ? 21 DT C "O5'" 1 
ATOM 513 C "C5'" . DT C 3 13 ? -1.78237  -20.64067 -6.90295  1.000 361.58201 ? 21 DT C "C5'" 1 
ATOM 514 C "C4'" . DT C 3 13 ? -2.21329  -20.23700 -8.30637  1.000 369.75563 ? 21 DT C "C4'" 1 
ATOM 515 O "O4'" . DT C 3 13 ? -1.55088  -19.00230 -8.69326  1.000 365.23222 ? 21 DT C "O4'" 1 
ATOM 516 C "C3'" . DT C 3 13 ? -1.89376  -21.25020 -9.40760  1.000 365.46453 ? 21 DT C "C3'" 1 
ATOM 517 O "O3'" . DT C 3 13 ? -2.98387  -21.32247 -10.31677 1.000 380.53594 ? 21 DT C "O3'" 1 
ATOM 518 C "C2'" . DT C 3 13 ? -0.64811  -20.65933 -10.07167 1.000 352.09365 ? 21 DT C "C2'" 1 
ATOM 519 C "C1'" . DT C 3 13 ? -0.93588  -19.17169 -9.95580  1.000 358.93301 ? 21 DT C "C1'" 1 
ATOM 520 N N1    . DT C 3 13 ? 0.28113   -18.29326 -10.01900 1.000 345.99074 ? 21 DT C N1    1 
ATOM 521 C C2    . DT C 3 13 ? 0.27160   -17.18894 -10.84418 1.000 349.83532 ? 21 DT C C2    1 
ATOM 522 O O2    . DT C 3 13 ? -0.67991  -16.88699 -11.54446 1.000 363.65146 ? 21 DT C O2    1 
ATOM 523 N N3    . DT C 3 13 ? 1.42155   -16.44554 -10.81824 1.000 336.96894 ? 21 DT C N3    1 
ATOM 524 C C4    . DT C 3 13 ? 2.55524   -16.68800 -10.06914 1.000 321.35280 ? 21 DT C C4    1 
ATOM 525 O O4    . DT C 3 13 ? 3.54010   -15.95942 -10.11399 1.000 310.66490 ? 21 DT C O4    1 
ATOM 526 C C5    . DT C 3 13 ? 2.50187   -17.85798 -9.22746  1.000 318.52240 ? 21 DT C C5    1 
ATOM 527 C C7    . DT C 3 13 ? 3.67681   -18.22367 -8.37362  1.000 302.53296 ? 21 DT C C7    1 
ATOM 528 C C6    . DT C 3 13 ? 1.38174   -18.59643 -9.24219  1.000 330.64473 ? 21 DT C C6    1 
ATOM 529 P P     . DG C 3 14 ? -3.71932  -22.72283 -10.59727 1.000 376.38106 ? 22 DG C P     1 
ATOM 530 O OP1   . DG C 3 14 ? -5.16274  -22.53114 -10.31426 1.000 390.17105 ? 22 DG C OP1   1 
ATOM 531 O OP2   . DG C 3 14 ? -2.95450  -23.79121 -9.91102  1.000 366.02696 ? 22 DG C OP2   1 
ATOM 532 O "O5'" . DG C 3 14 ? -3.52318  -22.94026 -12.16941 1.000 389.43496 ? 22 DG C "O5'" 1 
ATOM 533 C "C5'" . DG C 3 14 ? -2.42304  -22.33097 -12.83622 1.000 381.59290 ? 22 DG C "C5'" 1 
ATOM 534 C "C4'" . DG C 3 14 ? -2.86909  -21.08554 -13.57841 1.000 382.93507 ? 22 DG C "C4'" 1 
ATOM 535 O "O4'" . DG C 3 14 ? -2.00787  -19.96998 -13.21977 1.000 364.25258 ? 22 DG C "O4'" 1 
ATOM 536 C "C3'" . DG C 3 14 ? -2.78160  -21.19160 -15.08975 1.000 390.20127 ? 22 DG C "C3'" 1 
ATOM 537 O "O3'" . DG C 3 14 ? -3.74327  -20.34849 -15.68918 1.000 400.54570 ? 22 DG C "O3'" 1 
ATOM 538 C "C2'" . DG C 3 14 ? -1.37104  -20.69549 -15.35252 1.000 370.46465 ? 22 DG C "C2'" 1 
ATOM 539 C "C1'" . DG C 3 14 ? -1.26924  -19.55494 -14.35268 1.000 359.34556 ? 22 DG C "C1'" 1 
ATOM 540 N N9    . DG C 3 14 ? 0.10115   -19.27059 -13.93389 1.000 341.09498 ? 22 DG C N9    1 
ATOM 541 C C8    . DG C 3 14 ? 0.83409   -19.95780 -12.99785 1.000 329.02854 ? 22 DG C C8    1 
ATOM 542 N N7    . DG C 3 14 ? 2.03507   -19.48302 -12.82337 1.000 315.46053 ? 22 DG C N7    1 
ATOM 543 C C5    . DG C 3 14 ? 2.10949   -18.41245 -13.70357 1.000 318.32457 ? 22 DG C C5    1 
ATOM 544 C C6    . DG C 3 14 ? 3.17649   -17.51964 -13.95579 1.000 307.70814 ? 22 DG C C6    1 
ATOM 545 O O6    . DG C 3 14 ? 4.29950   -17.50476 -13.43151 1.000 293.38243 ? 22 DG C O6    1 
ATOM 546 N N1    . DG C 3 14 ? 2.84276   -16.57486 -14.92298 1.000 315.28764 ? 22 DG C N1    1 
ATOM 547 C C2    . DG C 3 14 ? 1.62725   -16.50259 -15.56883 1.000 331.56283 ? 22 DG C C2    1 
ATOM 548 N N2    . DG C 3 14 ? 1.48931   -15.52066 -16.47465 1.000 337.04662 ? 22 DG C N2    1 
ATOM 549 N N3    . DG C 3 14 ? 0.61505   -17.33712 -15.34110 1.000 341.83090 ? 22 DG C N3    1 
ATOM 550 C C4    . DG C 3 14 ? 0.92737   -18.26448 -14.39777 1.000 334.19011 ? 22 DG C C4    1 
ATOM 551 P P     . DC C 3 15 ? -4.62182  -20.88717 -16.92002 1.000 384.81731 ? 23 DC C P     1 
ATOM 552 O OP1   . DC C 3 15 ? -6.02698  -20.50867 -16.66064 1.000 402.92925 ? 23 DC C OP1   1 
ATOM 553 O OP2   . DC C 3 15 ? -4.26061  -22.30612 -17.13413 1.000 376.78292 ? 23 DC C OP2   1 
ATOM 554 O "O5'" . DC C 3 15 ? -4.07571  -20.05956 -18.17041 1.000 383.28041 ? 23 DC C "O5'" 1 
ATOM 555 C "C5'" . DC C 3 15 ? -2.72246  -20.18890 -18.55348 1.000 367.25894 ? 23 DC C "C5'" 1 
ATOM 556 C "C4'" . DC C 3 15 ? -2.26333  -18.97047 -19.31802 1.000 366.58765 ? 23 DC C "C4'" 1 
ATOM 557 O "O4'" . DC C 3 15 ? -1.09088  -18.41123 -18.67448 1.000 351.96064 ? 23 DC C "O4'" 1 
ATOM 558 C "C3'" . DC C 3 15 ? -1.81872  -19.25397 -20.73332 1.000 364.15513 ? 23 DC C "C3'" 1 
ATOM 559 O "O3'" . DC C 3 15 ? -1.85957  -18.05711 -21.47822 1.000 369.45474 ? 23 DC C "O3'" 1 
ATOM 560 C "C2'" . DC C 3 15 ? -0.38799  -19.71102 -20.50332 1.000 345.36373 ? 23 DC C "C2'" 1 
ATOM 561 C "C1'" . DC C 3 15 ? 0.06010   -18.70653 -19.44860 1.000 339.34600 ? 23 DC C "C1'" 1 
ATOM 562 N N1    . DC C 3 15 ? 1.12189   -19.21437 -18.53110 1.000 323.37916 ? 23 DC C N1    1 
ATOM 563 C C2    . DC C 3 15 ? 2.35206   -18.55157 -18.45969 1.000 309.94938 ? 23 DC C C2    1 
ATOM 564 O O2    . DC C 3 15 ? 2.54090   -17.56182 -19.17385 1.000 311.22004 ? 23 DC C O2    1 
ATOM 565 N N3    . DC C 3 15 ? 3.30280   -19.01995 -17.60876 1.000 295.98818 ? 23 DC C N3    1 
ATOM 566 C C4    . DC C 3 15 ? 3.05705   -20.09095 -16.85582 1.000 295.22359 ? 23 DC C C4    1 
ATOM 567 N N4    . DC C 3 15 ? 4.02295   -20.51714 -16.03312 1.000 281.63102 ? 23 DC C N4    1 
ATOM 568 C C5    . DC C 3 15 ? 1.80761   -20.77658 -16.91441 1.000 308.45641 ? 23 DC C C5    1 
ATOM 569 C C6    . DC C 3 15 ? 0.87965   -20.30794 -17.75791 1.000 322.15028 ? 23 DC C C6    1 
ATOM 570 P P     . DA C 3 16 ? -2.44508  -18.05707 -22.97191 1.000 376.65588 ? 24 DA C P     1 
ATOM 571 O OP1   . DA C 3 16 ? -3.53258  -17.05504 -23.03474 1.000 392.86566 ? 24 DA C OP1   1 
ATOM 572 O OP2   . DA C 3 16 ? -2.71446  -19.46627 -23.33568 1.000 377.62469 ? 24 DA C OP2   1 
ATOM 573 O "O5'" . DA C 3 16 ? -1.21444  -17.54448 -23.85325 1.000 365.29411 ? 24 DA C "O5'" 1 
ATOM 574 C "C5'" . DA C 3 16 ? 0.00209   -18.28029 -23.85471 1.000 349.09239 ? 24 DA C "C5'" 1 
ATOM 575 C "C4'" . DA C 3 16 ? 1.18520   -17.38206 -24.16063 1.000 337.59461 ? 24 DA C "C4'" 1 
ATOM 576 O "O4'" . DA C 3 16 ? 2.10413   -17.41276 -23.04328 1.000 323.24107 ? 24 DA C "O4'" 1 
ATOM 577 C "C3'" . DA C 3 16 ? 2.02447   -17.81426 -25.35062 1.000 330.74589 ? 24 DA C "C3'" 1 
ATOM 578 O "O3'" . DA C 3 16 ? 2.77364   -16.70398 -25.83563 1.000 325.24623 ? 24 DA C "O3'" 1 
ATOM 579 C "C2'" . DA C 3 16 ? 2.93259   -18.85703 -24.71548 1.000 316.57897 ? 24 DA C "C2'" 1 
ATOM 580 C "C1'" . DA C 3 16 ? 3.24689   -18.17960 -23.39152 1.000 309.78640 ? 24 DA C "C1'" 1 
ATOM 581 N N9    . DA C 3 16 ? 3.50581   -19.10317 -22.31001 1.000 302.18995 ? 24 DA C N9    1 
ATOM 582 C C8    . DA C 3 16 ? 2.63379   -19.99544 -21.76203 1.000 309.10040 ? 24 DA C C8    1 
ATOM 583 N N7    . DA C 3 16 ? 3.14207   -20.68767 -20.77589 1.000 299.40267 ? 24 DA C N7    1 
ATOM 584 C C5    . DA C 3 16 ? 4.43571   -20.20885 -20.67308 1.000 285.37923 ? 24 DA C C5    1 
ATOM 585 C C6    . DA C 3 16 ? 5.50137   -20.53589 -19.81883 1.000 270.78443 ? 24 DA C C6    1 
ATOM 586 N N6    . DA C 3 16 ? 5.41479   -21.46803 -18.86354 1.000 267.91706 ? 24 DA C N6    1 
ATOM 587 N N1    . DA C 3 16 ? 6.66505   -19.86641 -19.98829 1.000 259.32332 ? 24 DA C N1    1 
ATOM 588 C C2    . DA C 3 16 ? 6.73895   -18.93180 -20.94625 1.000 262.21256 ? 24 DA C C2    1 
ATOM 589 N N3    . DA C 3 16 ? 5.80689   -18.54764 -21.81078 1.000 275.48917 ? 24 DA C N3    1 
ATOM 590 C C4    . DA C 3 16 ? 4.66989   -19.22988 -21.61535 1.000 286.80955 ? 24 DA C C4    1 
ATOM 591 O "O5'" . DG D 4 1  ? 14.14590  -24.17691 -12.97571 1.000 194.96707 ? 1  DG D "O5'" 1 
ATOM 592 C "C5'" . DG D 4 1  ? 13.09242  -24.31404 -13.93304 1.000 198.64229 ? 1  DG D "C5'" 1 
ATOM 593 C "C4'" . DG D 4 1  ? 13.55875  -23.96946 -15.34241 1.000 198.77508 ? 1  DG D "C4'" 1 
ATOM 594 O "O4'" . DG D 4 1  ? 12.80334  -24.76340 -16.28430 1.000 202.94833 ? 1  DG D "O4'" 1 
ATOM 595 C "C3'" . DG D 4 1  ? 13.30967  -22.53051 -15.77013 1.000 198.90222 ? 1  DG D "C3'" 1 
ATOM 596 O "O3'" . DG D 4 1  ? 14.39196  -21.68331 -15.36933 1.000 195.15349 ? 1  DG D "O3'" 1 
ATOM 597 C "C2'" . DG D 4 1  ? 13.22036  -22.65039 -17.29304 1.000 201.95905 ? 1  DG D "C2'" 1 
ATOM 598 C "C1'" . DG D 4 1  ? 12.62271  -24.04354 -17.48457 1.000 204.89641 ? 1  DG D "C1'" 1 
ATOM 599 N N9    . DG D 4 1  ? 11.20472  -24.08721 -17.84579 1.000 210.13550 ? 1  DG D N9    1 
ATOM 600 C C8    . DG D 4 1  ? 10.21748  -24.79627 -17.20876 1.000 213.03861 ? 1  DG D C8    1 
ATOM 601 N N7    . DG D 4 1  ? 9.05135   -24.68790 -17.77114 1.000 218.47974 ? 1  DG D N7    1 
ATOM 602 C C5    . DG D 4 1  ? 9.27635   -23.86890 -18.85957 1.000 221.43844 ? 1  DG D C5    1 
ATOM 603 C C6    . DG D 4 1  ? 8.37719   -23.40055 -19.83729 1.000 227.49376 ? 1  DG D C6    1 
ATOM 604 O O6    . DG D 4 1  ? 7.16050   -23.63101 -19.93862 1.000 230.72722 ? 1  DG D O6    1 
ATOM 605 N N1    . DG D 4 1  ? 9.01568   -22.58842 -20.76840 1.000 232.77118 ? 1  DG D N1    1 
ATOM 606 C C2    . DG D 4 1  ? 10.35574  -22.26922 -20.75289 1.000 233.15009 ? 1  DG D C2    1 
ATOM 607 N N2    . DG D 4 1  ? 10.78677  -21.46688 -21.73924 1.000 236.75349 ? 1  DG D N2    1 
ATOM 608 N N3    . DG D 4 1  ? 11.21176  -22.70265 -19.83738 1.000 224.43502 ? 1  DG D N3    1 
ATOM 609 C C4    . DG D 4 1  ? 10.60293  -23.49306 -18.92409 1.000 219.00025 ? 1  DG D C4    1 
ATOM 610 P P     . DT D 4 2  ? 14.25904  -20.68277 -14.10226 1.000 190.63876 ? 2  DT D P     1 
ATOM 611 O OP1   . DT D 4 2  ? 15.09636  -21.22034 -13.00053 1.000 186.35718 ? 2  DT D OP1   1 
ATOM 612 O OP2   . DT D 4 2  ? 12.82119  -20.37262 -13.85703 1.000 214.05198 ? 2  DT D OP2   1 
ATOM 613 O "O5'" . DT D 4 2  ? 14.93894  -19.34700 -14.63904 1.000 187.98218 ? 2  DT D "O5'" 1 
ATOM 614 C "C5'" . DT D 4 2  ? 14.13250  -18.20712 -14.97582 1.000 189.78268 ? 2  DT D "C5'" 1 
ATOM 615 C "C4'" . DT D 4 2  ? 13.99999  -18.07937 -16.47554 1.000 195.81951 ? 2  DT D "C4'" 1 
ATOM 616 O "O4'" . DT D 4 2  ? 13.38574  -19.26745 -17.01929 1.000 219.89332 ? 2  DT D "O4'" 1 
ATOM 617 C "C3'" . DT D 4 2  ? 13.10346  -16.93286 -16.92268 1.000 213.07868 ? 2  DT D "C3'" 1 
ATOM 618 O "O3'" . DT D 4 2  ? 13.86782  -15.72127 -17.03950 1.000 195.28490 ? 2  DT D "O3'" 1 
ATOM 619 C "C2'" . DT D 4 2  ? 12.59085  -17.40947 -18.26888 1.000 239.98884 ? 2  DT D "C2'" 1 
ATOM 620 C "C1'" . DT D 4 2  ? 12.55301  -18.93021 -18.12763 1.000 245.69735 ? 2  DT D "C1'" 1 
ATOM 621 N N1    . DT D 4 2  ? 11.21533  -19.50527 -17.88051 1.000 265.93547 ? 2  DT D N1    1 
ATOM 622 C C2    . DT D 4 2  ? 10.28410  -19.47259 -18.89292 1.000 276.24920 ? 2  DT D C2    1 
ATOM 623 O O2    . DT D 4 2  ? 10.50521  -18.98345 -19.98856 1.000 278.72857 ? 2  DT D O2    1 
ATOM 624 N N3    . DT D 4 2  ? 9.07683   -20.04337 -18.57690 1.000 274.41605 ? 2  DT D N3    1 
ATOM 625 C C4    . DT D 4 2  ? 8.71780   -20.63051 -17.37942 1.000 267.34407 ? 2  DT D C4    1 
ATOM 626 O O4    . DT D 4 2  ? 7.59315   -21.10205 -17.24162 1.000 264.70735 ? 2  DT D O4    1 
ATOM 627 C C5    . DT D 4 2  ? 9.74442   -20.63212 -16.36405 1.000 259.89708 ? 2  DT D C5    1 
ATOM 628 C C7    . DT D 4 2  ? 9.44683   -21.24534 -15.03178 1.000 246.89660 ? 2  DT D C7    1 
ATOM 629 C C6    . DT D 4 2  ? 10.92421  -20.07519 -16.66047 1.000 258.54708 ? 2  DT D C6    1 
ATOM 630 P P     . DG D 4 3  ? 13.39152  -14.33634 -16.31145 1.000 214.06005 ? 3  DG D P     1 
ATOM 631 O OP1   . DG D 4 3  ? 14.46809  -13.97336 -15.34608 1.000 201.16204 ? 3  DG D OP1   1 
ATOM 632 O OP2   . DG D 4 3  ? 12.06022  -14.56360 -15.70327 1.000 250.63360 ? 3  DG D OP2   1 
ATOM 633 O "O5'" . DG D 4 3  ? 13.32647  -13.26763 -17.51746 1.000 211.00940 ? 3  DG D "O5'" 1 
ATOM 634 C "C5'" . DG D 4 3  ? 12.97307  -13.70256 -18.85217 1.000 218.96288 ? 3  DG D "C5'" 1 
ATOM 635 C "C4'" . DG D 4 3  ? 11.49650  -13.50136 -19.06003 1.000 250.30820 ? 3  DG D "C4'" 1 
ATOM 636 O "O4'" . DG D 4 3  ? 10.79388  -14.71687 -18.70981 1.000 282.25361 ? 3  DG D "O4'" 1 
ATOM 637 C "C3'" . DG D 4 3  ? 10.90393  -12.40730 -18.15987 1.000 251.87923 ? 3  DG D "C3'" 1 
ATOM 638 O "O3'" . DG D 4 3  ? 10.16390  -11.50324 -18.91590 1.000 250.89573 ? 3  DG D "O3'" 1 
ATOM 639 C "C2'" . DG D 4 3  ? 10.00404  -13.16796 -17.19321 1.000 284.18286 ? 3  DG D "C2'" 1 
ATOM 640 C "C1'" . DG D 4 3  ? 9.61890   -14.35710 -18.02905 1.000 301.77368 ? 3  DG D "C1'" 1 
ATOM 641 N N9    . DG D 4 3  ? 9.11319   -15.49378 -17.25587 1.000 315.28893 ? 3  DG D N9    1 
ATOM 642 C C8    . DG D 4 3  ? 9.73827   -16.18366 -16.24401 1.000 311.92022 ? 3  DG D C8    1 
ATOM 643 N N7    . DG D 4 3  ? 9.01008   -17.15051 -15.75214 1.000 314.15924 ? 3  DG D N7    1 
ATOM 644 C C5    . DG D 4 3  ? 7.83161   -17.08584 -16.48032 1.000 315.77838 ? 3  DG D C5    1 
ATOM 645 C C6    . DG D 4 3  ? 6.65848   -17.87168 -16.40489 1.000 309.79576 ? 3  DG D C6    1 
ATOM 646 O O6    . DG D 4 3  ? 6.41812   -18.81957 -15.65456 1.000 304.97965 ? 3  DG D O6    1 
ATOM 647 N N1    . DG D 4 3  ? 5.70181   -17.45891 -17.33036 1.000 306.06475 ? 3  DG D N1    1 
ATOM 648 C C2    . DG D 4 3  ? 5.86555   -16.42121 -18.21607 1.000 308.04628 ? 3  DG D C2    1 
ATOM 649 N N2    . DG D 4 3  ? 4.84361   -16.15226 -19.03937 1.000 300.15181 ? 3  DG D N2    1 
ATOM 650 N N3    . DG D 4 3  ? 6.95138   -15.68209 -18.28622 1.000 314.13393 ? 3  DG D N3    1 
ATOM 651 C C4    . DG D 4 3  ? 7.88742   -16.07051 -17.40330 1.000 317.81314 ? 3  DG D C4    1 
ATOM 652 P P     . DC D 4 4  ? 9.66734   -10.12921 -18.25005 1.000 270.86277 ? 4  DC D P     1 
ATOM 653 O OP1   . DC D 4 4  ? 10.85021  -9.24674  -18.14079 1.000 248.48321 ? 4  DC D OP1   1 
ATOM 654 O OP2   . DC D 4 4  ? 8.88678   -10.41035 -17.02545 1.000 294.82810 ? 4  DC D OP2   1 
ATOM 655 O "O5'" . DC D 4 4  ? 8.62503   -9.56429  -19.31619 1.000 273.60026 ? 4  DC D "O5'" 1 
ATOM 656 C "C5'" . DC D 4 4  ? 7.44032   -8.96498  -18.85455 1.000 281.95063 ? 4  DC D "C5'" 1 
ATOM 657 C "C4'" . DC D 4 4  ? 6.26440   -9.92731  -18.92178 1.000 304.00881 ? 4  DC D "C4'" 1 
ATOM 658 O "O4'" . DC D 4 4  ? 6.61957   -11.21744 -18.40138 1.000 321.01448 ? 4  DC D "O4'" 1 
ATOM 659 C "C3'" . DC D 4 4  ? 5.07447   -9.51177  -18.08392 1.000 307.26472 ? 4  DC D "C3'" 1 
ATOM 660 O "O3'" . DC D 4 4  ? 4.24218   -8.67927  -18.84228 1.000 295.71582 ? 4  DC D "O3'" 1 
ATOM 661 C "C2'" . DC D 4 4  ? 4.37869   -10.83937 -17.73815 1.000 318.67312 ? 4  DC D "C2'" 1 
ATOM 662 C "C1'" . DC D 4 4  ? 5.42139   -11.90123 -18.09571 1.000 327.80138 ? 4  DC D "C1'" 1 
ATOM 663 N N1    . DC D 4 4  ? 5.68557   -12.89549 -17.00666 1.000 337.05867 ? 4  DC D N1    1 
ATOM 664 C C2    . DC D 4 4  ? 4.73267   -13.88373 -16.71016 1.000 333.29226 ? 4  DC D C2    1 
ATOM 665 O O2    . DC D 4 4  ? 3.67075   -13.91546 -17.34739 1.000 323.91603 ? 4  DC D O2    1 
ATOM 666 N N3    . DC D 4 4  ? 5.00861   -14.78439 -15.72929 1.000 336.30151 ? 4  DC D N3    1 
ATOM 667 C C4    . DC D 4 4  ? 6.16509   -14.71764 -15.06691 1.000 343.75907 ? 4  DC D C4    1 
ATOM 668 N N4    . DC D 4 4  ? 6.39638   -15.62281 -14.11189 1.000 342.88496 ? 4  DC D N4    1 
ATOM 669 C C5    . DC D 4 4  ? 7.13881   -13.72241 -15.35695 1.000 347.15894 ? 4  DC D C5    1 
ATOM 670 C C6    . DC D 4 4  ? 6.85950   -12.84274 -16.32280 1.000 342.38382 ? 4  DC D C6    1 
ATOM 671 P P     . DA D 4 5  ? 3.54157   -7.41543  -18.15010 1.000 309.18149 ? 5  DA D P     1 
ATOM 672 O OP1   . DA D 4 5  ? 3.53119   -6.31849  -19.14344 1.000 299.72194 ? 5  DA D OP1   1 
ATOM 673 O OP2   . DA D 4 5  ? 4.17187   -7.22724  -16.81926 1.000 312.69712 ? 5  DA D OP2   1 
ATOM 674 O "O5'" . DA D 4 5  ? 2.04504   -7.90834  -17.92367 1.000 313.08462 ? 5  DA D "O5'" 1 
ATOM 675 C "C5'" . DA D 4 5  ? 1.45914   -8.81323  -18.84340 1.000 316.14596 ? 5  DA D "C5'" 1 
ATOM 676 C "C4'" . DA D 4 5  ? 0.36636   -9.61300  -18.16783 1.000 318.53797 ? 5  DA D "C4'" 1 
ATOM 677 O "O4'" . DA D 4 5  ? 0.95779   -10.66831 -17.35933 1.000 324.03551 ? 5  DA D "O4'" 1 
ATOM 678 C "C3'" . DA D 4 5  ? -0.51730  -8.80695  -17.21857 1.000 315.99872 ? 5  DA D "C3'" 1 
ATOM 679 O "O3'" . DA D 4 5  ? -1.86169  -9.25163  -17.33165 1.000 316.48419 ? 5  DA D "O3'" 1 
ATOM 680 C "C2'" . DA D 4 5  ? 0.06668   -9.14328  -15.84785 1.000 317.97904 ? 5  DA D "C2'" 1 
ATOM 681 C "C1'" . DA D 4 5  ? 0.42605   -10.60241 -16.05432 1.000 323.52771 ? 5  DA D "C1'" 1 
ATOM 682 N N9    . DA D 4 5  ? 1.42058   -11.12342 -15.11976 1.000 333.01394 ? 5  DA D N9    1 
ATOM 683 C C8    . DA D 4 5  ? 2.66810   -10.62321 -14.87235 1.000 341.80809 ? 5  DA D C8    1 
ATOM 684 N N7    . DA D 4 5  ? 3.35160   -11.31761 -13.99210 1.000 351.26942 ? 5  DA D N7    1 
ATOM 685 C C5    . DA D 4 5  ? 2.49217   -12.34592 -13.64015 1.000 344.91195 ? 5  DA D C5    1 
ATOM 686 C C6    . DA D 4 5  ? 2.61681   -13.42741 -12.74314 1.000 346.23882 ? 5  DA D C6    1 
ATOM 687 N N6    . DA D 4 5  ? 3.71202   -13.65233 -12.00820 1.000 355.60781 ? 5  DA D N6    1 
ATOM 688 N N1    . DA D 4 5  ? 1.56752   -14.27195 -12.62989 1.000 335.45009 ? 5  DA D N1    1 
ATOM 689 C C2    . DA D 4 5  ? 0.47257   -14.04332 -13.36752 1.000 327.78894 ? 5  DA D C2    1 
ATOM 690 N N3    . DA D 4 5  ? 0.24055   -13.06385 -14.23994 1.000 326.42814 ? 5  DA D N3    1 
ATOM 691 C C4    . DA D 4 5  ? 1.29902   -12.24233 -14.33005 1.000 334.12588 ? 5  DA D C4    1 
ATOM 692 P P     . DC D 4 6  ? -2.97938  -8.30315  -17.98878 1.000 330.11464 ? 6  DC D P     1 
ATOM 693 O OP1   . DC D 4 6  ? -3.78249  -9.12811  -18.91925 1.000 339.66564 ? 6  DC D OP1   1 
ATOM 694 O OP2   . DC D 4 6  ? -2.30059  -7.08560  -18.48477 1.000 328.75584 ? 6  DC D OP2   1 
ATOM 695 O "O5'" . DC D 4 6  ? -3.89781  -7.89105  -16.74953 1.000 329.19290 ? 6  DC D "O5'" 1 
ATOM 696 C "C5'" . DC D 4 6  ? -3.38748  -8.00047  -15.42419 1.000 320.32504 ? 6  DC D "C5'" 1 
ATOM 697 C "C4'" . DC D 4 6  ? -3.84034  -9.29572  -14.77655 1.000 320.89111 ? 6  DC D "C4'" 1 
ATOM 698 O "O4'" . DC D 4 6  ? -2.68298  -10.07743 -14.36509 1.000 321.21065 ? 6  DC D "O4'" 1 
ATOM 699 C "C3'" . DC D 4 6  ? -4.69979  -9.11095  -13.52866 1.000 320.47788 ? 6  DC D "C3'" 1 
ATOM 700 O "O3'" . DC D 4 6  ? -5.82322  -9.98640  -13.56835 1.000 328.45515 ? 6  DC D "O3'" 1 
ATOM 701 C "C2'" . DC D 4 6  ? -3.74509  -9.45373  -12.38633 1.000 317.58419 ? 6  DC D "C2'" 1 
ATOM 702 C "C1'" . DC D 4 6  ? -2.84590  -10.49601 -13.02885 1.000 320.18250 ? 6  DC D "C1'" 1 
ATOM 703 N N1    . DC D 4 6  ? -1.49960  -10.57749 -12.39507 1.000 321.49388 ? 6  DC D N1    1 
ATOM 704 C C2    . DC D 4 6  ? -1.17197  -11.65866 -11.56087 1.000 324.67407 ? 6  DC D C2    1 
ATOM 705 O O2    . DC D 4 6  ? -2.00707  -12.54852 -11.35568 1.000 320.30056 ? 6  DC D O2    1 
ATOM 706 N N3    . DC D 4 6  ? 0.06181   -11.69825 -10.99866 1.000 334.74866 ? 6  DC D N3    1 
ATOM 707 C C4    . DC D 4 6  ? 0.93634   -10.71815 -11.23972 1.000 341.91403 ? 6  DC D C4    1 
ATOM 708 N N4    . DC D 4 6  ? 2.14161   -10.79480 -10.66848 1.000 354.50040 ? 6  DC D N4    1 
ATOM 709 C C5    . DC D 4 6  ? 0.61796   -9.61522  -12.08209 1.000 337.70458 ? 6  DC D C5    1 
ATOM 710 C C6    . DC D 4 6  ? -0.59780  -9.58516  -12.62702 1.000 327.57134 ? 6  DC D C6    1 
ATOM 711 P P     . DG D 4 7  ? -7.21703  -9.53713  -12.90501 1.000 340.60645 ? 7  DG D P     1 
ATOM 712 O OP1   . DG D 4 7  ? -8.26539  -9.58375  -13.95042 1.000 352.18741 ? 7  DG D OP1   1 
ATOM 713 O OP2   . DG D 4 7  ? -6.95476  -8.27444  -12.17817 1.000 334.31293 ? 7  DG D OP2   1 
ATOM 714 O "O5'" . DG D 4 7  ? -7.48964  -10.66517 -11.80515 1.000 339.86834 ? 7  DG D "O5'" 1 
ATOM 715 C "C5'" . DG D 4 7  ? -6.41239  -11.11165 -11.00539 1.000 330.75233 ? 7  DG D "C5'" 1 
ATOM 716 C "C4'" . DG D 4 7  ? -6.84374  -12.15381 -10.00055 1.000 332.24228 ? 7  DG D "C4'" 1 
ATOM 717 O "O4'" . DG D 4 7  ? -5.67075  -12.64553 -9.32095  1.000 323.76096 ? 7  DG D "O4'" 1 
ATOM 718 C "C3'" . DG D 4 7  ? -7.70036  -11.63102 -8.87494  1.000 333.40379 ? 7  DG D "C3'" 1 
ATOM 719 O "O3'" . DG D 4 7  ? -8.28728  -12.72455 -8.18798  1.000 337.94806 ? 7  DG D "O3'" 1 
ATOM 720 C "C2'" . DG D 4 7  ? -6.65681  -10.93400 -8.01360  1.000 322.70466 ? 7  DG D "C2'" 1 
ATOM 721 C "C1'" . DG D 4 7  ? -5.45488  -11.87040 -8.15453  1.000 319.16737 ? 7  DG D "C1'" 1 
ATOM 722 N N9    . DG D 4 7  ? -4.18748  -11.16630 -8.30375  1.000 320.35100 ? 7  DG D N9    1 
ATOM 723 C C8    . DG D 4 7  ? -3.91366  -10.12137 -9.15017  1.000 321.28037 ? 7  DG D C8    1 
ATOM 724 N N7    . DG D 4 7  ? -2.68672  -9.69481  -9.07087  1.000 322.99802 ? 7  DG D N7    1 
ATOM 725 C C5    . DG D 4 7  ? -2.10852  -10.50844 -8.11054  1.000 326.93658 ? 7  DG D C5    1 
ATOM 726 C C6    . DG D 4 7  ? -0.79192  -10.51537 -7.60037  1.000 337.98262 ? 7  DG D C6    1 
ATOM 727 O O6    . DG D 4 7  ? 0.15491   -9.77821  -7.91019  1.000 347.93014 ? 7  DG D O6    1 
ATOM 728 N N1    . DG D 4 7  ? -0.62228  -11.50576 -6.63712  1.000 336.66364 ? 7  DG D N1    1 
ATOM 729 C C2    . DG D 4 7  ? -1.60367  -12.37822 -6.21784  1.000 325.44742 ? 7  DG D C2    1 
ATOM 730 N N2    . DG D 4 7  ? -1.25512  -13.26860 -5.27805  1.000 322.78318 ? 7  DG D N2    1 
ATOM 731 N N3    . DG D 4 7  ? -2.84142  -12.37999 -6.69064  1.000 319.56539 ? 7  DG D N3    1 
ATOM 732 C C4    . DG D 4 7  ? -3.02097  -11.42210 -7.62891  1.000 320.88296 ? 7  DG D C4    1 
ATOM 733 P P     . DT D 4 8  ? -9.01595  -12.50458 -6.77274  1.000 334.75152 ? 8  DT D P     1 
ATOM 734 O OP1   . DT D 4 8  ? -9.96753  -13.62168 -6.58093  1.000 344.18754 ? 8  DT D OP1   1 
ATOM 735 O OP2   . DT D 4 8  ? -9.50896  -11.10930 -6.71906  1.000 334.41105 ? 8  DT D OP2   1 
ATOM 736 O "O5'" . DT D 4 8  ? -7.83653  -12.64809 -5.70426  1.000 324.65211 ? 8  DT D "O5'" 1 
ATOM 737 C "C5'" . DT D 4 8  ? -8.05991  -12.26794 -4.36000  1.000 322.25541 ? 8  DT D "C5'" 1 
ATOM 738 C "C4'" . DT D 4 8  ? -7.05157  -12.91895 -3.43944  1.000 316.05509 ? 8  DT D "C4'" 1 
ATOM 739 O "O4'" . DT D 4 8  ? -5.71056  -12.62813 -3.91244  1.000 308.94844 ? 8  DT D "O4'" 1 
ATOM 740 C "C3'" . DT D 4 8  ? -7.09040  -12.41034 -2.00852  1.000 312.58064 ? 8  DT D "C3'" 1 
ATOM 741 O "O3'" . DT D 4 8  ? -6.62249  -13.41578 -1.13249  1.000 311.85444 ? 8  DT D "O3'" 1 
ATOM 742 C "C2'" . DT D 4 8  ? -6.12351  -11.24311 -2.07274  1.000 306.06983 ? 8  DT D "C2'" 1 
ATOM 743 C "C1'" . DT D 4 8  ? -5.03962  -11.82922 -2.96101  1.000 308.01551 ? 8  DT D "C1'" 1 
ATOM 744 N N1    . DT D 4 8  ? -4.24938  -10.80829 -3.67842  1.000 310.08938 ? 8  DT D N1    1 
ATOM 745 C C2    . DT D 4 8  ? -2.94145  -10.60145 -3.31471  1.000 312.60390 ? 8  DT D C2    1 
ATOM 746 O O2    . DT D 4 8  ? -2.39273  -11.22335 -2.42288  1.000 312.52177 ? 8  DT D O2    1 
ATOM 747 N N3    . DT D 4 8  ? -2.29087  -9.63585  -4.03861  1.000 322.18567 ? 8  DT D N3    1 
ATOM 748 C C4    . DT D 4 8  ? -2.81376  -8.87165  -5.06575  1.000 320.02001 ? 8  DT D C4    1 
ATOM 749 O O4    . DT D 4 8  ? -2.15240  -8.02487  -5.65934  1.000 326.94186 ? 8  DT D O4    1 
ATOM 750 C C5    . DT D 4 8  ? -4.19353  -9.13961  -5.39410  1.000 312.46401 ? 8  DT D C5    1 
ATOM 751 C C7    . DT D 4 8  ? -4.86531  -8.36670  -6.48739  1.000 312.34324 ? 8  DT D C7    1 
ATOM 752 C C6    . DT D 4 8  ? -4.83940  -10.08367 -4.69257  1.000 310.96102 ? 8  DT D C6    1 
ATOM 753 P P     . DG D 4 9  ? -7.38052  -13.68527 0.25636   1.000 299.65436 ? 9  DG D P     1 
ATOM 754 O OP1   . DG D 4 9  ? -7.64837  -15.13531 0.37435   1.000 306.54634 ? 9  DG D OP1   1 
ATOM 755 O OP2   . DG D 4 9  ? -8.50026  -12.72109 0.32163   1.000 303.19080 ? 9  DG D OP2   1 
ATOM 756 O "O5'" . DG D 4 9  ? -6.31370  -13.25096 1.35421   1.000 291.00403 ? 9  DG D "O5'" 1 
ATOM 757 C "C5'" . DG D 4 9  ? -5.87584  -11.91907 1.38431   1.000 283.92169 ? 9  DG D "C5'" 1 
ATOM 758 C "C4'" . DG D 4 9  ? -4.44296  -11.83481 1.84458   1.000 282.40269 ? 9  DG D "C4'" 1 
ATOM 759 O "O4'" . DG D 4 9  ? -3.63269  -11.25601 0.78775   1.000 285.61194 ? 9  DG D "O4'" 1 
ATOM 760 C "C3'" . DG D 4 9  ? -4.24017  -10.95287 3.06539   1.000 280.55660 ? 9  DG D "C3'" 1 
ATOM 761 O "O3'" . DG D 4 9  ? -3.21978  -11.47476 3.89375   1.000 277.31114 ? 9  DG D "O3'" 1 
ATOM 762 C "C2'" . DG D 4 9  ? -3.85011  -9.60692  2.46396   1.000 283.64345 ? 9  DG D "C2'" 1 
ATOM 763 C "C1'" . DG D 4 9  ? -3.09345  -10.01407 1.20660   1.000 286.76095 ? 9  DG D "C1'" 1 
ATOM 764 N N9    . DG D 4 9  ? -3.24182  -9.05409  0.11675   1.000 293.13151 ? 9  DG D N9    1 
ATOM 765 C C8    . DG D 4 9  ? -4.36537  -8.83529  -0.64285  1.000 289.66941 ? 9  DG D C8    1 
ATOM 766 N N7    . DG D 4 9  ? -4.21165  -7.91128  -1.54842  1.000 292.24340 ? 9  DG D N7    1 
ATOM 767 C C5    . DG D 4 9  ? -2.90178  -7.48303  -1.37445  1.000 304.18946 ? 9  DG D C5    1 
ATOM 768 C C6    . DG D 4 9  ? -2.17060  -6.49305  -2.07024  1.000 313.51484 ? 9  DG D C6    1 
ATOM 769 O O6    . DG D 4 9  ? -2.54943  -5.77958  -3.00738  1.000 310.64379 ? 9  DG D O6    1 
ATOM 770 N N1    . DG D 4 9  ? -0.87291  -6.36967  -1.58046  1.000 329.49206 ? 9  DG D N1    1 
ATOM 771 C C2    . DG D 4 9  ? -0.34777  -7.10968  -0.54462  1.000 332.05279 ? 9  DG D C2    1 
ATOM 772 N N2    . DG D 4 9  ? 0.92685   -6.85090  -0.21151  1.000 346.36681 ? 9  DG D N2    1 
ATOM 773 N N3    . DG D 4 9  ? -1.02451  -8.04339  0.11639   1.000 317.99063 ? 9  DG D N3    1 
ATOM 774 C C4    . DG D 4 9  ? -2.29074  -8.17475  -0.35192  1.000 305.33265 ? 9  DG D C4    1 
ATOM 775 P P     . DC D 4 10 ? -3.16922  -11.06179 5.44723   1.000 270.13878 ? 10 DC D P     1 
ATOM 776 O OP1   . DC D 4 10 ? -2.61090  -12.21468 6.19064   1.000 265.48970 ? 10 DC D OP1   1 
ATOM 777 O OP2   . DC D 4 10 ? -4.50002  -10.51387 5.80647   1.000 271.02411 ? 10 DC D OP2   1 
ATOM 778 O "O5'" . DC D 4 10 ? -2.11329  -9.85826  5.49112   1.000 271.13646 ? 10 DC D "O5'" 1 
ATOM 779 C "C5'" . DC D 4 10 ? -0.81153  -10.03414 4.94201   1.000 274.00790 ? 10 DC D "C5'" 1 
ATOM 780 C "C4'" . DC D 4 10 ? -0.03875  -8.73191  4.97572   1.000 288.53772 ? 10 DC D "C4'" 1 
ATOM 781 O "O4'" . DC D 4 10 ? -0.28285  -7.98214  3.75848   1.000 304.43705 ? 10 DC D "O4'" 1 
ATOM 782 C "C3'" . DC D 4 10 ? -0.39298  -7.79998  6.13802   1.000 286.94544 ? 10 DC D "C3'" 1 
ATOM 783 O "O3'" . DC D 4 10 ? 0.80308   -7.38971  6.80009   1.000 287.42842 ? 10 DC D "O3'" 1 
ATOM 784 C "C2'" . DC D 4 10 ? -1.11571  -6.62604  5.46162   1.000 300.16063 ? 10 DC D "C2'" 1 
ATOM 785 C "C1'" . DC D 4 10 ? -0.48794  -6.62503  4.07786   1.000 313.44885 ? 10 DC D "C1'" 1 
ATOM 786 N N1    . DC D 4 10 ? -1.35681  -6.03213  3.02317   1.000 315.43098 ? 10 DC D N1    1 
ATOM 787 C C2    . DC D 4 10 ? -0.82762  -5.09090  2.13143   1.000 329.46677 ? 10 DC D C2    1 
ATOM 788 O O2    . DC D 4 10 ? 0.35397   -4.75408  2.24036   1.000 343.57556 ? 10 DC D O2    1 
ATOM 789 N N3    . DC D 4 10 ? -1.63180  -4.57422  1.17117   1.000 323.51411 ? 10 DC D N3    1 
ATOM 790 C C4    . DC D 4 10 ? -2.90271  -4.96233  1.08452   1.000 306.74448 ? 10 DC D C4    1 
ATOM 791 N N4    . DC D 4 10 ? -3.65970  -4.42540  0.12177   1.000 300.27210 ? 10 DC D N4    1 
ATOM 792 C C5    . DC D 4 10 ? -3.45748  -5.92203  1.98145   1.000 296.77918 ? 10 DC D C5    1 
ATOM 793 C C6    . DC D 4 10 ? -2.65601  -6.42511  2.92367   1.000 299.60019 ? 10 DC D C6    1 
ATOM 794 P P     . DT D 4 11 ? 0.77236   -6.24873  7.93141   1.000 254.71895 ? 11 DT D P     1 
ATOM 795 O OP1   . DT D 4 11 ? 1.99350   -6.40094  8.75303   1.000 238.18919 ? 11 DT D OP1   1 
ATOM 796 O OP2   . DT D 4 11 ? -0.55779  -6.27404  8.57515   1.000 247.31074 ? 11 DT D OP2   1 
ATOM 797 O "O5'" . DT D 4 11 ? 0.90054   -4.89396  7.09820   1.000 279.39129 ? 11 DT D "O5'" 1 
ATOM 798 C "C5'" . DT D 4 11 ? 2.00847   -4.70180  6.22691   1.000 289.60821 ? 11 DT D "C5'" 1 
ATOM 799 C "C4'" . DT D 4 11 ? 2.48215   -3.26418  6.27880   1.000 302.86450 ? 11 DT D "C4'" 1 
ATOM 800 O "O4'" . DT D 4 11 ? 1.80914   -2.49306  5.25269   1.000 321.19736 ? 11 DT D "O4'" 1 
ATOM 801 C "C3'" . DT D 4 11 ? 2.19641   -2.55502  7.59395   1.000 297.19526 ? 11 DT D "C3'" 1 
ATOM 802 O "O3'" . DT D 4 11 ? 3.23017   -1.64699  7.89586   1.000 291.91935 ? 11 DT D "O3'" 1 
ATOM 803 C "C2'" . DT D 4 11 ? 0.88110   -1.83618  7.32355   1.000 309.85501 ? 11 DT D "C2'" 1 
ATOM 804 C "C1'" . DT D 4 11 ? 0.98441   -1.50247  5.83908   1.000 322.59812 ? 11 DT D "C1'" 1 
ATOM 805 N N1    . DT D 4 11 ? -0.33239  -1.53530  5.15443   1.000 313.85464 ? 11 DT D N1    1 
ATOM 806 C C2    . DT D 4 11 ? -0.54910  -0.75196  4.03854   1.000 315.06823 ? 11 DT D C2    1 
ATOM 807 O O2    . DT D 4 11 ? 0.29515   -0.01119  3.56631   1.000 323.63871 ? 11 DT D O2    1 
ATOM 808 N N3    . DT D 4 11 ? -1.80115  -0.87316  3.49348   1.000 299.31645 ? 11 DT D N3    1 
ATOM 809 C C4    . DT D 4 11 ? -2.82951  -1.67800  3.94509   1.000 285.11691 ? 11 DT D C4    1 
ATOM 810 O O4    . DT D 4 11 ? -3.92292  -1.72139  3.39280   1.000 270.65786 ? 11 DT D O4    1 
ATOM 811 C C5    . DT D 4 11 ? -2.52989  -2.46552  5.11656   1.000 284.93818 ? 11 DT D C5    1 
ATOM 812 C C7    . DT D 4 11 ? -3.56441  -3.37443  5.69784   1.000 267.07207 ? 11 DT D C7    1 
ATOM 813 C C6    . DT D 4 11 ? -1.31422  -2.35573  5.65501   1.000 297.65384 ? 11 DT D C6    1 
ATOM 814 P P     . DG D 4 12 ? 3.69936   -1.45856  9.41861   1.000 244.31086 ? 12 DG D P     1 
ATOM 815 O OP1   . DG D 4 12 ? 5.12072   -1.89049  9.48915   1.000 210.26893 ? 12 DG D OP1   1 
ATOM 816 O OP2   . DG D 4 12 ? 2.66573   -2.06617  10.29830  1.000 242.38568 ? 12 DG D OP2   1 
ATOM 817 O "O5'" . DG D 4 12 ? 3.60183   0.11857   9.64275   1.000 252.44235 ? 12 DG D "O5'" 1 
ATOM 818 C "C5'" . DG D 4 12 ? 2.47014   0.81364   9.17057   1.000 284.90685 ? 12 DG D "C5'" 1 
ATOM 819 C "C4'" . DG D 4 12 ? 2.85882   1.76583   8.07031   1.000 290.54910 ? 12 DG D "C4'" 1 
ATOM 820 O "O4'" . DG D 4 12 ? 2.03622   1.51463   6.91023   1.000 310.95308 ? 12 DG D "O4'" 1 
ATOM 821 C "C3'" . DG D 4 12 ? 2.63908   3.21294   8.42215   1.000 284.17413 ? 12 DG D "C3'" 1 
ATOM 822 O "O3'" . DG D 4 12 ? 3.54401   4.02610   7.73988   1.000 249.56889 ? 12 DG D "O3'" 1 
ATOM 823 C "C2'" . DG D 4 12 ? 1.20733   3.45916   7.97080   1.000 303.93129 ? 12 DG D "C2'" 1 
ATOM 824 C "C1'" . DG D 4 12 ? 1.04950   2.51509   6.78442   1.000 309.40225 ? 12 DG D "C1'" 1 
ATOM 825 N N9    . DG D 4 12 ? -0.25687  1.87633   6.77064   1.000 306.15698 ? 12 DG D N9    1 
ATOM 826 C C8    . DG D 4 12 ? -0.73408  0.96683   7.67847   1.000 298.95899 ? 12 DG D C8    1 
ATOM 827 N N7    . DG D 4 12 ? -1.95312  0.57778   7.43505   1.000 284.69061 ? 12 DG D N7    1 
ATOM 828 C C5    . DG D 4 12 ? -2.31130  1.28191   6.29700   1.000 281.89448 ? 12 DG D C5    1 
ATOM 829 C C6    . DG D 4 12 ? -3.52063  1.26818   5.56707   1.000 264.50504 ? 12 DG D C6    1 
ATOM 830 O O6    . DG D 4 12 ? -4.54510  0.61019   5.79312   1.000 252.17187 ? 12 DG D O6    1 
ATOM 831 N N1    . DG D 4 12 ? -3.47127  2.12879   4.47484   1.000 258.25578 ? 12 DG D N1    1 
ATOM 832 C C2    . DG D 4 12 ? -2.38747  2.90389   4.12999   1.000 262.13987 ? 12 DG D C2    1 
ATOM 833 N N2    . DG D 4 12 ? -2.52588  3.67362   3.03903   1.000 244.37314 ? 12 DG D N2    1 
ATOM 834 N N3    . DG D 4 12 ? -1.24623  2.92680   4.81120   1.000 277.80061 ? 12 DG D N3    1 
ATOM 835 C C4    . DG D 4 12 ? -1.27942  2.09140   5.87606   1.000 293.09638 ? 12 DG D C4    1 
ATOM 836 P P     . DT D 4 13 ? 3.61583   5.58278   8.11255   1.000 229.22190 ? 13 DT D P     1 
ATOM 837 O OP1   . DT D 4 13 ? 4.84875   6.16316   7.54507   1.000 190.37454 ? 13 DT D OP1   1 
ATOM 838 O OP2   . DT D 4 13 ? 3.35899   5.69089   9.56335   1.000 236.15139 ? 13 DT D OP2   1 
ATOM 839 O "O5'" . DT D 4 13 ? 2.38019   6.20887   7.32812   1.000 237.75077 ? 13 DT D "O5'" 1 
ATOM 840 C "C5'" . DT D 4 13 ? 2.36507   6.17514   5.91369   1.000 229.35912 ? 13 DT D "C5'" 1 
ATOM 841 C "C4'" . DT D 4 13 ? 1.08659   6.78005   5.38056   1.000 223.24091 ? 13 DT D "C4'" 1 
ATOM 842 O "O4'" . DT D 4 13 ? 0.02872   5.82149   5.49378   1.000 246.27878 ? 13 DT D "O4'" 1 
ATOM 843 C "C3'" . DT D 4 13 ? 0.59768   8.00249   6.14708   1.000 210.05381 ? 13 DT D "C3'" 1 
ATOM 844 O "O3'" . DT D 4 13 ? 0.98677   9.19249   5.47153   1.000 180.67765 ? 13 DT D "O3'" 1 
ATOM 845 C "C2'" . DT D 4 13 ? -0.93097  7.84717   6.18603   1.000 221.45788 ? 13 DT D "C2'" 1 
ATOM 846 C "C1'" . DT D 4 13 ? -1.18379  6.51619   5.48128   1.000 234.81531 ? 13 DT D "C1'" 1 
ATOM 847 N N1    . DT D 4 13 ? -2.18774  5.68157   6.14893   1.000 251.14675 ? 13 DT D N1    1 
ATOM 848 C C2    . DT D 4 13 ? -3.45179  5.61208   5.62614   1.000 237.94703 ? 13 DT D C2    1 
ATOM 849 O O2    . DT D 4 13 ? -3.79361  6.21832   4.63074   1.000 220.50146 ? 13 DT D O2    1 
ATOM 850 N N3    . DT D 4 13 ? -4.31157  4.80205   6.31002   1.000 244.40395 ? 13 DT D N3    1 
ATOM 851 C C4    . DT D 4 13 ? -4.03044  4.06896   7.44532   1.000 262.68118 ? 13 DT D C4    1 
ATOM 852 O O4    . DT D 4 13 ? -4.86897  3.36752   7.99306   1.000 257.93013 ? 13 DT D O4    1 
ATOM 853 C C5    . DT D 4 13 ? -2.68363  4.19038   7.94087   1.000 281.90870 ? 13 DT D C5    1 
ATOM 854 C C7    . DT D 4 13 ? -2.26798  3.44809   9.16936   1.000 295.11361 ? 13 DT D C7    1 
ATOM 855 C C6    . DT D 4 13 ? -1.83638  4.98150   7.27513   1.000 274.50379 ? 13 DT D C6    1 
# 
loop_
_atom_site_anisotrop.id 
_atom_site_anisotrop.type_symbol 
_atom_site_anisotrop.pdbx_label_atom_id 
_atom_site_anisotrop.pdbx_label_alt_id 
_atom_site_anisotrop.pdbx_label_comp_id 
_atom_site_anisotrop.pdbx_label_asym_id 
_atom_site_anisotrop.pdbx_label_seq_id 
_atom_site_anisotrop.pdbx_PDB_ins_code 
_atom_site_anisotrop.U[1][1] 
_atom_site_anisotrop.U[2][2] 
_atom_site_anisotrop.U[3][3] 
_atom_site_anisotrop.U[1][2] 
_atom_site_anisotrop.U[1][3] 
_atom_site_anisotrop.U[2][3] 
_atom_site_anisotrop.pdbx_auth_seq_id 
_atom_site_anisotrop.pdbx_auth_comp_id 
_atom_site_anisotrop.pdbx_auth_asym_id 
_atom_site_anisotrop.pdbx_auth_atom_id 
1   P P     . DC A 1  ? 2.39398 5.16672 3.30506 0.44968  -0.38141 0.25302  16 DC A P     
2   O OP1   . DC A 1  ? 2.34248 5.26270 3.41564 0.43437  -0.40325 0.20390  16 DC A OP1   
3   O OP2   . DC A 1  ? 2.41999 5.30081 3.26538 0.48301  -0.31089 0.23658  16 DC A OP2   
4   O "O5'" . DC A 1  ? 2.27724 4.89073 3.19388 0.51723  -0.47217 0.22376  16 DC A "O5'" 
5   C "C5'" . DC A 1  ? 2.15079 4.83531 3.20468 0.59186  -0.53269 0.13100  16 DC A "C5'" 
6   C "C4'" . DC A 1  ? 2.11939 4.60439 3.12371 0.64301  -0.57609 0.10270  16 DC A "C4'" 
7   O "O4'" . DC A 1  ? 2.17728 4.43735 3.11710 0.61463  -0.62454 0.16925  16 DC A "O4'" 
8   C "C3'" . DC A 1  ? 2.11257 4.59879 3.02030 0.66333  -0.53618 0.09901  16 DC A "C3'" 
9   O "O3'" . DC A 1  ? 2.05808 4.49402 3.00049 0.72179  -0.55365 0.00653  16 DC A "O3'" 
10  C "C2'" . DC A 1  ? 2.18298 4.46302 2.96674 0.62398  -0.55078 0.18894  16 DC A "C2'" 
11  C "C1'" . DC A 1  ? 2.19367 4.30855 3.03037 0.62625  -0.61997 0.18430  16 DC A "C1'" 
12  N N1    . DC A 1  ? 2.27511 4.16603 3.01192 0.57800  -0.64418 0.27642  16 DC A N1    
13  C C2    . DC A 1  ? 2.29928 3.96973 2.99850 0.60321  -0.68425 0.26568  16 DC A C2    
14  O O2    . DC A 1  ? 2.26768 3.93083 3.01589 0.65865  -0.69419 0.18060  16 DC A O2    
15  N N3    . DC A 1  ? 2.37567 3.83388 2.98080 0.56017  -0.70237 0.34878  16 DC A N3    
16  C C4    . DC A 1  ? 2.42457 3.86714 2.96690 0.48776  -0.67819 0.43708  16 DC A C4    
17  N N4    . DC A 1  ? 2.48587 3.69871 2.92866 0.44468  -0.69336 0.51618  16 DC A N4    
18  C C5    . DC A 1  ? 2.42595 4.07642 3.00130 0.45260  -0.62970 0.44526  16 DC A C5    
19  C C6    . DC A 1  ? 2.35402 4.22366 3.02761 0.49995  -0.61377 0.36387  16 DC A C6    
20  P P     . DA A 2  ? 1.93273 4.52491 2.87105 0.76379  -0.50510 -0.06752 17 DA A P     
21  O OP1   . DA A 2  ? 1.93779 4.65870 2.99092 0.79527  -0.50011 -0.14161 17 DA A OP1   
22  O OP2   . DA A 2  ? 1.96671 4.66270 2.80587 0.74089  -0.45240 -0.00485 17 DA A OP2   
23  O "O5'" . DA A 2  ? 1.92812 4.36933 2.83107 0.79750  -0.52935 -0.12106 17 DA A "O5'" 
24  C "C5'" . DA A 2  ? 1.94336 4.25125 2.91039 0.82884  -0.57433 -0.17295 17 DA A "C5'" 
25  C "C4'" . DA A 2  ? 1.98189 4.09217 2.88989 0.82874  -0.60079 -0.16730 17 DA A "C4'" 
26  O "O4'" . DA A 2  ? 2.03586 4.00635 2.87994 0.78007  -0.62321 -0.06373 17 DA A "O4'" 
27  C "C3'" . DA A 2  ? 1.96513 4.11512 2.80693 0.83346  -0.57181 -0.19954 17 DA A "C3'" 
28  O "O3'" . DA A 2  ? 2.00863 4.01827 2.86270 0.85862  -0.59679 -0.25905 17 DA A "O3'" 
29  C "C2'" . DA A 2  ? 1.99495 4.09946 2.73166 0.78268  -0.56174 -0.08938 17 DA A "C2'" 
30  C "C1'" . DA A 2  ? 2.05565 3.96430 2.80403 0.76135  -0.60890 -0.03474 17 DA A "C1'" 
31  N N9    . DA A 2  ? 2.10407 3.93049 2.76798 0.70589  -0.60936 0.08214  17 DA A N9    
32  C C8    . DA A 2  ? 2.10948 4.04913 2.74248 0.66992  -0.57952 0.15309  17 DA A C8    
33  N N7    . DA A 2  ? 2.17901 3.98894 2.72615 0.61912  -0.58317 0.25568  17 DA A N7    
34  C C5    . DA A 2  ? 2.21429 3.80567 2.73601 0.62354  -0.62019 0.25055  17 DA A C5    
35  C C6    . DA A 2  ? 2.29337 3.65238 2.72573 0.58166  -0.63679 0.33157  17 DA A C6    
36  N N6    . DA A 2  ? 2.34189 3.63717 2.68547 0.51960  -0.61544 0.43661  17 DA A N6    
37  N N1    . DA A 2  ? 2.33600 3.51876 2.76924 0.60378  -0.66877 0.29774  17 DA A N1    
38  C C2    . DA A 2  ? 2.30637 3.54517 2.82332 0.66312  -0.68118 0.18817  17 DA A C2    
39  N N3    . DA A 2  ? 2.22457 3.66527 2.82465 0.70145  -0.66573 0.10492  17 DA A N3    
40  C C4    . DA A 2  ? 2.17757 3.78535 2.77541 0.67879  -0.63666 0.14317  17 DA A C4    
41  P P     . DC A 3  ? 1.91690 3.99894 2.82999 0.91164  -0.58376 -0.39550 18 DC A P     
42  O OP1   . DC A 3  ? 2.01050 3.90903 2.96398 0.94287  -0.61618 -0.44520 18 DC A OP1   
43  O OP2   . DC A 3  ? 1.89384 4.15425 2.85763 0.93442  -0.55814 -0.43472 18 DC A OP2   
44  O "O5'" . DC A 3  ? 1.89239 4.03974 2.73530 0.89884  -0.55909 -0.41880 18 DC A "O5'" 
45  C "C5'" . DC A 3  ? 1.91557 3.97338 2.67097 0.85899  -0.56448 -0.33226 18 DC A "C5'" 
46  C "C4'" . DC A 3  ? 2.00472 3.84307 2.77296 0.85571  -0.60310 -0.32722 18 DC A "C4'" 
47  O "O4'" . DC A 3  ? 2.04238 3.74775 2.75563 0.81602  -0.62258 -0.20146 18 DC A "O4'" 
48  C "C3'" . DC A 3  ? 2.03267 3.82910 2.76620 0.84949  -0.60177 -0.36482 18 DC A "C3'" 
49  O "O3'" . DC A 3  ? 2.16318 3.72684 2.91879 0.84181  -0.61205 -0.40233 18 DC A "O3'" 
50  C "C2'" . DC A 3  ? 2.03120 3.78026 2.65231 0.80321  -0.59551 -0.23484 18 DC A "C2'" 
51  C "C1'" . DC A 3  ? 2.07583 3.68977 2.70130 0.78471  -0.62140 -0.14638 18 DC A "C1'" 
52  N N1    . DC A 3  ? 2.06996 3.68593 2.60541 0.73785  -0.60509 -0.01798 18 DC A N1    
53  C C2    . DC A 3  ? 2.14565 3.57331 2.59707 0.69690  -0.61703 0.08004  18 DC A C2    
54  O O2    . DC A 3  ? 2.22697 3.47116 2.67533 0.69218  -0.63459 0.06009  18 DC A O2    
55  N N3    . DC A 3  ? 2.15787 3.57792 2.52399 0.65158  -0.59441 0.19121  18 DC A N3    
56  C C4    . DC A 3  ? 2.11164 3.71381 2.47932 0.65263  -0.56257 0.20342  18 DC A C4    
57  N N4    . DC A 3  ? 2.15394 3.74127 2.43349 0.60911  -0.53405 0.30969  18 DC A N4    
58  C C5    . DC A 3  ? 2.03738 3.83711 2.49190 0.69774  -0.55223 0.10630  18 DC A C5    
59  C C6    . DC A 3  ? 2.01360 3.80594 2.54656 0.73627  -0.57381 -0.00009 18 DC A C6    
60  P P     . DA A 4  ? 2.12424 3.64811 2.89861 0.83767  -0.59160 -0.51767 19 DA A P     
61  O OP1   . DA A 4  ? 2.18895 3.71181 3.04991 0.87483  -0.57840 -0.64200 19 DA A OP1   
62  O OP2   . DA A 4  ? 2.01400 3.73698 2.74712 0.83401  -0.58031 -0.52365 19 DA A OP2   
63  O "O5'" . DA A 4  ? 2.29823 3.52277 3.02104 0.79508  -0.59738 -0.46162 19 DA A "O5'" 
64  C "C5'" . DA A 4  ? 2.30300 3.42268 2.94332 0.76206  -0.61622 -0.31761 19 DA A "C5'" 
65  C "C4'" . DA A 4  ? 2.35483 3.41530 2.92638 0.72361  -0.60567 -0.28312 19 DA A "C4'" 
66  O "O4'" . DA A 4  ? 2.29364 3.37896 2.77505 0.70146  -0.61341 -0.14668 19 DA A "O4'" 
67  C "C3'" . DA A 4  ? 2.27655 3.53956 2.87477 0.73707  -0.58593 -0.38561 19 DA A "C3'" 
68  O "O3'" . DA A 4  ? 2.43170 3.56206 3.06199 0.71541  -0.56815 -0.47551 19 DA A "O3'" 
69  C "C2'" . DA A 4  ? 2.15651 3.55833 2.66287 0.73309  -0.58536 -0.29433 19 DA A "C2'" 
70  C "C1'" . DA A 4  ? 2.19491 3.44786 2.62614 0.70479  -0.59736 -0.14188 19 DA A "C1'" 
71  N N9    . DA A 4  ? 2.06896 3.48979 2.45345 0.71716  -0.59139 -0.06659 19 DA A N9    
72  C C8    . DA A 4  ? 1.96704 3.61071 2.38337 0.74913  -0.57442 -0.11868 19 DA A C8    
73  N N7    . DA A 4  ? 1.94053 3.63927 2.28719 0.73246  -0.54814 -0.02788 19 DA A N7    
74  C C5    . DA A 4  ? 2.01290 3.52733 2.28168 0.68859  -0.55343 0.08962  19 DA A C5    
75  C C6    . DA A 4  ? 2.04141 3.50102 2.21393 0.64777  -0.52788 0.21427  19 DA A C6    
76  N N6    . DA A 4  ? 2.01316 3.62206 2.15446 0.65270  -0.49174 0.24377  19 DA A N6    
77  N N1    . DA A 4  ? 2.11845 3.35602 2.22471 0.60005  -0.53504 0.30354  19 DA A N1    
78  C C2    . DA A 4  ? 2.17532 3.26563 2.30780 0.60113  -0.56743 0.27685  19 DA A C2    
79  N N3    . DA A 4  ? 2.18481 3.31237 2.40611 0.64343  -0.59298 0.16376  19 DA A N3    
80  C C4    . DA A 4  ? 2.08596 3.43398 2.37567 0.68436  -0.58513 0.07080  19 DA A C4    
81  P P     . DC A 5  ? 1.94816 2.80595 2.51921 0.66667  -0.56342 -0.40922 20 DC A P     
82  O OP1   . DC A 5  ? 1.88007 2.72448 2.34888 0.64978  -0.57924 -0.25772 20 DC A OP1   
83  O OP2   . DC A 5  ? 2.15167 2.74466 2.74984 0.66006  -0.55428 -0.43912 20 DC A OP2   
84  O "O5'" . DC A 5  ? 1.96475 2.91372 2.57104 0.65243  -0.53946 -0.52084 20 DC A "O5'" 
85  C "C5'" . DC A 5  ? 1.84783 3.09489 2.50189 0.68559  -0.53755 -0.62018 20 DC A "C5'" 
86  C "C4'" . DC A 5  ? 1.86395 3.17185 2.57855 0.66726  -0.51426 -0.75892 20 DC A "C4'" 
87  O "O4'" . DC A 5  ? 2.03865 3.15410 2.82782 0.64196  -0.48097 -0.86566 20 DC A "O4'" 
88  C "C3'" . DC A 5  ? 1.89686 3.12810 2.55871 0.63495  -0.51216 -0.70472 20 DC A "C3'" 
89  O "O3'" . DC A 5  ? 1.82166 3.31088 2.50903 0.65103  -0.51294 -0.79615 20 DC A "O3'" 
90  C "C2'" . DC A 5  ? 2.14209 3.07271 2.84254 0.58480  -0.47938 -0.75025 20 DC A "C2'" 
91  C "C1'" . DC A 5  ? 2.14172 3.13247 2.94344 0.59470  -0.45455 -0.90982 20 DC A "C1'" 
92  N N1    . DC A 5  ? 2.32659 3.01054 3.15638 0.56348  -0.41296 -0.95919 20 DC A N1    
93  C C2    . DC A 5  ? 2.29750 2.93448 3.20557 0.52377  -0.35981 -1.11688 20 DC A C2    
94  O O2    . DC A 5  ? 2.21187 3.08699 3.17740 0.51457  -0.35662 -1.21907 20 DC A O2    
95  N N3    . DC A 5  ? 2.34664 2.67584 3.26024 0.49854  -0.30972 -1.15647 20 DC A N3    
96  C C4    . DC A 5  ? 2.42955 2.51661 3.27222 0.52092  -0.32064 -1.04514 20 DC A C4    
97  N N4    . DC A 5  ? 2.46415 2.23676 3.29513 0.50696  -0.26681 -1.08600 20 DC A N4    
98  C C5    . DC A 5  ? 2.49303 2.64828 3.26896 0.56009  -0.38345 -0.89088 20 DC A C5    
99  C C6    . DC A 5  ? 2.43459 2.88219 3.20797 0.57486  -0.42282 -0.85401 20 DC A C6    
100 P P     . DC A 6  ? 2.08932 3.51515 2.81023 0.60776  -0.49161 -0.86354 21 DC A P     
101 O OP1   . DC A 6  ? 2.21431 3.41856 2.83861 0.58319  -0.49508 -0.70630 21 DC A OP1   
102 O OP2   . DC A 6  ? 2.18234 3.53525 3.01993 0.57213  -0.45316 -1.03033 21 DC A OP2   
103 O "O5'" . DC A 6  ? 1.87527 3.64057 2.59830 0.64886  -0.51000 -0.92953 21 DC A "O5'" 
104 C "C5'" . DC A 6  ? 1.86551 3.75042 2.69267 0.62528  -0.49193 -1.10287 21 DC A "C5'" 
105 C "C4'" . DC A 6  ? 2.04388 3.68476 2.89885 0.55766  -0.45877 -1.10943 21 DC A "C4'" 
106 O "O4'" . DC A 6  ? 2.22600 3.59867 3.14354 0.50334  -0.41471 -1.16913 21 DC A "O4'" 
107 C "C3'" . DC A 6  ? 2.14235 3.58826 2.87856 0.55166  -0.46854 -0.92106 21 DC A "C3'" 
108 O "O3'" . DC A 6  ? 2.04020 3.64955 2.74654 0.57327  -0.48223 -0.91123 21 DC A "O3'" 
109 C "C2'" . DC A 6  ? 2.38695 3.46738 3.14757 0.48143  -0.42629 -0.91523 21 DC A "C2'" 
110 C "C1'" . DC A 6  ? 2.35279 3.42917 3.23919 0.45245  -0.38778 -1.09977 21 DC A "C1'" 
111 N N1    . DC A 6  ? 2.45070 3.19962 3.32022 0.42816  -0.36019 -1.06119 21 DC A N1    
112 C C2    . DC A 6  ? 2.38304 2.89971 3.31635 0.37219  -0.29638 -1.16900 21 DC A C2    
113 O O2    . DC A 6  ? 2.26906 2.86473 3.29023 0.33195  -0.25953 -1.30836 21 DC A O2    
114 N N3    . DC A 6  ? 2.43035 2.63994 3.32320 0.36689  -0.27323 -1.12108 21 DC A N3    
115 C C4    . DC A 6  ? 2.55062 2.70584 3.36067 0.41039  -0.31741 -0.98047 21 DC A C4    
116 N N4    . DC A 6  ? 2.58386 2.44973 3.35401 0.41448  -0.29933 -0.94050 21 DC A N4    
117 C C5    . DC A 6  ? 2.63111 3.02454 3.39019 0.45435  -0.37852 -0.87610 21 DC A C5    
118 C C6    . DC A 6  ? 2.56727 3.23655 3.34973 0.46299  -0.39421 -0.91645 21 DC A C6    
119 P P     . DG A 7  ? 2.39970 3.91889 3.17251 0.51776  -0.44998 -0.98471 22 DG A P     
120 O OP1   . DG A 7  ? 2.21410 4.03645 2.97573 0.57056  -0.47766 -1.01557 22 DG A OP1   
121 O OP2   . DG A 7  ? 2.60869 3.76652 3.31146 0.47077  -0.42747 -0.84888 22 DG A OP2   
122 O "O5'" . DG A 7  ? 2.40027 3.92806 3.33339 0.46490  -0.40880 -1.19903 22 DG A "O5'" 
123 C "C5'" . DG A 7  ? 2.31704 3.95953 3.36364 0.42756  -0.38213 -1.35822 22 DG A "C5'" 
124 C "C4'" . DG A 7  ? 2.38330 3.68670 3.46754 0.34220  -0.31929 -1.37249 22 DG A "C4'" 
125 O "O4'" . DG A 7  ? 2.46125 3.44757 3.50232 0.31983  -0.29472 -1.30585 22 DG A "O4'" 
126 C "C3'" . DG A 7  ? 2.45993 3.61822 3.46547 0.33277  -0.31972 -1.23804 22 DG A "C3'" 
127 O "O3'" . DG A 7  ? 2.36162 3.49390 3.47615 0.26893  -0.26883 -1.36894 22 DG A "O3'" 
128 C "C2'" . DG A 7  ? 2.57459 3.34084 3.47539 0.31068  -0.30513 -1.07782 22 DG A "C2'" 
129 C "C1'" . DG A 7  ? 2.50854 3.15892 3.48534 0.27856  -0.26596 -1.19526 22 DG A "C1'" 
130 N N9    . DG A 7  ? 2.60177 2.98536 3.48621 0.28919  -0.27195 -1.06734 22 DG A N9    
131 C C8    . DG A 7  ? 2.73652 3.15854 3.51679 0.34410  -0.32755 -0.91406 22 DG A C8    
132 N N7    . DG A 7  ? 2.79151 2.95558 3.51649 0.34181  -0.32337 -0.83459 22 DG A N7    
133 C C5    . DG A 7  ? 2.67586 2.59496 3.45581 0.28854  -0.25873 -0.93322 22 DG A C5    
134 C C6    . DG A 7  ? 2.65877 2.23800 3.40018 0.27482  -0.22553 -0.90723 22 DG A C6    
135 O O6    . DG A 7  ? 2.73587 2.18158 3.39646 0.30820  -0.25594 -0.79250 22 DG A O6    
136 N N1    . DG A 7  ? 2.54852 1.94867 3.34296 0.21594  -0.14459 -1.02175 22 DG A N1    
137 C C2    . DG A 7  ? 2.45847 2.01549 3.34332 0.16574  -0.10227 -1.13862 22 DG A C2    
138 N N2    . DG A 7  ? 2.37515 1.78319 3.22743 0.09697  -0.01507 -1.13190 22 DG A N2    
139 N N3    . DG A 7  ? 2.45459 2.33115 3.41312 0.18604  -0.14468 -1.21206 22 DG A N3    
140 C C4    . DG A 7  ? 2.56267 2.60861 3.44392 0.24955  -0.22117 -1.07941 22 DG A C4    
141 P P     . DT A 8  ? 2.73553 3.89058 3.82088 0.27045  -0.27267 -1.30513 23 DT A P     
142 O OP1   . DT A 8  ? 2.61999 3.83425 3.86382 0.20239  -0.21741 -1.49975 23 DT A OP1   
143 O OP2   . DT A 8  ? 2.76201 4.20029 3.75428 0.36664  -0.34382 -1.20907 23 DT A OP2   
144 O "O5'" . DT A 8  ? 2.82871 3.54868 3.78935 0.23802  -0.24806 -1.11572 23 DT A "O5'" 
145 C "C5'" . DT A 8  ? 2.76239 3.16622 3.76799 0.15356  -0.17363 -1.15926 23 DT A "C5'" 
146 C "C4'" . DT A 8  ? 2.68452 2.89603 3.74378 0.10878  -0.12430 -1.25634 23 DT A "C4'" 
147 O "O4'" . DT A 8  ? 2.76846 2.83863 3.71184 0.15071  -0.16148 -1.11516 23 DT A "O4'" 
148 C "C3'" . DT A 8  ? 2.59594 2.44757 3.66019 0.02413  -0.03282 -1.25995 23 DT A "C3'" 
149 O "O3'" . DT A 8  ? 2.49365 2.42622 3.64967 -0.02805 0.03191  -1.36410 23 DT A "O3'" 
150 C "C2'" . DT A 8  ? 2.64848 2.16086 3.54962 0.03670  -0.03626 -1.07288 23 DT A "C2'" 
151 C "C1'" . DT A 8  ? 2.72454 2.41637 3.64589 0.10539  -0.10389 -1.11181 23 DT A "C1'" 
152 N N1    . DT A 8  ? 2.82287 2.32590 3.60113 0.14808  -0.14823 -0.92333 23 DT A N1    
153 C C2    . DT A 8  ? 2.78718 1.95329 3.46521 0.12122  -0.10444 -0.83336 23 DT A C2    
154 O O2    . DT A 8  ? 2.69484 1.73475 3.30925 0.06501  -0.02707 -0.82298 23 DT A O2    
155 N N3    . DT A 8  ? 2.86563 1.90673 3.44690 0.16765  -0.15774 -0.69802 23 DT A N3    
156 C C4    . DT A 8  ? 2.98874 2.22785 3.53137 0.22427  -0.23702 -0.60306 23 DT A C4    
157 O O4    . DT A 8  ? 3.05172 2.18183 3.49961 0.25301  -0.27478 -0.47124 23 DT A O4    
158 C C5    . DT A 8  ? 3.04821 2.65261 3.64538 0.24449  -0.26353 -0.65337 23 DT A C5    
159 C C7    . DT A 8  ? 3.20968 3.04807 3.73207 0.30417  -0.32979 -0.53701 23 DT A C7    
160 C C6    . DT A 8  ? 2.94472 2.66753 3.65457 0.21064  -0.22346 -0.80827 23 DT A C6    
161 O "O5'" . DC B 1  ? 1.70826 2.83861 2.89969 0.64976  0.11649  -0.48797 4  DC B "O5'" 
162 C "C5'" . DC B 1  ? 1.76537 2.97597 2.98021 0.65467  0.24106  -0.48352 4  DC B "C5'" 
163 C "C4'" . DC B 1  ? 1.80484 3.16298 3.03203 0.60074  0.27029  -0.50879 4  DC B "C4'" 
164 O "O4'" . DC B 1  ? 1.80581 3.26406 3.05659 0.59019  0.20678  -0.49871 4  DC B "O4'" 
165 C "C3'" . DC B 1  ? 2.05746 3.52363 3.30272 0.55047  0.18901  -0.69215 4  DC B "C3'" 
166 O "O3'" . DC B 1  ? 2.23681 3.89591 3.48784 0.48537  0.27941  -0.77700 4  DC B "O3'" 
167 C "C2'" . DC B 1  ? 2.18316 3.72097 3.45266 0.53640  0.04160  -0.74007 4  DC B "C2'" 
168 C "C1'" . DC B 1  ? 2.00663 3.63768 3.27510 0.54153  0.09660  -0.64534 4  DC B "C1'" 
169 N N1    . DC B 1  ? 1.98760 3.59667 3.24373 0.54660  -0.01349 -0.61460 4  DC B N1    
170 C C2    . DC B 1  ? 2.11822 3.95313 3.39329 0.49035  -0.07160 -0.68137 4  DC B C2    
171 O O2    . DC B 1  ? 2.28230 4.35530 3.58463 0.41825  -0.01762 -0.76215 4  DC B O2    
172 N N3    . DC B 1  ? 2.08533 3.86498 3.32831 0.49120  -0.17099 -0.64103 4  DC B N3    
173 C C4    . DC B 1  ? 1.95768 3.47759 3.15154 0.53909  -0.19601 -0.54543 4  DC B C4    
174 N N4    . DC B 1  ? 1.93272 3.38883 3.08151 0.52760  -0.27269 -0.50216 4  DC B N4    
175 C C5    . DC B 1  ? 1.82102 3.14424 2.99659 0.57558  -0.12880 -0.47833 4  DC B C5    
176 C C6    . DC B 1  ? 1.83987 3.21166 3.04865 0.58194  -0.04686 -0.51370 4  DC B C6    
177 P P     . DT B 2  ? 1.83788 3.64697 3.09196 0.36952  0.24453  -0.97447 5  DT B P     
178 O OP1   . DT B 2  ? 1.90281 3.76747 3.06392 0.27240  0.39443  -0.99956 5  DT B OP1   
179 O OP2   . DT B 2  ? 2.03297 3.54422 3.21043 0.36804  0.10701  -0.98198 5  DT B OP2   
180 O "O5'" . DT B 2  ? 2.11676 3.99016 3.28564 0.26783  0.11969  -0.94626 5  DT B "O5'" 
181 C "C5'" . DT B 2  ? 2.16530 4.23875 3.28715 0.16692  0.19844  -0.94737 5  DT B "C5'" 
182 C "C4'" . DT B 2  ? 2.72718 4.59972 3.55408 -0.06295 0.11713  -0.96240 5  DT B "C4'" 
183 O "O4'" . DT B 2  ? 2.80200 4.57420 3.52129 -0.13351 -0.05986 -0.93955 5  DT B "O4'" 
184 C "C3'" . DT B 2  ? 3.03509 4.59235 3.67994 -0.14279 0.08031  -0.98968 5  DT B "C3'" 
185 O "O3'" . DT B 2  ? 3.23975 4.70780 3.64750 -0.33980 0.08768  -1.00864 5  DT B "O3'" 
186 C "C2'" . DT B 2  ? 3.02420 4.35244 3.60819 -0.12796 -0.11799 -0.97221 5  DT B "C2'" 
187 C "C1'" . DT B 2  ? 2.90413 4.34597 3.46881 -0.17353 -0.20368 -0.94214 5  DT B "C1'" 
188 N N1    . DT B 2  ? 2.65401 4.07792 3.33715 -0.04964 -0.32280 -0.90778 5  DT B N1    
189 C C2    . DT B 2  ? 2.51575 3.98247 3.14898 -0.09791 -0.42444 -0.87857 5  DT B C2    
190 O O2    . DT B 2  ? 2.60495 4.12360 3.09689 -0.24495 -0.42182 -0.88359 5  DT B O2    
191 N N3    . DT B 2  ? 2.22483 3.66465 2.97417 0.02911  -0.52681 -0.84376 5  DT B N3    
192 C C4    . DT B 2  ? 2.03569 3.41474 2.94954 0.19728  -0.53659 -0.83736 5  DT B C4    
193 O O4    . DT B 2  ? 1.72920 3.08098 2.73740 0.30354  -0.63161 -0.80318 5  DT B O4    
194 C C5    . DT B 2  ? 2.20213 3.54517 3.16367 0.23636  -0.42332 -0.87413 5  DT B C5    
195 C C7    . DT B 2  ? 1.98255 3.25718 3.11618 0.40756  -0.41541 -0.87704 5  DT B C7    
196 C C6    . DT B 2  ? 2.50937 3.87560 3.35189 0.11238  -0.32315 -0.90593 5  DT B C6    
197 P P     . DG B 3  ? 3.41767 4.55546 3.57234 -0.47289 0.05013  -1.04046 6  DG B P     
198 O OP1   . DG B 3  ? 3.40817 4.63285 3.59086 -0.47574 0.23899  -1.06372 6  DG B OP1   
199 O OP2   . DG B 3  ? 3.38681 4.27899 3.51532 -0.41832 -0.08643 -1.04009 6  DG B OP2   
200 O "O5'" . DG B 3  ? 3.47181 4.48848 3.35531 -0.67971 -0.04834 -1.04255 6  DG B "O5'" 
201 C "C5'" . DG B 3  ? 3.39050 4.56433 3.30477 -0.69958 -0.10526 -1.01747 6  DG B "C5'" 
202 C "C4'" . DG B 3  ? 3.35350 4.26252 3.02920 -0.81413 -0.29525 -1.00933 6  DG B "C4'" 
203 O "O4'" . DG B 3  ? 3.21658 4.13127 3.02105 -0.68634 -0.41286 -0.97460 6  DG B "O4'" 
204 C "C3'" . DG B 3  ? 3.41458 3.97266 2.85728 -0.89818 -0.37127 -1.03288 6  DG B "C3'" 
205 O "O3'" . DG B 3  ? 3.46360 3.80334 2.63540 -1.04218 -0.44975 -1.00696 6  DG B "O3'" 
206 C "C2'" . DG B 3  ? 3.32418 3.76083 2.85746 -0.76458 -0.49651 -1.01220 6  DG B "C2'" 
207 C "C1'" . DG B 3  ? 3.19926 3.79304 2.83840 -0.71110 -0.56155 -0.97369 6  DG B "C1'" 
208 N N9    . DG B 3  ? 3.08074 3.67969 2.91078 -0.53610 -0.63413 -0.94557 6  DG B N9    
209 C C8    . DG B 3  ? 3.09451 3.68056 3.09283 -0.39483 -0.59414 -0.95420 6  DG B C8    
210 N N7    . DG B 3  ? 2.93409 3.51443 3.07640 -0.25724 -0.67868 -0.92503 6  DG B N7    
211 C C5    . DG B 3  ? 2.81079 3.39571 2.86941 -0.31025 -0.78345 -0.89191 6  DG B C5    
212 C C6    . DG B 3  ? 2.56091 3.10052 2.68062 -0.21465 -0.85590 -0.79879 6  DG B C6    
213 O O6    . DG B 3  ? 2.35935 2.87762 2.64283 -0.05976 -0.87313 -0.77082 6  DG B O6    
214 N N1    . DG B 3  ? 2.50862 3.01902 2.46932 -0.32222 -0.88828 -0.73103 6  DG B N1    
215 C C2    . DG B 3  ? 2.67327 3.16691 2.44519 -0.48577 -0.87775 -0.75082 6  DG B C2    
216 N N2    . DG B 3  ? 2.68159 3.08683 2.32488 -0.54843 -0.93734 -0.68111 6  DG B N2    
217 N N3    . DG B 3  ? 2.85583 3.39304 2.57774 -0.56507 -0.80366 -0.83414 6  DG B N3    
218 C C4    . DG B 3  ? 2.91237 3.50609 2.77561 -0.48370 -0.75558 -0.90364 6  DG B C4    
219 P P     . DT B 4  ? 4.09993 4.11266 3.05511 -1.10086 -0.46604 -0.98937 7  DT B P     
220 O OP1   . DT B 4  ? 4.26910 4.36989 3.14176 -1.23256 -0.31846 -1.03813 7  DT B OP1   
221 O OP2   . DT B 4  ? 4.05805 3.92885 3.07084 -0.99737 -0.52438 -0.99678 7  DT B OP2   
222 O "O5'" . DT B 4  ? 4.03676 3.84439 2.84634 -1.10864 -0.57870 -0.91503 7  DT B "O5'" 
223 C "C5'" . DT B 4  ? 3.86622 3.52532 2.70740 -0.99272 -0.70190 -0.87989 7  DT B "C5'" 
224 C "C4'" . DT B 4  ? 3.73389 3.48669 2.66685 -0.92741 -0.76555 -0.84724 7  DT B "C4'" 
225 O "O4'" . DT B 4  ? 3.68808 3.58737 2.81544 -0.82978 -0.78383 -0.86462 7  DT B "O4'" 
226 C "C3'" . DT B 4  ? 3.74406 3.37523 2.65622 -0.86033 -0.84075 -0.80908 7  DT B "C3'" 
227 O "O3'" . DT B 4  ? 3.93978 3.46210 2.67288 -0.95000 -0.83249 -0.77623 7  DT B "O3'" 
228 C "C2'" . DT B 4  ? 3.54034 3.31776 2.60989 -0.76945 -0.87913 -0.79503 7  DT B "C2'" 
229 C "C1'" . DT B 4  ? 3.50915 3.43561 2.72986 -0.73084 -0.86123 -0.83471 7  DT B "C1'" 
230 N N1    . DT B 4  ? 3.41854 3.41209 2.80601 -0.62403 -0.87275 -0.85564 7  DT B N1    
231 C C2    . DT B 4  ? 3.22103 3.30425 2.67511 -0.58487 -0.87642 -0.78664 7  DT B C2    
232 O O2    . DT B 4  ? 3.08412 3.22556 2.53900 -0.57696 -0.89644 -0.76498 7  DT B O2    
233 N N3    . DT B 4  ? 3.19389 3.18917 2.72082 -0.49848 -0.89682 -0.72275 7  DT B N3    
234 C C4    . DT B 4  ? 3.34431 3.25138 2.90294 -0.46454 -0.88737 -0.75378 7  DT B C4    
235 O O4    . DT B 4  ? 3.26433 3.12561 2.96173 -0.33014 -0.91374 -0.72744 7  DT B O4    
236 C C5    . DT B 4  ? 3.54315 3.43485 2.98869 -0.58175 -0.83460 -0.83841 7  DT B C5    
237 C C7    . DT B 4  ? 3.69449 3.47793 3.14671 -0.56366 -0.80969 -0.87765 7  DT B C7    
238 C C6    . DT B 4  ? 3.54195 3.48011 2.94240 -0.62365 -0.84104 -0.89261 7  DT B C6    
239 P P     . DG B 5  ? 4.32657 3.67865 2.95681 -0.92977 -0.87833 -0.72790 8  DG B P     
240 O OP1   . DG B 5  ? 4.57417 3.78887 2.99524 -1.04479 -0.85024 -0.71296 8  DG B OP1   
241 O OP2   . DG B 5  ? 4.23266 3.55104 2.94683 -0.84733 -0.90134 -0.73189 8  DG B OP2   
242 O "O5'" . DG B 5  ? 4.22624 3.64498 2.90910 -0.88369 -0.91187 -0.68828 8  DG B "O5'" 
243 C "C5'" . DG B 5  ? 4.24856 3.54566 2.88113 -0.84285 -0.95841 -0.62446 8  DG B "C5'" 
244 C "C4'" . DG B 5  ? 4.03199 3.45158 2.82429 -0.75042 -0.97931 -0.60319 8  DG B "C4'" 
245 O "O4'" . DG B 5  ? 3.82685 3.41943 2.80873 -0.69064 -0.95133 -0.66133 8  DG B "O4'" 
246 C "C3'" . DG B 5  ? 4.06986 3.30809 2.80636 -0.69790 -1.04193 -0.51251 8  DG B "C3'" 
247 O "O3'" . DG B 5  ? 4.19335 3.31159 2.80391 -0.72620 -1.07806 -0.44391 8  DG B "O3'" 
248 C "C2'" . DG B 5  ? 3.80518 3.19166 2.75379 -0.59363 -1.03646 -0.51487 8  DG B "C2'" 
249 C "C1'" . DG B 5  ? 3.64952 3.27974 2.74730 -0.60133 -0.96625 -0.61798 8  DG B "C1'" 
250 N N9    . DG B 5  ? 3.60173 3.22624 2.77231 -0.56705 -0.95589 -0.63752 8  DG B N9    
251 C C8    . DG B 5  ? 3.69405 3.31121 2.84556 -0.61184 -0.92831 -0.70470 8  DG B C8    
252 N N7    . DG B 5  ? 3.63336 3.23944 2.86235 -0.56696 -0.92100 -0.70863 8  DG B N7    
253 C C5    . DG B 5  ? 3.49015 3.07720 2.79710 -0.47452 -0.95654 -0.63008 8  DG B C5    
254 C C6    . DG B 5  ? 3.37761 2.91455 2.79880 -0.36801 -0.98020 -0.59308 8  DG B C6    
255 O O6    . DG B 5  ? 3.41746 2.92927 2.89206 -0.34134 -0.96980 -0.62516 8  DG B O6    
256 N N1    . DG B 5  ? 3.24048 2.74528 2.72921 -0.27197 -1.01946 -0.51549 8  DG B N1    
257 C C2    . DG B 5  ? 3.23952 2.74749 2.67109 -0.29171 -1.03334 -0.47565 8  DG B C2    
258 N N2    . DG B 5  ? 3.16730 2.58498 2.66632 -0.18452 -1.08393 -0.40482 8  DG B N2    
259 N N3    . DG B 5  ? 3.35672 2.91567 2.67576 -0.39618 -1.01268 -0.50915 8  DG B N3    
260 C C4    . DG B 5  ? 3.46542 3.06701 2.73687 -0.47684 -0.97414 -0.58795 8  DG B C4    
261 P P     . DA C 1  ? 3.50009 2.30316 3.35270 -0.35252 0.98832  -0.44321 9  DA C P     
262 O OP1   . DA C 1  ? 3.35275 2.26856 3.29953 -0.24441 0.92263  -0.41468 9  DA C OP1   
263 O OP2   . DA C 1  ? 3.59090 2.23701 3.26542 -0.48895 1.10281  -0.47074 9  DA C OP2   
264 O "O5'" . DA C 1  ? 3.51859 2.43990 3.61271 -0.31948 1.03094  -0.51359 9  DA C "O5'" 
265 C "C5'" . DA C 1  ? 3.60909 2.45670 3.66232 -0.40812 1.09133  -0.54930 9  DA C "C5'" 
266 C "C4'" . DA C 1  ? 3.58904 2.56222 3.90467 -0.37557 1.15783  -0.62932 9  DA C "C4'" 
267 O "O4'" . DA C 1  ? 3.48419 2.56667 3.98627 -0.30955 1.19040  -0.66365 9  DA C "O4'" 
268 C "C3'" . DA C 1  ? 3.58889 2.68337 4.05980 -0.28728 1.06598  -0.61770 9  DA C "C3'" 
269 O "O3'" . DA C 1  ? 3.68817 2.70012 4.06206 -0.35375 1.06132  -0.61399 9  DA C "O3'" 
270 C "C2'" . DA C 1  ? 3.50779 2.74289 4.26420 -0.23998 1.12813  -0.69049 9  DA C "C2'" 
271 C "C1'" . DA C 1  ? 3.41196 2.63747 4.18614 -0.24784 1.19749  -0.71314 9  DA C "C1'" 
272 N N9    . DA C 1  ? 3.26004 2.62298 4.20572 -0.13478 1.12552  -0.69364 9  DA C N9    
273 C C8    . DA C 1  ? 3.28301 2.64925 4.13692 -0.08487 1.04725  -0.63136 9  DA C C8    
274 N N7    . DA C 1  ? 3.05443 2.55615 4.09653 0.00778  0.98974  -0.62478 9  DA C N7    
275 C C5    . DA C 1  ? 2.83566 2.42808 4.11561 0.02154  1.02746  -0.68386 9  DA C C5    
276 C C6    . DA C 1  ? 2.47045 2.21286 4.02284 0.09829  0.98693  -0.70043 9  DA C C6    
277 N N6    . DA C 1  ? 2.33272 2.15847 3.95008 0.17339  0.89861  -0.65726 9  DA C N6    
278 N N1    . DA C 1  ? 2.43250 2.23164 4.18779 0.08785  1.03783  -0.76090 9  DA C N1    
279 C C2    . DA C 1  ? 2.55043 2.26396 4.23109 0.00539  1.12859  -0.80476 9  DA C C2    
280 N N3    . DA C 1  ? 2.84714 2.41480 4.26534 -0.07697 1.17289  -0.79328 9  DA C N3    
281 C C4    . DA C 1  ? 2.98983 2.50199 4.21852 -0.06323 1.11513  -0.72965 9  DA C C4    
282 P P     . DC C 2  ? 3.83542 2.78555 4.22194 -0.46536 1.19333  -0.68944 10 DC C P     
283 O OP1   . DC C 2  ? 3.73260 2.61165 4.06525 -0.55125 1.32580  -0.74044 10 DC C OP1   
284 O OP2   . DC C 2  ? 3.93574 2.77525 4.15643 -0.52998 1.14518  -0.65169 10 DC C OP2   
285 O "O5'" . DC C 2  ? 3.76950 2.89194 4.46334 -0.38817 1.20781  -0.74884 10 DC C "O5'" 
286 C "C5'" . DC C 2  ? 3.76877 2.99307 4.56591 -0.29644 1.09412  -0.71726 10 DC C "C5'" 
287 C "C4'" . DC C 2  ? 3.55123 2.94633 4.64607 -0.21857 1.10410  -0.76661 10 DC C "C4'" 
288 O "O4'" . DC C 2  ? 3.40235 2.87002 4.59578 -0.15871 1.10203  -0.76534 10 DC C "O4'" 
289 C "C3'" . DC C 2  ? 3.47980 2.98706 4.68267 -0.13000 0.98831  -0.73849 10 DC C "C3'" 
290 O "O3'" . DC C 2  ? 3.53077 3.02105 4.75847 -0.17209 1.00786  -0.76642 10 DC C "O3'" 
291 C "C2'" . DC C 2  ? 3.14839 2.81506 4.61045 -0.04796 0.97769  -0.76354 10 DC C "C2'" 
292 C "C1'" . DC C 2  ? 3.12740 2.75815 4.56909 -0.06552 1.04501  -0.77482 10 DC C "C1'" 
293 N N1    . DC C 2  ? 2.98740 2.68408 4.43912 0.01644  0.95765  -0.72392 10 DC C N1    
294 C C2    . DC C 2  ? 2.61712 2.46142 4.30598 0.09496  0.91085  -0.73079 10 DC C C2    
295 O O2    . DC C 2  ? 2.42666 2.34584 4.32345 0.09884  0.93974  -0.77803 10 DC C O2    
296 N N3    . DC C 2  ? 2.47618 2.37392 4.15930 0.15881  0.83097  -0.68279 10 DC C N3    
297 C C4    . DC C 2  ? 2.68578 2.50159 4.14910 0.15136  0.80269  -0.63363 10 DC C C4    
298 N N4    . DC C 2  ? 2.51794 2.39240 3.98219 0.21202  0.72612  -0.58900 10 DC C N4    
299 C C5    . DC C 2  ? 3.07237 2.73911 4.30458 0.07560  0.84618  -0.62461 10 DC C C5    
300 C C6    . DC C 2  ? 3.20428 2.81355 4.43454 0.00783  0.92045  -0.66872 10 DC C C6    
301 P P     . DG C 3  ? 3.95049 3.47796 5.17059 -0.12236 0.89137  -0.72905 11 DG C P     
302 O OP1   . DG C 3  ? 4.05545 3.49100 5.20221 -0.20430 0.92882  -0.74849 11 DG C OP1   
303 O OP2   . DG C 3  ? 4.00589 3.51344 5.09286 -0.07411 0.79289  -0.66219 11 DG C OP2   
304 O "O5'" . DG C 3  ? 3.60347 3.31234 5.09280 -0.03690 0.85597  -0.75598 11 DG C "O5'" 
305 C "C5'" . DG C 3  ? 3.42482 3.19473 5.11387 -0.05651 0.94140  -0.82028 11 DG C "C5'" 
306 C "C4'" . DG C 3  ? 3.02844 2.96214 4.95616 0.03095  0.88699  -0.82426 11 DG C "C4'" 
307 O "O4'" . DG C 3  ? 2.92702 2.88092 4.82957 0.07562  0.85514  -0.79051 11 DG C "O4'" 
308 C "C3'" . DG C 3  ? 2.89152 2.91732 4.87169 0.09251  0.77183  -0.79644 11 DG C "C3'" 
309 O "O3'" . DG C 3  ? 2.61836 2.77332 4.85326 0.12506  0.76242  -0.82692 11 DG C "O3'" 
310 C "C2'" . DG C 3  ? 2.82030 2.87070 4.70700 0.15256  0.68084  -0.73894 11 DG C "C2'" 
311 C "C1'" . DG C 3  ? 2.72564 2.78394 4.67683 0.15516  0.73503  -0.74823 11 DG C "C1'" 
312 N N9    . DG C 3  ? 2.74473 2.77801 4.55936 0.18460  0.68878  -0.69840 11 DG C N9    
313 C C8    . DG C 3  ? 3.04081 2.95114 4.62151 0.15182  0.69544  -0.66646 11 DG C C8    
314 N N7    . DG C 3  ? 2.98133 2.90408 4.49563 0.19094  0.64625  -0.62460 11 DG C N7    
315 C C5    . DG C 3  ? 2.62518 2.68485 4.33475 0.25021  0.60332  -0.62818 11 DG C C5    
316 C C6    . DG C 3  ? 2.42887 2.55878 4.16482 0.30443  0.53860  -0.59188 11 DG C C6    
317 O O6    . DG C 3  ? 2.48480 2.57467 4.07656 0.31567  0.51038  -0.55163 11 DG C O6    
318 N N1    . DG C 3  ? 2.15336 2.41145 4.11085 0.34386  0.49878  -0.60234 11 DG C N1    
319 C C2    . DG C 3  ? 2.09451 2.40784 4.23445 0.33483  0.52036  -0.64359 11 DG C C2    
320 N N2    . DG C 3  ? 1.96567 2.39833 4.31235 0.37239  0.46288  -0.64042 11 DG C N2    
321 N N3    . DG C 3  ? 2.22778 2.48131 4.34805 0.28771  0.58691  -0.68160 11 DG C N3    
322 C C4    . DG C 3  ? 2.50541 2.63170 4.40234 0.24616  0.62553  -0.67124 11 DG C C4    
323 P P     . DG C 4  ? 2.89708 3.11697 5.22348 0.13428  0.71210  -0.83864 12 DG C P     
324 O OP1   . DG C 4  ? 2.86628 3.11064 5.37682 0.09446  0.79682  -0.89831 12 DG C OP1   
325 O OP2   . DG C 4  ? 3.11698 3.25347 5.23434 0.11987  0.67009  -0.81111 12 DG C OP2   
326 O "O5'" . DG C 4  ? 2.66210 3.02349 5.11993 0.21020  0.59959  -0.80797 12 DG C "O5'" 
327 C "C5'" . DG C 4  ? 2.61399 2.98512 4.95109 0.25305  0.52303  -0.75818 12 DG C "C5'" 
328 C "C4'" . DG C 4  ? 2.39684 2.88567 4.89324 0.30173  0.46141  -0.73909 12 DG C "C4'" 
329 O "O4'" . DG C 4  ? 2.37809 2.83369 4.78074 0.31854  0.46223  -0.70900 12 DG C "O4'" 
330 C "C3'" . DG C 4  ? 2.29981 2.88336 4.80266 0.33965  0.34420  -0.70881 12 DG C "C3'" 
331 O "O3'" . DG C 4  ? 2.15221 2.84462 4.84090 0.36620  0.28815  -0.69517 12 DG C "O3'" 
332 C "C2'" . DG C 4  ? 2.33986 2.87624 4.63338 0.35804  0.30893  -0.67056 12 DG C "C2'" 
333 C "C1'" . DG C 4  ? 2.32158 2.82000 4.62271 0.35789  0.36173  -0.66296 12 DG C "C1'" 
334 N N9    . DG C 4  ? 2.43427 2.83653 4.52133 0.35335  0.37613  -0.63709 12 DG C N9    
335 C C8    . DG C 4  ? 2.65483 2.93486 4.57666 0.31435  0.42679  -0.64305 12 DG C C8    
336 N N7    . DG C 4  ? 2.75599 2.96894 4.51062 0.31753  0.41691  -0.60898 12 DG C N7    
337 C C5    . DG C 4  ? 2.54089 2.84039 4.35021 0.36305  0.36165  -0.58208 12 DG C C5    
338 C C6    . DG C 4  ? 2.52202 2.80562 4.21411 0.38528  0.32813  -0.54082 12 DG C C6    
339 O O6    . DG C 4  ? 2.69854 2.88560 4.21664 0.37011  0.34043  -0.51877 12 DG C O6    
340 N N1    . DG C 4  ? 2.33233 2.72294 4.13035 0.42430  0.27009  -0.52155 12 DG C N1    
341 C C2    . DG C 4  ? 2.19328 2.68889 4.18912 0.43764  0.24008  -0.53585 12 DG C C2    
342 N N2    . DG C 4  ? 2.06568 2.64709 4.13486 0.46729  0.17173  -0.50563 12 DG C N2    
343 N N3    . DG C 4  ? 2.20686 2.71946 4.32104 0.41878  0.26880  -0.57350 12 DG C N3    
344 C C4    . DG C 4  ? 2.37448 2.78789 4.38425 0.38321  0.33264  -0.59690 12 DG C C4    
345 P P     . DA C 5  ? 2.28898 3.09443 5.09719 0.37570  0.19226  -0.68748 13 DA C P     
346 O OP1   . DA C 5  ? 2.17488 3.05884 5.23496 0.38173  0.17419  -0.68806 13 DA C OP1   
347 O OP2   . DA C 5  ? 2.38890 3.16475 5.14345 0.35149  0.21110  -0.71680 13 DA C OP2   
348 O "O5'" . DA C 5  ? 2.25497 3.10320 4.92613 0.40142  0.09266  -0.64162 13 DA C "O5'" 
349 C "C5'" . DA C 5  ? 2.17960 3.13458 4.94093 0.40704  -0.00880 -0.61700 13 DA C "C5'" 
350 C "C4'" . DA C 5  ? 2.09615 3.08927 4.86757 0.42731  -0.06473 -0.57206 13 DA C "C4'" 
351 O "O4'" . DA C 5  ? 2.12139 3.02953 4.76732 0.44085  -0.00025 -0.56800 13 DA C "O4'" 
352 C "C3'" . DA C 5  ? 2.08933 3.14461 4.74662 0.42747  -0.16615 -0.53817 13 DA C "C3'" 
353 O "O3'" . DA C 5  ? 2.01029 3.11970 4.73762 0.43456  -0.23599 -0.49331 13 DA C "O3'" 
354 C "C2'" . DA C 5  ? 2.15096 3.13168 4.58748 0.43951  -0.12549 -0.54240 13 DA C "C2'" 
355 C "C1'" . DA C 5  ? 2.13778 3.04458 4.59220 0.45233  -0.04884 -0.54012 13 DA C "C1'" 
356 N N9    . DA C 5  ? 2.22460 3.02521 4.50958 0.45142  0.02298  -0.55473 13 DA C N9    
357 C C8    . DA C 5  ? 2.31771 3.04301 4.57763 0.43092  0.09565  -0.59089 13 DA C C8    
358 N N7    . DA C 5  ? 2.40498 3.03267 4.49605 0.42678  0.13643  -0.58822 13 DA C N7    
359 C C5    . DA C 5  ? 2.34808 2.99298 4.35240 0.45046  0.09192  -0.55080 13 DA C C5    
360 C C6    . DA C 5  ? 2.40147 2.97479 4.23230 0.45760  0.09946  -0.52818 13 DA C C6    
361 N N6    . DA C 5  ? 2.55145 3.01190 4.26198 0.43773  0.15063  -0.53675 13 DA C N6    
362 N N1    . DA C 5  ? 2.31606 2.93445 4.10177 0.48067  0.04661  -0.49265 13 DA C N1    
363 C C2    . DA C 5  ? 2.21814 2.94167 4.11816 0.49113  -0.01426 -0.47786 13 DA C C2    
364 N N3    . DA C 5  ? 2.17882 2.97279 4.24645 0.48301  -0.03560 -0.49167 13 DA C N3    
365 C C4    . DA C 5  ? 2.24153 2.99297 4.35777 0.46495  0.02312  -0.53033 13 DA C C4    
366 P P     . DC C 6  ? 2.68081 2.55953 4.29249 -0.53016 0.09761  -1.67803 14 DC C P     
367 O OP1   . DC C 6  ? 2.68150 2.35840 4.37595 -0.49489 0.10779  -1.57003 14 DC C OP1   
368 O OP2   . DC C 6  ? 2.82912 2.60463 4.13167 -0.38693 -0.04427 -1.58792 14 DC C OP2   
369 O "O5'" . DC C 6  ? 2.57855 2.73667 4.35894 -0.58038 0.25953  -1.78864 14 DC C "O5'" 
370 C "C5'" . DC C 6  ? 2.54279 3.00423 4.28918 -0.64480 0.29712  -1.87347 14 DC C "C5'" 
371 C "C4'" . DC C 6  ? 2.62404 3.15958 4.22492 -0.52409 0.29002  -1.85112 14 DC C "C4'" 
372 O "O4'" . DC C 6  ? 2.69484 3.48138 4.16434 -0.55064 0.26635  -1.88242 14 DC C "O4'" 
373 C "C3'" . DC C 6  ? 2.95956 3.21325 4.31539 -0.33864 0.15486  -1.71420 14 DC C "C3'" 
374 O "O3'" . DC C 6  ? 3.03013 3.31875 4.38033 -0.24840 0.20908  -1.71625 14 DC C "O3'" 
375 C "C2'" . DC C 6  ? 3.17740 3.47484 4.26811 -0.29824 0.02791  -1.65982 14 DC C "C2'" 
376 C "C1'" . DC C 6  ? 3.04076 3.70725 4.21330 -0.39838 0.12759  -1.77163 14 DC C "C1'" 
377 N N1    . DC C 6  ? 3.09231 3.89619 4.10457 -0.43456 0.05079  -1.76503 14 DC C N1    
378 C C2    . DC C 6  ? 3.07091 4.17702 4.03513 -0.45650 0.08784  -1.82212 14 DC C C2    
379 O O2    . DC C 6  ? 3.01135 4.26642 4.07107 -0.44798 0.18447  -1.88030 14 DC C O2    
380 N N3    . DC C 6  ? 3.09582 4.32483 3.91153 -0.48606 0.01743  -1.81138 14 DC C N3    
381 C C4    . DC C 6  ? 3.16130 4.21854 3.88049 -0.49447 -0.08249 -1.74811 14 DC C C4    
382 N N4    . DC C 6  ? 3.18704 4.37205 3.76079 -0.52193 -0.14538 -1.73769 14 DC C N4    
383 C C5    . DC C 6  ? 3.19148 3.94041 3.96045 -0.47445 -0.12182 -1.69206 14 DC C C5    
384 C C6    . DC C 6  ? 3.14480 3.77971 4.05791 -0.44392 -0.05503 -1.70182 14 DC C C6    
385 P P     . DA C 7  ? 2.99830 2.98363 4.17937 -0.06363 0.11983  -1.59439 15 DA C P     
386 O OP1   . DA C 7  ? 2.78916 2.63184 4.18358 -0.07552 0.20380  -1.60806 15 DA C OP1   
387 O OP2   . DA C 7  ? 3.24488 3.03009 4.16437 0.01739  -0.05224 -1.48360 15 DA C OP2   
388 O "O5'" . DA C 7  ? 3.04022 3.18451 4.12866 0.02249  0.15549  -1.60562 15 DA C "O5'" 
389 C "C5'" . DA C 7  ? 2.78296 3.11367 4.08823 -0.02894 0.31419  -1.70304 15 DA C "C5'" 
390 C "C4'" . DA C 7  ? 2.74395 3.37863 3.99376 -0.04012 0.35281  -1.76158 15 DA C "C4'" 
391 O "O4'" . DA C 7  ? 2.86731 3.65729 4.02756 -0.11754 0.29337  -1.77999 15 DA C "O4'" 
392 C "C3'" . DA C 7  ? 2.87712 3.45236 3.88635 0.12774  0.27733  -1.67853 15 DA C "C3'" 
393 O "O3'" . DA C 7  ? 2.74030 3.61353 3.80990 0.09952  0.37284  -1.76171 15 DA C "O3'" 
394 C "C2'" . DA C 7  ? 3.18754 3.70160 3.93763 0.16958  0.12108  -1.59807 15 DA C "C2'" 
395 C "C1'" . DA C 7  ? 3.07209 3.86544 3.95312 0.00006  0.18037  -1.70266 15 DA C "C1'" 
396 N N9    . DA C 7  ? 3.25073 3.99808 3.97973 -0.02283 0.06346  -1.65501 15 DA C N9    
397 C C8    . DA C 7  ? 3.36243 3.85527 4.05204 -0.02146 -0.02225 -1.58967 15 DA C C8    
398 N N7    . DA C 7  ? 3.44823 3.96449 3.99850 -0.04930 -0.11381 -1.56082 15 DA C N7    
399 C C5    . DA C 7  ? 3.39353 4.20347 3.88647 -0.06900 -0.08666 -1.60926 15 DA C C5    
400 C C6    . DA C 7  ? 3.39647 4.37386 3.74583 -0.09920 -0.14665 -1.60702 15 DA C C6    
401 N N6    . DA C 7  ? 3.47945 4.33725 3.71223 -0.11504 -0.24824 -1.55154 15 DA C N6    
402 N N1    . DA C 7  ? 3.27972 4.55388 3.60961 -0.11063 -0.09784 -1.66265 15 DA C N1    
403 C C2    . DA C 7  ? 3.17228 4.56427 3.62453 -0.09608 0.00625  -1.71992 15 DA C C2    
404 N N3    . DA C 7  ? 3.14966 4.40036 3.74318 -0.06779 0.07417  -1.72829 15 DA C N3    
405 C C4    . DA C 7  ? 3.27003 4.22849 3.87467 -0.05475 0.02159  -1.66937 15 DA C C4    
406 P P     . DG C 8  ? 2.82943 3.71278 3.71518 0.25468  0.34208  -1.70648 16 DG C P     
407 O OP1   . DG C 8  ? 2.75601 3.59883 3.81023 0.28376  0.46003  -1.73854 16 DG C OP1   
408 O OP2   . DG C 8  ? 3.19490 3.84141 3.77672 0.39711  0.17196  -1.56894 16 DG C OP2   
409 O "O5'" . DG C 8  ? 2.74381 4.01076 3.63733 0.17972  0.39067  -1.79520 16 DG C "O5'" 
410 C "C5'" . DG C 8  ? 2.85423 4.24533 3.63577 0.11989  0.31336  -1.79536 16 DG C "C5'" 
411 C "C4'" . DG C 8  ? 2.90020 4.46356 3.47662 0.19791  0.25641  -1.76763 16 DG C "C4'" 
412 O "O4'" . DG C 8  ? 3.14323 4.69270 3.52575 0.19730  0.13103  -1.71022 16 DG C "O4'" 
413 C "C3'" . DG C 8  ? 3.02746 4.40816 3.40858 0.38487  0.19075  -1.66281 16 DG C "C3'" 
414 O "O3'" . DG C 8  ? 2.94425 4.56305 3.21112 0.43029  0.18533  -1.67190 16 DG C "O3'" 
415 C "C2'" . DG C 8  ? 3.39244 4.47543 3.54682 0.46877  0.03193  -1.53651 16 DG C "C2'" 
416 C "C1'" . DG C 8  ? 3.42216 4.69128 3.54349 0.36062  -0.00671 -1.57029 16 DG C "C1'" 
417 N N9    . DG C 8  ? 3.63673 4.68348 3.69137 0.34060  -0.10189 -1.51083 16 DG C N9    
418 C C8    . DG C 8  ? 3.74228 4.50403 3.86453 0.34763  -0.11687 -1.47414 16 DG C C8    
419 N N7    . DG C 8  ? 3.88497 4.50433 3.92384 0.32270  -0.21099 -1.42539 16 DG C N7    
420 C C5    . DG C 8  ? 3.86310 4.68261 3.76864 0.29915  -0.25878 -1.42873 16 DG C C5    
421 C C6    . DG C 8  ? 3.91925 4.70824 3.69270 0.26782  -0.35730 -1.38786 16 DG C C6    
422 O O6    . DG C 8  ? 4.01404 4.58619 3.76414 0.25180  -0.42481 -1.34142 16 DG C O6    
423 N N1    . DG C 8  ? 3.80749 4.85632 3.47159 0.25497  -0.37276 -1.40532 16 DG C N1    
424 C C2    . DG C 8  ? 3.66296 4.97193 3.34512 0.27010  -0.30485 -1.45673 16 DG C C2    
425 N N2    . DG C 8  ? 3.53564 5.08006 3.10049 0.25642  -0.33467 -1.46415 16 DG C N2    
426 N N3    . DG C 8  ? 3.61142 4.95128 3.42037 0.29689  -0.21260 -1.49788 16 DG C N3    
427 C C4    . DG C 8  ? 3.71473 4.80010 3.62884 0.31037  -0.19354 -1.48048 16 DG C C4    
428 P P     . DC C 9  ? 3.23944 4.73006 3.27847 0.62348  0.11498  -1.56707 17 DC C P     
429 O OP1   . DC C 9  ? 3.03597 4.85341 3.06217 0.61915  0.15987  -1.62139 17 DC C OP1   
430 O OP2   . DC C 9  ? 3.21013 4.44798 3.31528 0.70035  0.15307  -1.53401 17 DC C OP2   
431 O "O5'" . DC C 9  ? 3.59737 4.86746 3.34453 0.71750  -0.06060 -1.43626 17 DC C "O5'" 
432 C "C5'" . DC C 9  ? 3.65806 4.96672 3.15699 0.83477  -0.14954 -1.36070 17 DC C "C5'" 
433 C "C4'" . DC C 9  ? 3.65911 5.14644 3.05963 0.76879  -0.21334 -1.36567 17 DC C "C4'" 
434 O "O4'" . DC C 9  ? 3.77444 5.14123 3.23217 0.67231  -0.24473 -1.37076 17 DC C "O4'" 
435 C "C3'" . DC C 9  ? 3.73541 5.13877 2.82422 0.90665  -0.35047 -1.24578 17 DC C "C3'" 
436 O "O3'" . DC C 9  ? 3.55329 5.27439 2.59769 0.85769  -0.35120 -1.28405 17 DC C "O3'" 
437 C "C2'" . DC C 9  ? 3.91169 5.02214 2.88353 0.91846  -0.46218 -1.16388 17 DC C "C2'" 
438 C "C1'" . DC C 9  ? 3.89404 5.11852 3.10461 0.73698  -0.38698 -1.26796 17 DC C "C1'" 
439 N N1    . DC C 9  ? 4.07265 4.99428 3.29347 0.72050  -0.44229 -1.22274 17 DC C N1    
440 C C2    . DC C 9  ? 4.10259 4.95676 3.21080 0.68486  -0.53710 -1.18045 17 DC C C2    
441 O O2    . DC C 9  ? 3.97502 5.02213 2.97363 0.66837  -0.57251 -1.17956 17 DC C O2    
442 N N3    . DC C 9  ? 4.23796 4.81812 3.36336 0.66962  -0.58636 -1.14106 17 DC C N3    
443 C C4    . DC C 9  ? 4.33680 4.71972 3.58111 0.69084  -0.54687 -1.14055 17 DC C C4    
444 N N4    . DC C 9  ? 4.43385 4.55743 3.69376 0.67489  -0.59993 -1.10075 17 DC C N4    
445 C C5    . DC C 9  ? 4.29215 4.73764 3.64746 0.72965  -0.44969 -1.18037 17 DC C C5    
446 C C6    . DC C 9  ? 4.16198 4.87428 3.50206 0.74249  -0.39988 -1.22106 17 DC C C6    
447 P P     . DA C 10 ? 4.22795 5.98646 2.99460 1.00092  -0.44704 -1.18784 18 DA C P     
448 O OP1   . DA C 10 ? 4.00065 6.15835 2.83629 0.94159  -0.37792 -1.27177 18 DA C OP1   
449 O OP2   . DA C 10 ? 4.35068 5.82517 2.99021 1.16387  -0.48815 -1.09317 18 DA C OP2   
450 O "O5'" . DA C 10 ? 4.23898 5.87494 2.80981 1.00628  -0.57667 -1.10628 18 DA C "O5'" 
451 C "C5'" . DA C 10 ? 4.20050 5.65915 2.48488 1.16015  -0.69957 -0.97521 18 DA C "C5'" 
452 C "C4'" . DA C 10 ? 4.10547 5.59415 2.28984 1.11467  -0.76960 -0.91471 18 DA C "C4'" 
453 O "O4'" . DA C 10 ? 4.21259 5.54994 2.40324 1.04735  -0.81735 -0.93637 18 DA C "O4'" 
454 C "C3'" . DA C 10 ? 4.22023 5.46967 2.24512 1.21789  -0.83732 -0.73924 18 DA C "C3'" 
455 O "O3'" . DA C 10 ? 4.24274 5.61593 2.25120 1.15319  -0.84379 -0.69564 18 DA C "O3'" 
456 C "C2'" . DA C 10 ? 4.29392 5.17025 2.23773 1.25765  -0.91344 -0.67109 18 DA C "C2'" 
457 C "C1'" . DA C 10 ? 4.25765 5.22014 2.29723 1.13878  -0.91121 -0.79061 18 DA C "C1'" 
458 N N9    . DA C 10 ? 4.44262 5.15316 2.52851 1.15767  -0.92391 -0.81144 18 DA C N9    
459 C C8    . DA C 10 ? 4.56362 5.24393 2.80813 1.16587  -0.83692 -0.85766 18 DA C C8    
460 N N7    . DA C 10 ? 4.73369 5.14551 3.04851 1.15975  -0.84513 -0.84264 18 DA C N7    
461 C C5    . DA C 10 ? 4.70276 4.95827 2.89977 1.14423  -0.94533 -0.78512 18 DA C C5    
462 C C6    . DA C 10 ? 4.81042 4.77348 3.01042 1.13053  -1.00316 -0.74527 18 DA C C6    
463 N N6    . DA C 10 ? 4.98224 4.75431 3.31071 1.13327  -0.96775 -0.75551 18 DA C N6    
464 N N1    . DA C 10 ? 4.73810 4.61349 2.80418 1.11563  -1.09869 -0.69285 18 DA C N1    
465 C C2    . DA C 10 ? 4.59007 4.65843 2.52672 1.11589  -1.13160 -0.67943 18 DA C C2    
466 N N3    . DA C 10 ? 4.46892 4.81483 2.41759 1.11800  -1.07030 -0.70151 18 DA C N3    
467 C C4    . DA C 10 ? 4.53562 4.96921 2.59069 1.14254  -0.99297 -0.76521 18 DA C C4    
468 P P     . DC C 11 ? 3.35772 4.68950 3.76760 0.80172  1.58907  -0.55648 19 DC C P     
469 O OP1   . DC C 11 ? 3.28255 4.69729 3.68048 0.69259  1.60334  -0.50459 19 DC C OP1   
470 O OP2   . DC C 11 ? 3.42284 4.41184 3.63558 0.86309  1.53925  -0.50722 19 DC C OP2   
471 O "O5'" . DC C 11 ? 3.24970 4.86377 3.92476 0.80083  1.58023  -0.62701 19 DC C "O5'" 
472 C "C5'" . DC C 11 ? 3.20901 4.71736 3.89676 0.85017  1.52391  -0.61980 19 DC C "C5'" 
473 C "C4'" . DC C 11 ? 3.13087 4.88034 4.11437 0.84552  1.52180  -0.66511 19 DC C "C4'" 
474 O "O4'" . DC C 11 ? 3.24110 5.01900 4.34693 0.94560  1.54911  -0.72622 19 DC C "O4'" 
475 C "C3'" . DC C 11 ? 3.03998 4.73463 4.07528 0.87381  1.46128  -0.64202 19 DC C "C3'" 
476 O "O3'" . DC C 11 ? 2.91750 4.83122 4.19847 0.78706  1.45543  -0.61966 19 DC C "O3'" 
477 C "C2'" . DC C 11 ? 3.14598 4.72572 4.21977 1.02195  1.43834  -0.68120 19 DC C "C2'" 
478 C "C1'" . DC C 11 ? 3.22689 4.96221 4.45553 1.04001  1.50168  -0.73439 19 DC C "C1'" 
479 N N1    . DC C 11 ? 3.38420 4.94877 4.54076 1.17450  1.49344  -0.77499 19 DC C N1    
480 C C2    . DC C 11 ? 3.41391 5.04765 4.81864 1.27798  1.47328  -0.80781 19 DC C C2    
481 O O2    . DC C 11 ? 3.31209 5.15040 4.99388 1.25480  1.45946  -0.78240 19 DC C O2    
482 N N3    . DC C 11 ? 3.57362 5.02433 4.89567 1.39514  1.44887  -0.83616 19 DC C N3    
483 C C4    . DC C 11 ? 3.70125 4.90775 4.69714 1.40284  1.44931  -0.82698 19 DC C C4    
484 N N4    . DC C 11 ? 3.86517 4.89167 4.78195 1.50949  1.42201  -0.85190 19 DC C N4    
485 C C5    . DC C 11 ? 3.66969 4.79851 4.42323 1.30153  1.47029  -0.77730 19 DC C C5    
486 C C6    . DC C 11 ? 3.51014 4.82122 4.35808 1.19467  1.48849  -0.75444 19 DC C C6    
487 P P     . DG C 12 ? 2.78389 4.68879 4.14411 0.78814  1.38902  -0.57253 20 DG C P     
488 O OP1   . DG C 12 ? 2.66594 4.73482 4.17195 0.64358  1.39631  -0.52040 20 DG C OP1   
489 O OP2   . DG C 12 ? 2.81526 4.45577 3.90035 0.84613  1.34943  -0.56432 20 DG C OP2   
490 O "O5'" . DG C 12 ? 2.80100 4.77850 4.41446 0.91456  1.36005  -0.58585 20 DG C "O5'" 
491 C "C5'" . DG C 12 ? 2.77252 4.99695 4.70844 0.89361  1.38365  -0.56404 20 DG C "C5'" 
492 C "C4'" . DG C 12 ? 2.75013 5.10381 4.93651 1.04457  1.30731  -0.51961 20 DG C "C4'" 
493 O "O4'" . DG C 12 ? 2.90537 5.14250 5.06307 1.21327  1.29966  -0.56910 20 DG C "O4'" 
494 C "C3'" . DG C 12 ? 2.71089 5.03229 4.80094 1.11955  1.21678  -0.42685 20 DG C "C3'" 
495 O "O3'" . DG C 12 ? 2.65524 5.28650 5.02666 1.18614  1.11368  -0.31796 20 DG C "O3'" 
496 C "C2'" . DG C 12 ? 2.89349 4.88858 4.71940 1.28637  1.17971  -0.44837 20 DG C "C2'" 
497 C "C1'" . DG C 12 ? 3.01052 5.02876 4.95746 1.36508  1.20798  -0.51602 20 DG C "C1'" 
498 N N9    . DG C 12 ? 3.14408 4.82365 4.80371 1.38448  1.23001  -0.60173 20 DG C N9    
499 C C8    . DG C 12 ? 3.10535 4.59658 4.49454 1.24792  1.26588  -0.66272 20 DG C C8    
500 N N7    . DG C 12 ? 3.27982 4.52034 4.43517 1.31824  1.26290  -0.68985 20 DG C N7    
501 C C5    . DG C 12 ? 3.37919 4.60581 4.69857 1.45917  1.21577  -0.70032 20 DG C C5    
502 C C6    . DG C 12 ? 3.56582 4.56016 4.76778 1.56162  1.18371  -0.73549 20 DG C C6    
503 O O6    . DG C 12 ? 3.69593 4.45830 4.59900 1.55459  1.19852  -0.75241 20 DG C O6    
504 N N1    . DG C 12 ? 3.69965 4.76489 5.10005 1.74712  1.12772  -0.69242 20 DG C N1    
505 C C2    . DG C 12 ? 3.63260 5.00159 5.33636 1.81955  1.08884  -0.61663 20 DG C C2    
506 N N2    . DG C 12 ? 3.76345 5.18706 5.66146 1.99415  0.99270  -0.57799 20 DG C N2    
507 N N3    . DG C 12 ? 3.43945 5.05793 5.26653 1.71200  1.11982  -0.57599 20 DG C N3    
508 C C4    . DG C 12 ? 3.33429 4.84200 4.94414 1.53629  1.19299  -0.62425 20 DG C C4    
509 P P     . DT C 13 ? 2.57114 5.20929 4.88888 1.27230  0.97922  -0.19737 21 DT C P     
510 O OP1   . DT C 13 ? 2.42668 5.45476 5.05984 1.19145  0.87612  -0.10750 21 DT C OP1   
511 O OP2   . DT C 13 ? 2.56084 4.89289 4.55142 1.20583  1.03742  -0.21622 21 DT C OP2   
512 O "O5'" . DT C 13 ? 2.77426 5.25261 5.04793 1.52439  0.87678  -0.17728 21 DT C "O5'" 
513 C "C5'" . DT C 13 ? 2.84002 5.51251 5.38594 1.61701  0.81908  -0.18357 21 DT C "C5'" 
514 C "C4'" . DT C 13 ? 3.06449 5.47782 5.50671 1.84517  0.68929  -0.15958 21 DT C "C4'" 
515 O "O4'" . DT C 13 ? 3.23986 5.25744 5.37985 1.89048  0.79182  -0.26758 21 DT C "O4'" 
516 C "C3'" . DT C 13 ? 3.14163 5.34185 5.40251 1.93668  0.53839  -0.05911 21 DT C "C3'" 
517 O "O3'" . DT C 13 ? 3.30073 5.47501 5.68289 2.08882  0.32117  0.01566  21 DT C "O3'" 
518 C "C2'" . DT C 13 ? 3.30946 4.96591 5.10259 1.96789  0.63635  -0.14222 21 DT C "C2'" 
519 C "C1'" . DT C 13 ? 3.42690 4.99696 5.21396 1.99724  0.71412  -0.24974 21 DT C "C1'" 
520 N N1    . DT C 13 ? 3.50827 4.70664 4.93118 1.91264  0.84713  -0.35661 21 DT C N1    
521 C C2    . DT C 13 ? 3.73723 4.59538 4.95954 1.99309  0.82192  -0.41801 21 DT C C2    
522 O O2    . DT C 13 ? 3.90063 4.70544 5.21103 2.14364  0.70171  -0.39398 21 DT C O2    
523 N N3    . DT C 13 ? 3.75607 4.35617 4.69103 1.86819  0.91575  -0.50068 21 DT C N3    
524 C C4    . DT C 13 ? 3.57983 4.21349 4.41662 1.68259  1.00976  -0.52820 21 DT C C4    
525 O O4    . DT C 13 ? 3.58191 4.01964 4.20230 1.57073  1.04314  -0.59086 21 DT C O4    
526 C C5    . DT C 13 ? 3.37379 4.32001 4.40860 1.61616  1.03654  -0.46887 21 DT C C5    
527 C C7    . DT C 13 ? 3.18598 4.17243 4.13647 1.41095  1.10922  -0.49361 21 DT C C7    
528 C C6    . DT C 13 ? 3.34299 4.56245 4.65755 1.72868  0.96335  -0.38526 21 DT C C6    
529 P P     . DG C 14 ? 3.13064 5.48052 5.68961 2.01176  0.07779  0.17074  22 DG C P     
530 O OP1   . DG C 14 ? 3.03151 5.78021 6.01300 2.06447  -0.02880 0.21246  22 DG C OP1   
531 O OP2   . DG C 14 ? 2.94378 5.46760 5.49599 1.83661  0.14340  0.20931  22 DG C OP2   
532 O "O5'" . DG C 14 ? 3.64309 5.35233 5.80133 2.05362  -0.11449 0.21373  22 DG C "O5'" 
533 C "C5'" . DG C 14 ? 3.86907 5.04349 5.58624 2.10691  -0.01430 0.12236  22 DG C "C5'" 
534 C "C4'" . DG C 14 ? 4.01417 4.90356 5.63206 2.27674  -0.05310 0.05683  22 DG C "C4'" 
535 O "O4'" . DG C 14 ? 3.87067 4.65072 5.31855 2.35308  0.18708  -0.08462 22 DG C "O4'" 
536 C "C3'" . DG C 14 ? 4.44210 4.70690 5.67687 2.30361  -0.24285 0.08915  22 DG C "C3'" 
537 O "O3'" . DG C 14 ? 4.58041 4.74271 5.89580 2.43335  -0.37265 0.08648  22 DG C "O3'" 
538 C "C2'" . DG C 14 ? 4.48029 4.31452 5.28114 2.31543  -0.06424 -0.02700 22 DG C "C2'" 
539 C "C1'" . DG C 14 ? 4.17819 4.32237 5.15293 2.37319  0.16145  -0.13847 22 DG C "C1'" 
540 N N9    . DG C 14 ? 4.07608 4.08781 4.79615 2.24431  0.38138  -0.23068 22 DG C N9    
541 C C8    . DG C 14 ? 3.81778 4.07936 4.60445 2.12815  0.51894  -0.22169 22 DG C C8    
542 N N7    . DG C 14 ? 3.79850 3.85993 4.32763 1.99251  0.66450  -0.30476 22 DG C N7    
543 C C5    . DG C 14 ? 4.03699 3.73292 4.32497 2.01825  0.62717  -0.36961 22 DG C C5    
544 C C6    . DG C 14 ? 4.08078 3.52014 4.09059 1.88949  0.70247  -0.44960 22 DG C C6    
545 O O6    . DG C 14 ? 3.91792 3.38680 3.84248 1.72860  0.80008  -0.47832 22 DG C O6    
546 N N1    . DG C 14 ? 4.31808 3.48256 4.17886 1.95010  0.62255  -0.48265 22 DG C N1    
547 C C2    . DG C 14 ? 4.51631 3.61313 4.46843 2.11235  0.47861  -0.44779 22 DG C C2    
548 N N2    . DG C 14 ? 4.73725 3.55247 4.51651 2.13350  0.41390  -0.48611 22 DG C N2    
549 N N3    . DG C 14 ? 4.47814 3.80490 4.70498 2.22984  0.37964  -0.36662 22 DG C N3    
550 C C4    . DG C 14 ? 4.22283 3.86373 4.61114 2.17602  0.46480  -0.33008 22 DG C C4    
551 P P     . DC C 15 ? 4.50370 4.36533 5.75228 2.42308  -0.68546 0.21349  23 DC C P     
552 O OP1   . DC C 15 ? 4.46182 4.69768 6.14997 2.50311  -0.79999 0.26418  23 DC C OP1   
553 O OP2   . DC C 15 ? 4.46987 4.25513 5.59104 2.26872  -0.77270 0.31546  23 DC C OP2   
554 O "O5'" . DC C 15 ? 4.87564 4.04174 5.64553 2.49872  -0.72212 0.13659  23 DC C "O5'" 
555 C "C5'" . DC C 15 ? 4.96281 3.70753 5.28384 2.42578  -0.59959 0.06620  23 DC C "C5'" 
556 C "C4'" . DC C 15 ? 5.19586 3.53480 5.19801 2.40803  -0.52668 -0.04456 23 DC C "C4'" 
557 O "O4'" . DC C 15 ? 5.03864 3.42603 4.90823 2.36343  -0.26042 -0.16902 23 DC C "O4'" 
558 C "C3'" . DC C 15 ? 5.50528 3.26547 5.06548 2.28368  -0.63933 -0.02807 23 DC C "C3'" 
559 O "O3'" . DC C 15 ? 5.71326 3.22392 5.10042 2.28365  -0.64005 -0.10281 23 DC C "O3'" 
560 C "C2'" . DC C 15 ? 5.39039 3.03820 4.69366 2.17385  -0.45601 -0.09109 23 DC C "C2'" 
561 C "C1'" . DC C 15 ? 5.16492 3.12368 4.60500 2.22211  -0.22268 -0.20253 23 DC C "C1'" 
562 N N1    . DC C 15 ? 4.90211 3.04614 4.33868 2.14872  -0.02816 -0.23534 23 DC C N1    
563 C C2    . DC C 15 ? 4.83157 2.89157 4.05353 2.02265  0.14855  -0.33127 23 DC C C2    
564 O O2    . DC C 15 ? 4.97745 2.83079 4.01671 1.98514  0.14018  -0.38525 23 DC C O2    
565 N N3    . DC C 15 ? 4.58459 2.82812 3.83350 1.93011  0.30318  -0.34597 23 DC C N3    
566 C C4    . DC C 15 ? 4.42201 2.91361 3.88153 1.97347  0.30869  -0.28057 23 DC C C4    
567 N N4    . DC C 15 ? 4.18541 2.84758 3.66770 1.86533  0.46037  -0.29478 23 DC C N4    
568 C C5    . DC C 15 ? 4.46894 3.09104 4.15996 2.11151  0.13189  -0.17845 23 DC C C5    
569 C C6    . DC C 15 ? 4.70688 3.15017 4.38320 2.18610  -0.04240 -0.15551 23 DC C C6    
570 P P     . DA C 16 ? 6.01365 3.11093 5.18663 2.21541  -0.86568 -0.04229 24 DA C P     
571 O OP1   . DA C 16 ? 6.10471 3.31183 5.51056 2.32799  -0.95586 -0.03690 24 DA C OP1   
572 O OP2   . DA C 16 ? 6.05694 3.07912 5.21196 2.12977  -1.01991 0.08724  24 DA C OP2   
573 O "O5'" . DA C 16 ? 6.14969 2.86643 4.86339 2.08016  -0.75800 -0.15213 24 DA C "O5'" 
574 C "C5'" . DA C 16 ? 6.04977 2.67566 4.53849 1.95345  -0.63819 -0.17910 24 DA C "C5'" 
575 C "C4'" . DA C 16 ? 6.02340 2.55015 4.25350 1.86347  -0.47757 -0.29280 24 DA C "C4'" 
576 O "O4'" . DA C 16 ? 5.72105 2.51785 4.04278 1.84992  -0.27089 -0.33971 24 DA C "O4'" 
577 C "C3'" . DA C 16 ? 6.15278 2.37932 4.03474 1.69058  -0.49955 -0.29693 24 DA C "C3'" 
578 O "O3'" . DA C 16 ? 6.15977 2.33540 3.86271 1.63264  -0.41686 -0.37238 24 DA C "O3'" 
579 C "C2'" . DA C 16 ? 5.92639 2.27543 3.82673 1.61785  -0.37997 -0.28374 24 DA C "C2'" 
580 C "C1'" . DA C 16 ? 5.65805 2.34128 3.77115 1.69587  -0.20816 -0.33822 24 DA C "C1'" 
581 N N9    . DA C 16 ? 5.42847 2.33600 3.71737 1.70886  -0.12356 -0.30974 24 DA C N9    
582 C C8    . DA C 16 ? 5.40309 2.43028 3.91103 1.80496  -0.21236 -0.22955 24 DA C C8    
583 N N7    . DA C 16 ? 5.16308 2.41364 3.79922 1.79607  -0.09984 -0.21902 24 DA C N7    
584 C C5    . DA C 16 ? 5.02712 2.29345 3.52255 1.67452  0.06852  -0.29666 24 DA C C5    
585 C C6    . DA C 16 ? 4.75918 2.22269 3.30670 1.58887  0.22766  -0.31611 24 DA C C6    
586 N N6    . DA C 16 ? 4.59207 2.26130 3.32626 1.62561  0.26925  -0.27323 24 DA C N6    
587 N N1    . DA C 16 ? 4.65039 2.12224 3.08048 1.45926  0.32332  -0.36378 24 DA C N1    
588 C C2    . DA C 16 ? 4.79569 2.10301 3.06418 1.43149  0.27721  -0.39242 24 DA C C2    
589 N N3    . DA C 16 ? 5.06414 2.16263 3.24056 1.50527  0.15087  -0.39122 24 DA C N3    
590 C C4    . DA C 16 ? 5.17341 2.25277 3.47127 1.62209  0.04724  -0.34350 24 DA C C4    
591 O "O5'" . DG D 1  ? 2.91580 2.78636 1.70570 0.61776  0.90342  0.18855  1  DG D "O5'" 
592 C "C5'" . DG D 1  ? 2.99631 2.78750 1.76370 0.67228  0.92607  0.11332  1  DG D "C5'" 
593 C "C4'" . DG D 1  ? 3.07545 2.81064 1.66645 0.69277  0.85416  0.12377  1  DG D "C4'" 
594 O "O4'" . DG D 1  ? 3.14129 2.80449 1.76534 0.73656  0.86412  0.04527  1  DG D "O4'" 
595 C "C3'" . DG D 1  ? 3.13211 2.81696 1.60830 0.70012  0.75041  0.09898  1  DG D "C3'" 
596 O "O3'" . DG D 1  ? 3.08873 2.83062 1.49560 0.64993  0.71645  0.18001  1  DG D "O3'" 
597 C "C2'" . DG D 1  ? 3.23189 2.81747 1.62416 0.71978  0.66009  0.06219  1  DG D "C2'" 
598 C "C1'" . DG D 1  ? 3.22154 2.80464 1.75895 0.74332  0.72440  0.00543  1  DG D "C1'" 
599 N N9    . DG D 1  ? 3.24508 2.78058 1.95853 0.76099  0.65488  -0.13089 1  DG D N9    
600 C C8    . DG D 1  ? 3.19423 2.75990 2.14038 0.76125  0.72546  -0.21345 1  DG D C8    
601 N N7    . DG D 1  ? 3.23084 2.75315 2.31725 0.77977  0.63610  -0.34660 1  DG D N7    
602 C C5    . DG D 1  ? 3.35043 2.79821 2.26500 0.80199  0.49272  -0.34702 1  DG D C5    
603 C C6    . DG D 1  ? 3.44458 2.81381 2.38534 0.84209  0.34317  -0.46681 1  DG D C6    
604 O O6    . DG D 1  ? 3.41468 2.78449 2.56741 0.86282  0.30159  -0.60990 1  DG D O6    
605 N N1    . DG D 1  ? 3.62686 2.90386 2.31352 0.86351  0.23840  -0.41561 1  DG D N1    
606 C C2    . DG D 1  ? 3.70852 2.98020 2.16992 0.83814  0.28118  -0.27300 1  DG D C2    
607 N N2    . DG D 1  ? 3.86973 3.02535 2.10047 0.86148  0.18108  -0.24738 1  DG D N2    
608 N N3    . DG D 1  ? 3.56718 2.93363 2.02670 0.79785  0.41480  -0.17005 1  DG D N3    
609 C C4    . DG D 1  ? 3.39757 2.84462 2.07883 0.78670  0.51061  -0.21175 1  DG D C4    
610 P P     . DT D 2  ? 2.99064 2.79754 1.45523 0.62403  0.71333  0.18839  2  DT D P     
611 O OP1   . DT D 2  ? 2.85607 2.76712 1.45755 0.57267  0.74773  0.23503  2  DT D OP1   
612 O OP2   . DT D 2  ? 3.27411 3.03739 1.82150 0.65668  0.70373  0.09820  2  DT D OP2   
613 O "O5'" . DT D 2  ? 3.00739 2.79008 1.34500 0.58759  0.61568  0.21636  2  DT D "O5'" 
614 C "C5'" . DT D 2  ? 3.10167 2.79366 1.31555 0.62059  0.54771  0.17156  2  DT D "C5'" 
615 C "C4'" . DT D 2  ? 3.26173 2.82048 1.35803 0.63866  0.45601  0.13924  2  DT D "C4'" 
616 O "O4'" . DT D 2  ? 3.54493 3.07530 1.73471 0.67220  0.46809  0.08451  2  DT D "O4'" 
617 C "C3'" . DT D 2  ? 3.52101 2.97765 1.59736 0.64610  0.32741  0.06766  2  DT D "C3'" 
618 O "O3'" . DT D 2  ? 3.36626 2.78467 1.26903 0.61840  0.29641  0.12216  2  DT D "O3'" 
619 C "C2'" . DT D 2  ? 3.91700 3.25185 1.94963 0.69161  0.25385  0.00437  2  DT D "C2'" 
620 C "C1'" . DT D 2  ? 3.92239 3.32744 2.08555 0.70376  0.34642  -0.00036 2  DT D "C1'" 
621 N N1    . DT D 2  ? 4.09657 3.51839 2.48938 0.72539  0.33490  -0.11136 2  DT D N1    
622 C C2    . DT D 2  ? 4.25154 3.57538 2.66929 0.76911  0.22248  -0.21850 2  DT D C2    
623 O O2    . DT D 2  ? 4.38256 3.59032 2.61754 0.79772  0.13032  -0.21888 2  DT D O2    
624 N N3    . DT D 2  ? 4.13459 3.49395 2.79802 0.78308  0.22531  -0.33264 2  DT D N3    
625 C C4    . DT D 2  ? 3.94297 3.40427 2.81062 0.75529  0.33931  -0.34259 2  DT D C4    
626 O O4    . DT D 2  ? 3.83181 3.30582 2.92004 0.76693  0.34038  -0.45933 2  DT D O4    
627 C C5    . DT D 2  ? 3.84540 3.38606 2.64346 0.71822  0.45352  -0.21688 2  DT D C5    
628 C C7    . DT D 2  ? 3.59399 3.21942 2.56753 0.69957  0.58511  -0.21520 2  DT D C7    
629 C C6    . DT D 2  ? 3.90723 3.43413 2.48225 0.70666  0.43967  -0.11331 2  DT D C6    
630 P P     . DG D 3  ? 3.59356 3.01738 1.52236 0.59493  0.23908  0.10026  3  DG D P     
631 O OP1   . DG D 3  ? 3.38051 2.93215 1.33058 0.53845  0.31472  0.17930  3  DG D OP1   
632 O OP2   . DG D 3  ? 3.97354 3.43344 2.11595 0.61157  0.21333  0.01363  3  DG D OP2   
633 O "O5'" . DG D 3  ? 3.68520 2.92586 1.40634 0.61090  0.12843  0.08002  3  DG D "O5'" 
634 C "C5'" . DG D 3  ? 3.86390 2.96354 1.49216 0.66286  0.06233  0.03471  3  DG D "C5'" 
635 C "C4'" . DG D 3  ? 4.24554 3.28463 1.98040 0.70996  -0.05038 -0.08331 3  DG D "C4'" 
636 O "O4'" . DG D 3  ? 4.54082 3.67689 2.50664 0.72497  -0.01446 -0.14202 3  DG D "O4'" 
637 C "C3'" . DG D 3  ? 4.22804 3.30199 2.04023 0.68765  -0.09109 -0.11130 3  DG D "C3'" 
638 O "O3'" . DG D 3  ? 4.30226 3.22200 2.00863 0.73304  -0.22189 -0.18163 3  DG D "O3'" 
639 C "C2'" . DG D 3  ? 4.49667 3.70652 2.59446 0.68401  -0.05436 -0.17276 3  DG D "C2'" 
640 C "C1'" . DG D 3  ? 4.71219 3.88900 2.86483 0.72912  -0.06244 -0.23009 3  DG D "C1'" 
641 N N9    . DG D 3  ? 4.75894 4.05895 3.16166 0.72037  0.02333  -0.26701 3  DG D N9    
642 C C8    . DG D 3  ? 4.64841 4.07332 3.12982 0.68263  0.16173  -0.19216 3  DG D C8    
643 N N7    . DG D 3  ? 4.58478 4.07046 3.28137 0.68840  0.22296  -0.25236 3  DG D N7    
644 C C5    . DG D 3  ? 4.59805 4.01270 3.38739 0.72721  0.11475  -0.38284 3  DG D C5    
645 C C6    . DG D 3  ? 4.43215 3.87024 3.46843 0.74586  0.12278  -0.50780 3  DG D C6    
646 O O6    . DG D 3  ? 4.28670 3.79890 3.50223 0.72800  0.24247  -0.52059 3  DG D O6    
647 N N1    . DG D 3  ? 4.40393 3.75906 3.46608 0.79440  -0.02373 -0.63415 3  DG D N1    
648 C C2    . DG D 3  ? 4.53903 3.78096 3.38436 0.82804  -0.15783 -0.63009 3  DG D C2    
649 N N2    . DG D 3  ? 4.45183 3.61500 3.33757 0.88967  -0.29737 -0.76735 3  DG D N2    
650 N N3    . DG D 3  ? 4.71055 3.91165 3.31347 0.80680  -0.15262 -0.50702 3  DG D N3    
651 C C4    . DG D 3  ? 4.72411 4.02487 3.32647 0.75326  -0.01487 -0.39242 3  DG D C4    
652 P P     . DC D 4  ? 4.55614 3.46574 2.26967 0.71515  -0.28134 -0.20352 4  DC D P     
653 O OP1   . DC D 4  ? 4.34707 3.22645 1.86771 0.66647  -0.22988 -0.10013 4  DC D OP1   
654 O OP2   . DC D 4  ? 4.71490 3.78161 2.70561 0.69185  -0.25288 -0.24969 4  DC D OP2   
655 O "O5'" . DC D 4  ? 4.68430 3.41135 2.29992 0.79627  -0.43904 -0.31130 4  DC D "O5'" 
656 C "C5'" . DC D 4  ? 4.73955 3.48092 2.49238 0.81554  -0.52673 -0.40736 4  DC D "C5'" 
657 C "C4'" . DC D 4  ? 4.91682 3.71866 2.91547 0.85969  -0.57013 -0.53503 4  DC D "C4'" 
658 O "O4'" . DC D 4  ? 5.02673 3.97349 3.19687 0.82098  -0.44424 -0.50002 4  DC D "O4'" 
659 C "C3'" . DC D 4  ? 4.85665 3.73515 3.08287 0.85708  -0.62088 -0.63401 4  DC D "C3'" 
660 O "O3'" . DC D 4  ? 4.78994 3.52630 2.91963 0.93079  -0.77722 -0.73339 4  DC D "O3'" 
661 C "C2'" . DC D 4  ? 4.85974 3.86454 3.38384 0.85728  -0.56858 -0.71648 4  DC D "C2'" 
662 C "C1'" . DC D 4  ? 4.99409 4.01830 3.44256 0.84150  -0.46350 -0.62494 4  DC D "C1'" 
663 N N1    . DC D 4  ? 4.98976 4.17679 3.64014 0.78334  -0.30966 -0.57901 4  DC D N1    
664 C C2    . DC D 4  ? 4.82517 4.08768 3.75074 0.79230  -0.27735 -0.68483 4  DC D C2    
665 O O2    . DC D 4  ? 4.69008 3.90408 3.71319 0.84590  -0.38424 -0.82510 4  DC D O2    
666 N N3    . DC D 4  ? 4.77443 4.15466 3.84883 0.74620  -0.12550 -0.63629 4  DC D N3    
667 C C4    . DC D 4  ? 4.88953 4.32262 3.84911 0.70178  -0.02450 -0.49515 4  DC D C4    
668 N N4    . DC D 4  ? 4.80279 4.33514 3.89014 0.67226  0.11981  -0.45364 4  DC D N4    
669 C C5    . DC D 4  ? 5.03468 4.41443 3.74134 0.68998  -0.06317 -0.39749 4  DC D C5    
670 C C6    . DC D 4  ? 5.06531 4.31783 3.62588 0.72729  -0.19828 -0.44120 4  DC D C6    
671 P P     . DA D 5  ? 4.94678 3.68291 3.11781 0.92229  -0.84832 -0.77572 5  DA D P     
672 O OP1   . DA D 5  ? 4.99681 3.52037 2.87089 0.98975  -0.97212 -0.78769 5  DA D OP1   
673 O OP2   . DA D 5  ? 4.91499 3.79373 3.17235 0.82643  -0.72157 -0.67019 5  DA D OP2   
674 O "O5'" . DA D 5  ? 4.86495 3.68239 3.34844 0.95954  -0.91605 -0.94858 5  DA D "O5'" 
675 C "C5'" . DA D 5  ? 4.88981 3.67549 3.44681 1.03053  -0.97665 -1.06205 5  DA D "C5'" 
676 C "C4'" . DA D 5  ? 4.74268 3.67972 3.68060 1.01704  -0.95078 -1.19244 5  DA D "C4'" 
677 O "O4'" . DA D 5  ? 4.71802 3.79139 3.80247 0.93917  -0.77323 -1.10796 5  DA D "O4'" 
678 C "C3'" . DA D 5  ? 4.62693 3.63520 3.74438 0.99020  -0.98236 -1.25309 5  DA D "C3'" 
679 O "O3'" . DA D 5  ? 4.48593 3.61117 3.92785 0.99897  -1.02125 -1.36744 5  DA D "O3'" 
680 C "C2'" . DA D 5  ? 4.56661 3.71105 3.80409 0.89012  -0.80881 -1.14506 5  DA D "C2'" 
681 C "C1'" . DA D 5  ? 4.58784 3.78742 3.91730 0.88032  -0.70159 -1.13051 5  DA D "C1'" 
682 N N9    . DA D 5  ? 4.67555 3.96896 4.00851 0.80350  -0.52802 -0.98446 5  DA D N9    
683 C C8    . DA D 5  ? 4.86618 4.14794 3.97303 0.76450  -0.47263 -0.82352 5  DA D C8    
684 N N7    . DA D 5  ? 4.93097 4.31551 4.10016 0.71049  -0.32003 -0.72933 5  DA D N7    
685 C C5    . DA D 5  ? 4.73724 4.18938 4.17846 0.71163  -0.26157 -0.82734 5  DA D C5    
686 C C6    . DA D 5  ? 4.66790 4.21443 4.27317 0.67495  -0.09990 -0.79763 5  DA D C6    
687 N N6    . DA D 5  ? 4.80077 4.40093 4.30979 0.63733  0.02243  -0.65594 5  DA D N6    
688 N N1    . DA D 5  ? 4.43287 4.00975 4.30295 0.68359  -0.06587 -0.92677 5  DA D N1    
689 C C2    . DA D 5  ? 4.31270 3.84849 4.29330 0.72761  -0.19657 -1.08401 5  DA D C2    
690 N N3    . DA D 5  ? 4.37002 3.82235 4.21042 0.77506  -0.36649 -1.12994 5  DA D N3    
691 C C4    . DA D 5  ? 4.57704 3.98161 4.13661 0.76358  -0.38592 -0.98920 5  DA D C4    
692 P P     . DC D 6  ? 4.64422 3.76901 4.12962 1.05326  -1.17405 -1.41802 6  DC D P     
693 O OP1   . DC D 6  ? 4.69143 3.87473 4.33958 1.10126  -1.22926 -1.50684 6  DC D OP1   
694 O OP2   . DC D 6  ? 4.79331 3.75737 3.94054 1.09036  -1.24142 -1.32079 6  DC D OP2   
695 O "O5'" . DC D 6  ? 4.49868 3.75489 4.25426 0.99687  -1.14746 -1.47199 6  DC D "O5'" 
696 C "C5'" . DC D 6  ? 4.35625 3.65201 4.16263 0.92164  -1.02210 -1.43778 6  DC D "C5'" 
697 C "C4'" . DC D 6  ? 4.21616 3.64052 4.33572 0.87196  -0.89640 -1.50287 6  DC D "C4'" 
698 O "O4'" . DC D 6  ? 4.26233 3.65424 4.28797 0.85176  -0.76252 -1.44033 6  DC D "O4'" 
699 C "C3'" . DC D 6  ? 4.08158 3.62232 4.47280 0.81017  -0.83547 -1.54670 6  DC D "C3'" 
700 O "O3'" . DC D 6  ? 4.03933 3.69966 4.74081 0.78966  -0.80638 -1.64131 6  DC D "O3'" 
701 C "C2'" . DC D 6  ? 4.05754 3.59168 4.41753 0.76342  -0.67908 -1.48035 6  DC D "C2'" 
702 C "C1'" . DC D 6  ? 4.14515 3.63091 4.38943 0.79072  -0.61942 -1.44740 6  DC D "C1'" 
703 N N1    . DC D 6  ? 4.21425 3.72123 4.27981 0.73435  -0.48701 -1.24709 6  DC D N1    
704 C C2    . DC D 6  ? 4.18408 3.77140 4.38066 0.68528  -0.30521 -1.19112 6  DC D C2    
705 O O2    . DC D 6  ? 4.02618 3.65621 4.48758 0.68223  -0.24307 -1.30635 6  DC D O2    
706 N N3    . DC D 6  ? 4.36059 3.97131 4.38703 0.64636  -0.19908 -1.01767 6  DC D N3    
707 C C4    . DC D 6  ? 4.55376 4.12081 4.31660 0.64533  -0.26140 -0.90920 6  DC D C4    
708 N N4    . DC D 6  ? 4.74666 4.35268 4.37006 0.60856  -0.15650 -0.75581 6  DC D N4    
709 C C5    . DC D 6  ? 4.57666 4.05107 4.20350 0.68650  -0.43095 -0.95970 6  DC D C5    
710 C C6    . DC D 6  ? 4.40981 3.85306 4.18335 0.73441  -0.54117 -1.12505 6  DC D C6    
711 P P     . DG D 7  ? 4.06081 3.84300 5.03769 0.75737  -0.82900 -1.71808 7  DG D P     
712 O OP1   . DG D 7  ? 4.14855 3.99213 5.24083 0.81226  -0.95563 -1.81028 7  DG D OP1   
713 O OP2   . DG D 7  ? 4.03557 3.77699 4.88980 0.74744  -0.85664 -1.66250 7  DG D OP2   
714 O "O5'" . DG D 7  ? 3.93597 3.80419 5.17329 0.67378  -0.64106 -1.73647 7  DG D "O5'" 
715 C "C5'" . DG D 7  ? 3.86821 3.68410 5.01476 0.63992  -0.49094 -1.65118 7  DG D "C5'" 
716 C "C4'" . DG D 7  ? 3.78231 3.66917 5.17221 0.56858  -0.31165 -1.66165 7  DG D "C4'" 
717 O "O4'" . DG D 7  ? 3.73180 3.56514 5.00450 0.55631  -0.16006 -1.56356 7  DG D "O4'" 
718 C "C3'" . DG D 7  ? 3.71596 3.66888 5.28299 0.51576  -0.27558 -1.68408 7  DG D "C3'" 
719 O "O3'" . DG D 7  ? 3.67939 3.68930 5.47179 0.45270  -0.12383 -1.70549 7  DG D "O3'" 
720 C "C2'" . DG D 7  ? 3.66433 3.55057 5.04640 0.51470  -0.22261 -1.58598 7  DG D "C2'" 
721 C "C1'" . DG D 7  ? 3.68260 3.51388 4.93042 0.53151  -0.10994 -1.51305 7  DG D "C1'" 
722 N N9    . DG D 7  ? 3.81273 3.57217 4.78696 0.57976  -0.15205 -1.44144 7  DG D N9    
723 C C8    . DG D 7  ? 3.91555 3.61685 4.67479 0.62400  -0.32549 -1.43273 7  DG D C8    
724 N N7    . DG D 7  ? 4.03439 3.71656 4.52152 0.60982  -0.30793 -1.26055 7  DG D N7    
725 C C5    . DG D 7  ? 4.05268 3.78843 4.58098 0.56565  -0.12404 -1.16267 7  DG D C5    
726 C C6    . DG D 7  ? 4.25446 4.00855 4.57880 0.54028  -0.03243 -0.98368 7  DG D C6    
727 O O6    . DG D 7  ? 4.47018 4.20199 4.54759 0.54196  -0.08996 -0.87602 7  DG D O6    
728 N N1    . DG D 7  ? 4.18743 3.98490 4.61937 0.51434  0.14782  -0.94119 7  DG D N1    
729 C C2    . DG D 7  ? 3.95228 3.75998 4.65327 0.50597  0.24358  -1.05351 7  DG D C2    
730 N N2    . DG D 7  ? 3.90086 3.72297 4.64046 0.48720  0.42770  -0.98634 7  DG D N2    
731 N N3    . DG D 7  ? 3.80898 3.60746 4.72559 0.51917  0.16743  -1.22729 7  DG D N3    
732 C C4    . DG D 7  ? 3.86891 3.63803 4.68516 0.55199  -0.02303 -1.27397 7  DG D C4    
733 P P     . DT D 8  ? 3.56382 3.62309 5.53213 0.38435  -0.02450 -1.70607 8  DT D P     
734 O OP1   . DT D 8  ? 3.57591 3.70409 5.79756 0.32923  0.07086  -1.76964 8  DT D OP1   
735 O OP2   . DT D 8  ? 3.55160 3.64123 5.51328 0.40265  -0.16384 -1.73764 8  DT D OP2   
736 O "O5'" . DT D 8  ? 3.51559 3.49479 5.32492 0.37071  0.13207  -1.57828 8  DT D "O5'" 
737 C "C5'" . DT D 8  ? 3.46480 3.44933 5.33010 0.32624  0.22314  -1.53980 8  DT D "C5'" 
738 C "C4'" . DT D 8  ? 3.44635 3.36947 5.19283 0.31763  0.40430  -1.41894 8  DT D "C4'" 
739 O "O4'" . DT D 8  ? 3.44913 3.32816 4.96135 0.37807  0.37575  -1.35081 8  DT D "O4'" 
740 C "C3'" . DT D 8  ? 3.40495 3.31755 5.15413 0.28579  0.49357  -1.35904 8  DT D "C3'" 
741 O "O3'" . DT D 8  ? 3.42678 3.29313 5.12914 0.26577  0.67675  -1.26342 8  DT D "O3'" 
742 C "C2'" . DT D 8  ? 3.39336 3.28770 4.94819 0.33682  0.41195  -1.31216 8  DT D "C2'" 
743 C "C1'" . DT D 8  ? 3.47994 3.34548 4.87777 0.38588  0.41763  -1.27243 8  DT D "C1'" 
744 N N1    . DT D 8  ? 3.57323 3.42769 4.78107 0.43746  0.27594  -1.26161 8  DT D N1    
745 C C2    . DT D 8  ? 3.68853 3.55078 4.63823 0.43442  0.31546  -1.08060 8  DT D C2    
746 O O2    . DT D 8  ? 3.69745 3.56369 4.61326 0.42361  0.47295  -0.98745 8  DT D O2    
747 N N3    . DT D 8  ? 3.88549 3.74333 4.61277 0.44960  0.16623  -1.01860 8  DT D N3    
748 C C4    . DT D 8  ? 3.87343 3.70167 4.58421 0.47514  -0.01450 -1.11050 8  DT D C4    
749 O O4    . DT D 8  ? 4.04578 3.84690 4.52963 0.48922  -0.12519 -1.04209 8  DT D O4    
750 C C5    . DT D 8  ? 3.69063 3.51415 4.66743 0.48879  -0.06009 -1.30031 8  DT D C5    
751 C C7    . DT D 8  ? 3.70455 3.49101 4.67206 0.53377  -0.26263 -1.42086 8  DT D C7    
752 C C6    . DT D 8  ? 3.58280 3.43007 4.80223 0.46273  0.08534  -1.36382 8  DT D C6    
753 P P     . DG D 9  ? 3.23961 3.08855 5.05736 0.20237  0.80269  -1.24297 9  DG D P     
754 O OP1   . DG D 9  ? 3.31511 3.12986 5.20238 0.16523  0.92835  -1.23450 9  DG D OP1   
755 O OP2   . DG D 9  ? 3.20736 3.11778 5.19473 0.17281  0.69894  -1.34114 9  DG D OP2   
756 O "O5'" . DG D 9  ? 3.21482 3.01646 4.82555 0.23084  0.88479  -1.10755 9  DG D "O5'" 
757 C "C5'" . DG D 9  ? 3.14468 2.97343 4.66963 0.26498  0.79071  -1.09889 9  DG D "C5'" 
758 C "C4'" . DG D 9  ? 3.20898 3.01967 4.50136 0.31339  0.86176  -0.96652 9  DG D "C4'" 
759 O "O4'" . DG D 9  ? 3.27355 3.11622 4.46219 0.36309  0.75886  -0.98204 9  DG D "O4'" 
760 C "C3'" . DG D 9  ? 3.20715 3.01813 4.43460 0.31456  0.89408  -0.90147 9  DG D "C3'" 
761 O "O3'" . DG D 9  ? 3.23762 3.02151 4.27742 0.34053  1.01349  -0.76125 9  DG D "O3'" 
762 C "C2'" . DG D 9  ? 3.24339 3.10572 4.42805 0.34738  0.75722  -0.94337 9  DG D "C2'" 
763 C "C1'" . DG D 9  ? 3.32217 3.19934 4.37410 0.36966  0.68486  -0.91327 9  DG D "C1'" 
764 N N9    . DG D 9  ? 3.40798 3.31163 4.41805 0.37127  0.47899  -0.96290 9  DG D N9    
765 C C8    . DG D 9  ? 3.30561 3.20212 4.49838 0.37109  0.36910  -1.12363 9  DG D C8    
766 N N7    . DG D 9  ? 3.37784 3.27928 4.44680 0.38681  0.18959  -1.12962 9  DG D N7    
767 C C5    . DG D 9  ? 3.61311 3.52928 4.41542 0.38726  0.18936  -0.96349 9  DG D C5    
768 C C6    . DG D 9  ? 3.80875 3.72086 4.38253 0.39708  0.05120  -0.89576 9  DG D C6    
769 O O6    . DG D 9  ? 3.79625 3.67467 4.33212 0.41518  -0.10417 -0.96351 9  DG D O6    
770 N N1    . DG D 9  ? 4.06887 4.01105 4.43929 0.38925  0.11236  -0.73881 9  DG D N1    
771 C C2    . DG D 9  ? 4.09111 4.06262 4.46276 0.38508  0.27416  -0.65726 9  DG D C2    
772 N N2    . DG D 9  ? 4.32755 4.33720 4.49560 0.38673  0.30013  -0.52193 9  DG D N2    
773 N N3    . DG D 9  ? 3.85672 3.81276 4.41272 0.38399  0.40567  -0.71112 9  DG D N3    
774 C C4    . DG D 9  ? 3.63369 3.56238 4.40517 0.37955  0.35946  -0.86428 9  DG D C4    
775 P P     . DC D 10 ? 3.17852 2.93636 4.14917 0.33618  1.08240  -0.67836 10 DC D P     
776 O OP1   . DC D 10 ? 3.18596 2.88100 4.02045 0.34674  1.19658  -0.57062 10 DC D OP1   
777 O OP2   . DC D 10 ? 3.12702 2.87622 4.29443 0.28532  1.04691  -0.77367 10 DC D OP2   
778 O "O5'" . DC D 10 ? 3.21854 3.04465 4.03875 0.38266  1.03176  -0.61998 10 DC D "O5'" 
779 C "C5'" . DC D 10 ? 3.30606 3.17123 3.93377 0.42304  1.02733  -0.53347 10 DC D "C5'" 
780 C "C4'" . DC D 10 ? 3.51743 3.46513 3.98055 0.41938  0.88815  -0.45378 10 DC D "C4'" 
781 O "O4'" . DC D 10 ? 3.69988 3.68262 4.18473 0.39123  0.71125  -0.51356 10 DC D "O4'" 
782 C "C3'" . DC D 10 ? 3.48607 3.44156 3.97499 0.41074  0.88977  -0.44307 10 DC D "C3'" 
783 O "O3'" . DC D 10 ? 3.54414 3.55223 3.82460 0.44119  0.89355  -0.31750 10 DC D "O3'" 
784 C "C2'" . DC D 10 ? 3.61079 3.60090 4.19304 0.36833  0.71529  -0.52659 10 DC D "C2'" 
785 C "C1'" . DC D 10 ? 3.80532 3.82462 4.27968 0.36928  0.60262  -0.51488 10 DC D "C1'" 
786 N N1    . DC D 10 ? 3.79803 3.80901 4.37790 0.34663  0.45287  -0.62905 10 DC D N1    
787 C C2    . DC D 10 ? 4.01786 4.05285 4.44753 0.34244  0.29790  -0.60134 10 DC D C2    
788 O O2    . DC D 10 ? 4.24883 4.32250 4.48298 0.34739  0.29300  -0.48699 10 DC D O2    
789 N N3    . DC D 10 ? 3.92796 3.93559 4.42852 0.33769  0.16041  -0.70783 10 DC D N3    
790 C C4    . DC D 10 ? 3.64718 3.62716 4.38055 0.33516  0.16597  -0.84598 10 DC D C4    
791 N N4    . DC D 10 ? 3.55358 3.51031 4.34508 0.34345  0.01653  -0.95806 10 DC D N4    
792 C C5    . DC D 10 ? 3.46505 3.43152 4.37968 0.32846  0.32959  -0.88254 10 DC D C5    
793 C C6    . DC D 10 ? 3.53111 3.50294 4.34939 0.33539  0.47197  -0.76674 10 DC D C6    
794 P P     . DT D 11 ? 3.12837 3.16905 3.38074 0.43875  0.86625  -0.28297 11 DT D P     
795 O OP1   . DT D 11 ? 2.97311 3.04730 3.02969 0.49304  0.93119  -0.16629 11 DT D OP1   
796 O OP2   . DT D 11 ? 2.99252 2.96145 3.44271 0.41926  0.93120  -0.37146 11 DT D OP2   
797 O "O5'" . DT D 11 ? 3.42652 3.54321 3.64587 0.39654  0.67068  -0.29584 11 DT D "O5'" 
798 C "C5'" . DT D 11 ? 3.59086 3.76500 3.64794 0.39863  0.59029  -0.23601 11 DT D "C5'" 
799 C "C4'" . DT D 11 ? 3.76706 4.00986 3.73055 0.37516  0.46820  -0.19953 11 DT D "C4'" 
800 O "O4'" . DT D 11 ? 3.98850 4.20977 4.00576 0.33612  0.32968  -0.27426 11 DT D "O4'" 
801 C "C3'" . DT D 11 ? 3.67800 3.93960 3.67446 0.37695  0.49185  -0.18504 11 DT D "C3'" 
802 O "O3'" . DT D 11 ? 3.63067 3.97669 3.48425 0.37788  0.43637  -0.11098 11 DT D "O3'" 
803 C "C2'" . DT D 11 ? 3.79782 4.02193 3.95332 0.33471  0.40597  -0.28564 11 DT D "C2'" 
804 C "C1'" . DT D 11 ? 3.97590 4.19637 4.08499 0.31233  0.27686  -0.31822 11 DT D "C1'" 
805 N N1    . DT D 11 ? 3.82878 3.98930 4.10697 0.29492  0.21657  -0.44283 11 DT D N1    
806 C C2    . DT D 11 ? 3.86290 4.00499 4.10327 0.27998  0.06647  -0.49037 11 DT D C2    
807 O O2    . DT D 11 ? 4.02247 4.18319 4.09113 0.27339  -0.00964 -0.42983 11 DT D O2    
808 N N3    . DT D 11 ? 3.62330 3.71608 4.03329 0.27747  0.01283  -0.61928 11 DT D N3    
809 C C4    . DT D 11 ? 3.37799 3.44672 4.00844 0.27791  0.10079  -0.70845 11 DT D C4    
810 O O4    . DT D 11 ? 3.15079 3.18833 3.94466 0.27618  0.04052  -0.83839 11 DT D O4    
811 C C5    . DT D 11 ? 3.36608 3.44135 4.01892 0.28575  0.27232  -0.64578 11 DT D C5    
812 C C7    . DT D 11 ? 3.08136 3.10889 3.95728 0.28370  0.40020  -0.73345 11 DT D C7    
813 C C6    . DT D 11 ? 3.57513 3.69181 4.04255 0.29918  0.31644  -0.51578 11 DT D C6    
814 P P     . DG D 12 ? 3.03150 3.42043 2.83076 0.41836  0.51180  -0.04814 12 DG D P     
815 O OP1   . DG D 12 ? 2.63117 3.08761 2.27048 0.46219  0.54912  0.03117  12 DG D OP1   
816 O OP2   . DG D 12 ? 2.99470 3.29802 2.91683 0.43798  0.62149  -0.08635 12 DG D OP2   
817 O "O5'" . DG D 12 ? 3.11604 3.56033 2.91529 0.37732  0.39451  -0.05335 12 DG D "O5'" 
818 C "C5'" . DG D 12 ? 3.50259 3.90241 3.42016 0.32834  0.30701  -0.13088 12 DG D "C5'" 
819 C "C4'" . DG D 12 ? 3.59262 4.01735 3.42957 0.28814  0.17221  -0.13412 12 DG D "C4'" 
820 O "O4'" . DG D 12 ? 3.85216 4.20181 3.76082 0.26958  0.11426  -0.21205 12 DG D "O4'" 
821 C "C3'" . DG D 12 ? 3.50258 3.95589 3.33886 0.25455  0.08059  -0.14092 12 DG D "C3'" 
822 O "O3'" . DG D 12 ? 3.09718 3.58764 2.79765 0.23050  0.00139  -0.10587 12 DG D "O3'" 
823 C "C2'" . DG D 12 ? 3.73163 4.10701 3.70936 0.22982  0.01608  -0.23944 12 DG D "C2'" 
824 C "C1'" . DG D 12 ? 3.81581 4.13444 3.80563 0.23870  0.01467  -0.28035 12 DG D "C1'" 
825 N N9    . DG D 12 ? 3.73236 3.98910 3.91112 0.24161  0.04272  -0.37730 12 DG D N9    
826 C C8    . DG D 12 ? 3.60682 3.84514 3.90712 0.25996  0.17380  -0.39162 12 DG D C8    
827 N N7    . DG D 12 ? 3.38361 3.56604 3.86729 0.25118  0.17789  -0.49990 12 DG D N7    
828 C C5    . DG D 12 ? 3.35539 3.52330 3.83202 0.23450  0.02727  -0.56242 12 DG D C5    
829 C C6    . DG D 12 ? 3.09771 3.21870 3.73357 0.22897  -0.04731 -0.69642 12 DG D C6    
830 O O6    . DG D 12 ? 2.88165 2.97436 3.72537 0.22776  0.01304  -0.79410 12 DG D O6    
831 N N1    . DG D 12 ? 3.05950 3.16102 3.59202 0.22887  -0.20467 -0.72067 12 DG D N1    
832 C C2    . DG D 12 ? 3.17887 3.29467 3.48660 0.22476  -0.26610 -0.62506 12 DG D C2    
833 N N2    . DG D 12 ? 3.00320 3.06564 3.21621 0.23044  -0.40720 -0.66460 12 DG D N2    
834 N N3    . DG D 12 ? 3.39989 3.57233 3.58294 0.21983  -0.19130 -0.50623 12 DG D N3    
835 C C4    . DG D 12 ? 3.55310 3.75366 3.82956 0.22924  -0.05289 -0.48283 12 DG D C4    
836 P P     . DT D 13 ? 2.83844 3.36661 2.50433 0.19493  -0.08300 -0.09803 13 DT D P     
837 O OP1   . DT D 13 ? 2.38164 2.95442 1.89730 0.17556  -0.11758 -0.05044 13 DT D OP1   
838 O OP2   . DT D 13 ? 2.88629 3.46067 2.62572 0.21386  -0.02611 -0.08370 13 DT D OP2   
839 O "O5'" . DT D 13 ? 2.95641 3.38975 2.68729 0.16598  -0.18919 -0.18094 13 DT D "O5'" 
840 C "C5'" . DT D 13 ? 2.89917 3.25752 2.55792 0.15905  -0.25824 -0.21080 13 DT D "C5'" 
841 C "C4'" . DT D 13 ? 2.82687 3.09863 2.55664 0.14942  -0.36294 -0.30175 13 DT D "C4'" 
842 O "O4'" . DT D 13 ? 3.06962 3.31335 2.97449 0.16959  -0.32567 -0.37532 13 DT D "O4'" 
843 C "C3'" . DT D 13 ? 2.64139 2.93070 2.40899 0.12548  -0.41544 -0.31365 13 DT D "C3'" 
844 O "O3'" . DT D 13 ? 2.33386 2.58148 1.94959 0.10299  -0.50855 -0.29999 13 DT D "O3'" 
845 C "C2'" . DT D 13 ? 2.74307 2.97999 2.69133 0.13353  -0.45236 -0.41949 13 DT D "C2'" 
846 C "C1'" . DT D 13 ? 2.90395 3.10337 2.91459 0.16078  -0.41114 -0.46311 13 DT D "C1'" 
847 N N1    . DT D 13 ? 3.03849 3.24054 3.26339 0.17025  -0.33711 -0.52949 13 DT D N1    
848 C C2    . DT D 13 ? 2.84072 2.98718 3.21301 0.17637  -0.40227 -0.65350 13 DT D C2    
849 O O2    . DT D 13 ? 2.65615 2.74722 2.97468 0.18412  -0.52919 -0.70988 13 DT D O2    
850 N N3    . DT D 13 ? 2.85108 3.00107 3.43409 0.17824  -0.31031 -0.71681 13 DT D N3    
851 C C4    . DT D 13 ? 3.05581 3.23737 3.68751 0.18016  -0.15770 -0.65992 13 DT D C4    
852 O O4    . DT D 13 ? 2.94161 3.10119 3.75736 0.18091  -0.06794 -0.72477 13 DT D O4    
853 C C5    . DT D 13 ? 3.34282 3.57713 3.79129 0.18594  -0.10784 -0.52655 13 DT D C5    
854 C C7    . DT D 13 ? 3.49918 3.75765 3.95613 0.20641  0.04707  -0.45940 13 DT D C7    
855 C C6    . DT D 13 ? 3.30265 3.55483 3.57242 0.17781  -0.20057 -0.47306 13 DT D C6    
# 
